data_8T10
#
_entry.id   8T10
#
_cell.length_a   1.00
_cell.length_b   1.00
_cell.length_c   1.00
_cell.angle_alpha   90.00
_cell.angle_beta   90.00
_cell.angle_gamma   90.00
#
_symmetry.space_group_name_H-M   'P 1'
#
loop_
_entity.id
_entity.type
_entity.pdbx_description
1 polymer 'Transient receptor potential cation channel subfamily V member 1'
2 non-polymer '(2R)-3-{[(R)-hydroxy{[(1S,2R,3R,4S,5S,6R)-2,3,4,5,6-pentahydroxycyclohexyl]oxy}phosphoryl]oxy}propane-1,2-diyl dioctadecanoate'
3 non-polymer 'SODIUM ION'
4 non-polymer '(2R)-2-hydroxy-3-(phosphonooxy)propyl tetradecanoate'
#
_entity_poly.entity_id   1
_entity_poly.type   'polypeptide(L)'
_entity_poly.pdbx_seq_one_letter_code
;MEQRASLDSEESESPPQENSCLDPPDRDPNCKPPPVKPHIFTTRSRTRLFGKGDSEEASPLDCPYEEGGLASCPIITVSS
VLTIQRPGDGPASVRPSSQDSVSAGEKPPRLYDRRSIFDAVAQSNCQELESLLPFLQRSKKRLTDSEFKDPETGKTCLLK
AMLNLHNGQNDTIALLLDVARKTDSLKQFVNASYTDSYYKGQTALHIAIERRNMTLVTLLVENGADVQAAANGDFFKKTK
GRPGFYFGELPLSLAACTNQLAIVKFLLQNSWQPADISARDSVGNTVLHALVEVADNTVDNTKFVTSMYNEILILGAKLH
PTLKLEEITNRKGLTPLALAASSGKIGVLAYILQREIHEPECRHLSRKFTEWAYGPVHSSLYDLSCIDTCEKNSVLEVIA
YSSSETPNRHDMLLVEPLNRLLQDKWDRFVKRIFYFNFFVYCLYMIIFTAAAYYRPVEGLPPYKLKNTVGDYFRVTGEIL
SVSGGVYFFFRGIQYFLQRRPSLKSLFVDSYSEILFFVQSLFMLVSVVLYFSQRKEYVASMVFSLAMGWTNMLYYTRGFQ
QMGIYAVMIEKMILRDLCRFMFVYLVFLFGFSTAVVTLIEDGKYNSLYSTCLELFKFTIGMGDLEFTENYDFKAVFIILL
LAYVILTYILLLNMLIALMGETVNKIAQESKNIWKLQRAITILDTEKSFLKCMRKAFRSGKLLQVGFTPDGKDDYRWCFR
VDEVNWTTWNTNVGIINEDPGNCEGVKRTLSFSLRSGRVSGRNWKNFALVPLLRDASTRDRHATQQEEVQLKHYTGSLKP
EDAEVFKDSMVPGEK
;
_entity_poly.pdbx_strand_id   B,A,D,C
#
loop_
_chem_comp.id
_chem_comp.type
_chem_comp.name
_chem_comp.formula
8IJ non-polymer '(2R)-3-{[(R)-hydroxy{[(1S,2R,3R,4S,5S,6R)-2,3,4,5,6-pentahydroxycyclohexyl]oxy}phosphoryl]oxy}propane-1,2-diyl dioctadecanoate' 'C45 H87 O13 P'
NA non-polymer 'SODIUM ION' 'Na 1'
NKN non-polymer '(2R)-2-hydroxy-3-(phosphonooxy)propyl tetradecanoate' 'C17 H35 O7 P'
#
# COMPACT_ATOMS: atom_id res chain seq x y z
N ILE A 387 42.20 2.41 28.92
CA ILE A 387 41.08 2.90 28.05
C ILE A 387 40.76 1.81 27.02
N ASP A 388 41.76 1.31 26.28
CA ASP A 388 41.57 0.27 25.28
C ASP A 388 42.34 -1.01 25.61
N THR A 389 43.54 -0.90 26.15
CA THR A 389 44.36 -2.05 26.57
C THR A 389 44.94 -1.73 27.93
N CYS A 390 44.18 -2.06 28.98
CA CYS A 390 44.63 -1.87 30.36
C CYS A 390 44.71 -3.18 31.12
N GLU A 391 43.99 -4.20 30.68
CA GLU A 391 44.06 -5.55 31.26
C GLU A 391 43.39 -5.59 32.63
N LYS A 392 42.83 -4.48 33.08
CA LYS A 392 42.05 -4.44 34.31
C LYS A 392 40.60 -4.10 34.06
N ASN A 393 40.32 -2.97 33.41
CA ASN A 393 38.97 -2.62 33.00
C ASN A 393 39.02 -1.50 31.97
N SER A 394 38.48 -1.74 30.78
CA SER A 394 38.56 -0.81 29.67
C SER A 394 37.22 -0.14 29.46
N VAL A 395 37.22 1.20 29.40
CA VAL A 395 35.97 1.99 29.18
C VAL A 395 35.27 1.45 27.92
N LEU A 396 36.03 1.14 26.86
CA LEU A 396 35.47 0.59 25.61
C LEU A 396 34.64 -0.64 25.96
N GLU A 397 35.15 -1.54 26.81
CA GLU A 397 34.44 -2.74 27.22
C GLU A 397 33.31 -2.40 28.18
N VAL A 398 33.52 -1.44 29.08
CA VAL A 398 32.50 -1.09 30.06
C VAL A 398 31.22 -0.63 29.36
N ILE A 399 31.38 0.29 28.38
CA ILE A 399 30.23 0.85 27.64
C ILE A 399 29.67 -0.21 26.70
N ALA A 400 30.51 -1.09 26.15
CA ALA A 400 30.04 -2.10 25.21
C ALA A 400 29.28 -3.21 25.92
N TYR A 401 29.95 -3.93 26.82
CA TYR A 401 29.36 -5.10 27.47
C TYR A 401 28.37 -4.72 28.57
N SER A 402 28.01 -3.45 28.69
CA SER A 402 26.99 -3.05 29.64
C SER A 402 25.64 -3.62 29.22
N SER A 403 24.86 -4.01 30.24
CA SER A 403 23.51 -4.59 30.04
C SER A 403 22.56 -3.47 29.60
N SER A 404 21.32 -3.81 29.25
CA SER A 404 20.31 -2.83 28.87
C SER A 404 19.97 -1.89 30.01
N GLU A 405 20.43 -2.19 31.22
CA GLU A 405 20.14 -1.32 32.36
C GLU A 405 20.68 0.09 32.16
N THR A 406 21.88 0.21 31.61
CA THR A 406 22.54 1.50 31.50
C THR A 406 21.70 2.44 30.63
N PRO A 407 21.32 3.63 31.13
CA PRO A 407 20.49 4.53 30.31
C PRO A 407 21.15 4.99 29.02
N ASN A 408 22.48 5.15 29.00
CA ASN A 408 23.18 5.81 27.89
C ASN A 408 24.28 4.91 27.33
N ARG A 409 23.93 3.65 27.04
CA ARG A 409 24.89 2.77 26.40
C ARG A 409 25.09 3.11 24.92
N HIS A 410 24.06 3.63 24.26
CA HIS A 410 24.16 3.95 22.84
C HIS A 410 24.75 5.35 22.60
N ASP A 411 24.27 6.34 23.36
CA ASP A 411 24.61 7.73 23.07
C ASP A 411 26.00 8.10 23.54
N MET A 412 26.48 7.55 24.66
CA MET A 412 27.78 7.93 25.26
C MET A 412 28.94 7.64 24.30
N LEU A 413 28.78 6.73 23.35
CA LEU A 413 29.88 6.29 22.45
C LEU A 413 30.16 7.33 21.35
N LEU A 414 29.37 8.41 21.24
CA LEU A 414 29.52 9.37 20.16
C LEU A 414 30.50 10.49 20.48
N VAL A 415 31.04 10.50 21.69
CA VAL A 415 32.03 11.53 22.14
C VAL A 415 33.21 11.50 21.17
N GLU A 416 33.97 12.60 21.07
CA GLU A 416 35.13 12.70 20.15
C GLU A 416 36.04 11.47 20.29
N PRO A 417 36.49 11.06 21.50
CA PRO A 417 37.44 9.94 21.63
C PRO A 417 36.89 8.54 21.34
N LEU A 418 35.72 8.16 21.87
CA LEU A 418 35.14 6.80 21.72
C LEU A 418 34.83 6.52 20.25
N ASN A 419 34.04 7.38 19.60
CA ASN A 419 33.61 7.16 18.19
C ASN A 419 34.85 7.10 17.29
N ARG A 420 35.78 8.05 17.44
CA ARG A 420 37.00 8.14 16.59
C ARG A 420 37.91 6.95 16.85
N LEU A 421 37.92 6.41 18.08
CA LEU A 421 38.79 5.27 18.46
C LEU A 421 38.21 3.98 17.88
N LEU A 422 36.88 3.87 17.78
CA LEU A 422 36.20 2.65 17.29
C LEU A 422 36.23 2.64 15.76
N GLN A 423 35.78 3.72 15.11
CA GLN A 423 35.82 3.84 13.63
C GLN A 423 37.26 3.59 13.18
N ASP A 424 38.25 3.97 13.98
CA ASP A 424 39.69 3.72 13.68
C ASP A 424 39.92 2.22 13.79
N LYS A 425 39.50 1.59 14.89
CA LYS A 425 39.64 0.13 15.10
C LYS A 425 38.99 -0.59 13.91
N TRP A 426 37.88 -0.07 13.39
CA TRP A 426 37.19 -0.65 12.21
C TRP A 426 38.09 -0.51 10.99
N ASP A 427 38.79 0.61 10.85
CA ASP A 427 39.64 0.87 9.66
C ASP A 427 41.05 0.28 9.87
N ARG A 428 41.30 -0.43 10.98
CA ARG A 428 42.65 -0.96 11.32
C ARG A 428 42.67 -2.49 11.21
N PHE A 429 42.00 -3.22 12.10
CA PHE A 429 42.05 -4.70 12.14
C PHE A 429 40.69 -5.29 12.54
N VAL A 430 39.58 -4.81 11.93
CA VAL A 430 38.20 -5.34 12.23
C VAL A 430 37.54 -5.45 10.85
N LYS A 431 37.30 -4.36 10.13
CA LYS A 431 36.73 -4.33 8.75
C LYS A 431 37.18 -5.46 7.82
N ARG A 432 38.49 -5.69 7.68
CA ARG A 432 39.03 -6.73 6.77
C ARG A 432 38.93 -8.10 7.46
N ILE A 433 38.99 -8.15 8.79
CA ILE A 433 38.80 -9.41 9.57
C ILE A 433 37.32 -9.79 9.45
N PHE A 434 36.43 -8.80 9.24
CA PHE A 434 34.96 -9.03 9.15
C PHE A 434 34.58 -9.31 7.68
N TYR A 435 35.44 -8.94 6.73
CA TYR A 435 35.18 -9.17 5.28
C TYR A 435 35.58 -10.60 4.93
N PHE A 436 36.65 -11.15 5.52
CA PHE A 436 37.04 -12.55 5.36
C PHE A 436 36.08 -13.47 6.10
N ASN A 437 35.66 -13.09 7.31
CA ASN A 437 34.75 -13.93 8.06
C ASN A 437 33.40 -14.07 7.34
N PHE A 438 32.90 -12.96 6.80
CA PHE A 438 31.65 -13.03 6.03
C PHE A 438 31.82 -13.88 4.79
N PHE A 439 32.97 -13.76 4.12
CA PHE A 439 33.24 -14.62 2.96
C PHE A 439 33.19 -16.08 3.34
N VAL A 440 33.82 -16.44 4.45
CA VAL A 440 33.82 -17.83 4.91
C VAL A 440 32.40 -18.28 5.19
N TYR A 441 31.58 -17.44 5.83
CA TYR A 441 30.19 -17.81 6.18
C TYR A 441 29.35 -17.92 4.91
N CYS A 442 29.64 -17.13 3.87
CA CYS A 442 28.91 -17.24 2.61
C CYS A 442 29.24 -18.54 1.91
N LEU A 443 30.53 -18.88 1.85
CA LEU A 443 30.91 -20.16 1.23
C LEU A 443 30.32 -21.33 2.00
N TYR A 444 30.34 -21.27 3.33
CA TYR A 444 29.76 -22.34 4.12
C TYR A 444 28.28 -22.52 3.81
N MET A 445 27.57 -21.38 3.68
CA MET A 445 26.11 -21.38 3.41
C MET A 445 25.84 -21.90 1.99
N ILE A 446 26.72 -21.63 1.02
CA ILE A 446 26.59 -22.16 -0.33
C ILE A 446 26.79 -23.67 -0.32
N ILE A 447 27.81 -24.14 0.39
CA ILE A 447 28.07 -25.57 0.46
C ILE A 447 26.89 -26.29 1.12
N PHE A 448 26.34 -25.69 2.18
CA PHE A 448 25.22 -26.29 2.96
C PHE A 448 23.96 -26.35 2.08
N THR A 449 23.72 -25.35 1.22
CA THR A 449 22.58 -25.38 0.31
C THR A 449 22.78 -26.42 -0.78
N ALA A 450 23.97 -26.49 -1.35
CA ALA A 450 24.21 -27.48 -2.39
C ALA A 450 24.06 -28.90 -1.86
N ALA A 451 24.56 -29.15 -0.64
CA ALA A 451 24.46 -30.48 -0.06
C ALA A 451 23.02 -30.85 0.25
N ALA A 452 22.25 -29.89 0.78
CA ALA A 452 20.89 -30.20 1.21
C ALA A 452 19.94 -30.33 0.03
N TYR A 453 20.12 -29.47 -0.99
CA TYR A 453 19.22 -29.43 -2.19
C TYR A 453 19.19 -30.77 -2.91
N TYR A 454 20.19 -31.64 -2.71
CA TYR A 454 20.30 -32.91 -3.42
C TYR A 454 20.17 -34.11 -2.51
N ARG A 455 19.48 -33.95 -1.37
CA ARG A 455 19.35 -35.05 -0.43
C ARG A 455 18.63 -36.23 -1.10
N PRO A 456 19.15 -37.45 -1.00
CA PRO A 456 18.49 -38.58 -1.63
C PRO A 456 17.18 -38.94 -0.96
N VAL A 457 16.28 -39.59 -1.69
CA VAL A 457 14.95 -40.01 -1.16
C VAL A 457 14.89 -41.54 -1.13
N LEU A 460 14.21 -44.27 5.52
CA LEU A 460 14.66 -44.31 6.95
C LEU A 460 16.18 -44.19 7.00
N PRO A 461 16.76 -42.96 7.13
CA PRO A 461 18.21 -42.79 7.07
C PRO A 461 18.87 -43.54 8.22
N PRO A 462 20.21 -43.65 8.30
CA PRO A 462 21.14 -42.95 7.40
C PRO A 462 21.21 -43.60 6.03
N TYR A 463 21.74 -42.88 5.04
CA TYR A 463 21.78 -43.34 3.67
C TYR A 463 23.11 -44.01 3.36
N ASN A 467 29.80 -46.14 -5.33
CA ASN A 467 30.60 -44.91 -5.13
C ASN A 467 30.56 -44.07 -6.41
N THR A 468 30.64 -42.73 -6.30
CA THR A 468 30.59 -41.83 -7.44
C THR A 468 30.95 -40.43 -7.01
N VAL A 469 31.46 -39.61 -7.95
CA VAL A 469 31.95 -38.28 -7.60
C VAL A 469 30.84 -37.45 -6.98
N GLY A 470 29.62 -37.55 -7.53
CA GLY A 470 28.52 -36.77 -7.00
C GLY A 470 28.24 -37.08 -5.54
N ASP A 471 28.20 -38.37 -5.19
CA ASP A 471 27.93 -38.75 -3.81
C ASP A 471 29.09 -38.37 -2.90
N TYR A 472 30.32 -38.46 -3.38
CA TYR A 472 31.45 -37.99 -2.58
C TYR A 472 31.32 -36.50 -2.27
N PHE A 473 30.99 -35.70 -3.28
CA PHE A 473 30.81 -34.27 -3.05
C PHE A 473 29.67 -34.01 -2.09
N ARG A 474 28.56 -34.75 -2.25
CA ARG A 474 27.41 -34.53 -1.38
C ARG A 474 27.73 -34.87 0.07
N VAL A 475 28.43 -35.99 0.31
CA VAL A 475 28.76 -36.38 1.67
C VAL A 475 29.78 -35.43 2.27
N THR A 476 30.75 -34.97 1.48
CA THR A 476 31.70 -33.99 1.99
C THR A 476 30.99 -32.68 2.35
N GLY A 477 30.05 -32.25 1.52
CA GLY A 477 29.28 -31.06 1.85
C GLY A 477 28.47 -31.22 3.11
N GLU A 478 27.83 -32.38 3.27
CA GLU A 478 27.06 -32.64 4.49
C GLU A 478 27.97 -32.62 5.71
N ILE A 479 29.15 -33.23 5.61
CA ILE A 479 30.08 -33.27 6.73
C ILE A 479 30.54 -31.86 7.08
N LEU A 480 30.86 -31.05 6.06
CA LEU A 480 31.30 -29.68 6.32
C LEU A 480 30.18 -28.85 6.93
N SER A 481 28.94 -29.07 6.48
CA SER A 481 27.81 -28.36 7.07
C SER A 481 27.63 -28.74 8.54
N VAL A 482 27.74 -30.03 8.86
CA VAL A 482 27.66 -30.45 10.26
C VAL A 482 28.79 -29.83 11.07
N SER A 483 29.97 -29.73 10.46
CA SER A 483 31.18 -29.17 11.12
C SER A 483 30.96 -27.69 11.40
N GLY A 484 30.28 -26.94 10.51
CA GLY A 484 29.93 -25.56 10.77
C GLY A 484 28.87 -25.42 11.84
N GLY A 485 27.87 -26.29 11.82
CA GLY A 485 26.84 -26.24 12.84
C GLY A 485 27.40 -26.47 14.23
N VAL A 486 28.27 -27.47 14.39
CA VAL A 486 28.85 -27.76 15.69
C VAL A 486 29.78 -26.63 16.13
N TYR A 487 30.51 -26.04 15.19
CA TYR A 487 31.37 -24.91 15.54
C TYR A 487 30.53 -23.76 16.07
N PHE A 488 29.42 -23.46 15.40
CA PHE A 488 28.55 -22.39 15.88
C PHE A 488 27.97 -22.75 17.24
N PHE A 489 27.69 -24.03 17.48
CA PHE A 489 27.15 -24.44 18.77
C PHE A 489 28.15 -24.19 19.89
N PHE A 490 29.41 -24.60 19.70
CA PHE A 490 30.42 -24.28 20.71
C PHE A 490 30.64 -22.78 20.84
N ARG A 491 30.56 -22.02 19.73
CA ARG A 491 30.71 -20.58 19.85
C ARG A 491 29.61 -19.98 20.72
N GLY A 492 28.37 -20.43 20.53
CA GLY A 492 27.28 -19.96 21.36
C GLY A 492 27.44 -20.37 22.81
N ILE A 493 27.88 -21.60 23.05
CA ILE A 493 28.10 -22.04 24.42
C ILE A 493 29.18 -21.20 25.09
N GLN A 494 30.28 -20.94 24.36
CA GLN A 494 31.35 -20.10 24.89
C GLN A 494 30.85 -18.69 25.19
N TYR A 495 30.06 -18.13 24.29
CA TYR A 495 29.51 -16.80 24.52
C TYR A 495 28.66 -16.77 25.78
N PHE A 496 27.77 -17.76 25.94
CA PHE A 496 26.93 -17.79 27.14
C PHE A 496 27.78 -17.92 28.40
N LEU A 497 28.77 -18.81 28.38
CA LEU A 497 29.57 -19.03 29.59
C LEU A 497 30.43 -17.81 29.93
N GLN A 498 30.95 -17.13 28.92
CA GLN A 498 31.77 -15.94 29.20
C GLN A 498 30.90 -14.78 29.65
N ARG A 499 29.98 -14.33 28.80
CA ARG A 499 29.12 -13.23 29.18
C ARG A 499 28.25 -13.58 30.37
N ARG A 500 28.01 -14.88 30.58
CA ARG A 500 27.18 -15.38 31.67
C ARG A 500 25.98 -14.47 31.88
N PRO A 501 25.09 -14.36 30.89
CA PRO A 501 23.99 -13.40 30.99
C PRO A 501 23.22 -13.51 32.28
N SER A 502 22.49 -12.46 32.64
CA SER A 502 21.77 -12.40 33.91
C SER A 502 20.44 -13.12 33.87
N LEU A 503 20.24 -14.04 32.91
CA LEU A 503 19.01 -14.79 32.71
C LEU A 503 17.92 -13.93 32.09
N LYS A 504 18.15 -12.64 31.92
CA LYS A 504 17.12 -11.71 31.49
C LYS A 504 17.46 -11.01 30.18
N SER A 505 18.73 -10.67 29.95
CA SER A 505 19.14 -9.98 28.75
C SER A 505 19.35 -10.92 27.57
N LEU A 506 19.28 -12.23 27.79
CA LEU A 506 19.39 -13.17 26.69
C LEU A 506 18.18 -13.08 25.76
N PHE A 507 17.12 -12.39 26.20
CA PHE A 507 15.86 -12.24 25.41
C PHE A 507 15.72 -10.80 24.91
N VAL A 508 16.53 -9.86 25.41
CA VAL A 508 16.40 -8.41 25.05
C VAL A 508 17.69 -7.93 24.37
N ASP A 509 18.77 -8.70 24.42
CA ASP A 509 20.06 -8.28 23.90
C ASP A 509 20.64 -9.37 23.02
N SER A 510 21.43 -8.93 22.04
CA SER A 510 22.15 -9.81 21.12
C SER A 510 21.22 -10.89 20.56
N TYR A 511 20.18 -10.44 19.87
CA TYR A 511 19.30 -11.37 19.18
C TYR A 511 20.07 -12.23 18.20
N SER A 512 21.18 -11.72 17.67
CA SER A 512 21.96 -12.48 16.70
C SER A 512 22.52 -13.76 17.32
N GLU A 513 23.05 -13.67 18.54
CA GLU A 513 23.62 -14.84 19.18
C GLU A 513 22.56 -15.92 19.40
N ILE A 514 21.40 -15.48 19.87
CA ILE A 514 20.27 -16.42 20.14
C ILE A 514 19.88 -17.04 18.80
N LEU A 515 19.77 -16.24 17.74
CA LEU A 515 19.35 -16.70 16.40
C LEU A 515 20.34 -17.72 15.84
N PHE A 516 21.64 -17.52 16.02
CA PHE A 516 22.67 -18.46 15.56
C PHE A 516 22.65 -19.74 16.39
N PHE A 517 22.46 -19.61 17.70
CA PHE A 517 22.41 -20.80 18.53
C PHE A 517 21.20 -21.66 18.19
N VAL A 518 20.06 -21.04 17.89
CA VAL A 518 18.88 -21.82 17.52
C VAL A 518 19.09 -22.50 16.17
N GLN A 519 19.76 -21.82 15.24
CA GLN A 519 20.08 -22.40 13.91
C GLN A 519 20.99 -23.62 14.14
N SER A 520 21.96 -23.50 15.03
CA SER A 520 22.94 -24.56 15.36
C SER A 520 22.24 -25.72 16.07
N LEU A 521 21.23 -25.45 16.90
CA LEU A 521 20.45 -26.47 17.59
C LEU A 521 19.56 -27.23 16.62
N PHE A 522 18.95 -26.53 15.66
CA PHE A 522 18.14 -27.17 14.59
C PHE A 522 19.08 -28.10 13.82
N MET A 523 20.28 -27.64 13.51
CA MET A 523 21.27 -28.43 12.74
C MET A 523 21.59 -29.72 13.51
N LEU A 524 21.81 -29.66 14.83
CA LEU A 524 22.19 -30.82 15.62
C LEU A 524 21.02 -31.78 15.81
N VAL A 525 19.80 -31.22 15.94
CA VAL A 525 18.57 -32.03 16.05
C VAL A 525 18.41 -32.77 14.72
N SER A 526 18.80 -32.14 13.60
CA SER A 526 18.68 -32.74 12.24
C SER A 526 19.73 -33.84 12.08
N VAL A 527 20.89 -33.73 12.73
CA VAL A 527 21.91 -34.79 12.70
C VAL A 527 21.46 -35.99 13.52
N VAL A 528 21.02 -35.75 14.75
CA VAL A 528 20.68 -36.86 15.64
C VAL A 528 19.48 -37.63 15.09
N LEU A 529 18.49 -36.90 14.56
CA LEU A 529 17.25 -37.50 13.99
C LEU A 529 17.64 -38.29 12.74
N TYR A 530 18.61 -37.81 11.97
CA TYR A 530 19.07 -38.50 10.78
C TYR A 530 19.74 -39.83 11.14
N PHE A 531 20.59 -39.82 12.16
CA PHE A 531 21.21 -41.06 12.61
C PHE A 531 20.27 -41.89 13.48
N SER A 532 19.06 -41.42 13.73
CA SER A 532 18.10 -42.11 14.60
C SER A 532 16.98 -42.78 13.80
N GLN A 533 17.14 -42.92 12.49
CA GLN A 533 16.17 -43.60 11.65
C GLN A 533 14.80 -42.93 11.71
N ARG A 534 14.76 -41.68 11.26
CA ARG A 534 13.49 -40.89 11.21
C ARG A 534 13.59 -39.93 10.02
N LYS A 535 12.44 -39.49 9.49
CA LYS A 535 12.39 -38.62 8.30
C LYS A 535 12.19 -37.15 8.73
N GLU A 536 12.07 -36.86 10.02
CA GLU A 536 12.00 -35.48 10.47
C GLU A 536 13.33 -34.75 10.36
N TYR A 537 14.40 -35.48 10.01
CA TYR A 537 15.75 -34.89 9.80
C TYR A 537 15.66 -33.84 8.70
N VAL A 538 14.75 -33.98 7.73
CA VAL A 538 14.64 -33.04 6.58
C VAL A 538 13.78 -31.83 7.01
N ALA A 539 12.90 -31.98 7.99
CA ALA A 539 12.11 -30.87 8.55
C ALA A 539 13.03 -29.94 9.34
N SER A 540 13.82 -30.49 10.27
CA SER A 540 14.77 -29.70 11.09
C SER A 540 15.82 -29.07 10.17
N MET A 541 16.24 -29.78 9.12
CA MET A 541 17.28 -29.30 8.17
C MET A 541 16.75 -28.11 7.37
N VAL A 542 15.52 -28.18 6.85
CA VAL A 542 14.94 -27.08 6.00
C VAL A 542 14.72 -25.87 6.91
N PHE A 543 14.33 -26.06 8.16
CA PHE A 543 14.14 -24.97 9.14
C PHE A 543 15.50 -24.35 9.46
N SER A 544 16.53 -25.17 9.66
CA SER A 544 17.92 -24.70 9.96
C SER A 544 18.43 -23.88 8.76
N LEU A 545 18.14 -24.34 7.53
CA LEU A 545 18.60 -23.65 6.29
C LEU A 545 17.80 -22.35 6.11
N ALA A 546 16.50 -22.36 6.39
CA ALA A 546 15.63 -21.17 6.30
C ALA A 546 16.11 -20.12 7.30
N MET A 547 16.49 -20.54 8.52
CA MET A 547 16.95 -19.63 9.59
C MET A 547 18.37 -19.17 9.27
N GLY A 548 19.20 -20.05 8.72
CA GLY A 548 20.61 -19.73 8.37
C GLY A 548 20.68 -18.73 7.24
N TRP A 549 19.83 -18.86 6.23
CA TRP A 549 19.77 -17.91 5.09
C TRP A 549 19.36 -16.53 5.61
N THR A 550 18.44 -16.49 6.57
CA THR A 550 17.91 -15.23 7.14
C THR A 550 19.00 -14.61 8.04
N ASN A 551 19.92 -15.41 8.58
CA ASN A 551 20.92 -14.90 9.50
C ASN A 551 22.03 -14.10 8.82
N MET A 552 22.11 -14.12 7.49
CA MET A 552 23.17 -13.36 6.83
C MET A 552 23.06 -11.87 7.10
N LEU A 553 21.88 -11.38 7.48
CA LEU A 553 21.75 -9.97 7.85
C LEU A 553 22.65 -9.60 9.01
N TYR A 554 23.07 -10.58 9.81
CA TYR A 554 24.04 -10.29 10.87
C TYR A 554 25.31 -9.66 10.32
N TYR A 555 25.68 -10.01 9.09
CA TYR A 555 26.90 -9.52 8.49
C TYR A 555 26.72 -8.20 7.76
N THR A 556 25.49 -7.73 7.60
CA THR A 556 25.28 -6.43 6.96
C THR A 556 25.86 -5.29 7.79
N ARG A 557 26.04 -5.50 9.08
CA ARG A 557 26.79 -4.53 9.88
C ARG A 557 28.22 -4.47 9.38
N GLY A 558 28.80 -3.28 9.40
CA GLY A 558 30.11 -3.04 8.77
C GLY A 558 29.86 -2.09 7.61
N PHE A 559 28.61 -2.01 7.11
CA PHE A 559 28.22 -1.05 6.09
C PHE A 559 27.20 -0.11 6.70
N GLN A 560 27.45 1.21 6.59
CA GLN A 560 26.60 2.23 7.25
C GLN A 560 25.14 2.13 6.80
N GLN A 561 24.84 2.13 5.50
CA GLN A 561 23.46 2.13 5.04
C GLN A 561 22.78 0.79 5.32
N MET A 562 23.45 -0.31 4.99
CA MET A 562 22.84 -1.62 5.21
C MET A 562 22.72 -1.94 6.69
N GLY A 563 23.71 -1.54 7.50
CA GLY A 563 23.58 -1.71 8.94
C GLY A 563 22.39 -0.97 9.51
N ILE A 564 22.23 0.31 9.11
CA ILE A 564 21.07 1.08 9.56
C ILE A 564 19.79 0.41 9.08
N TYR A 565 19.83 -0.12 7.86
CA TYR A 565 18.66 -0.83 7.26
C TYR A 565 18.29 -2.00 8.17
N ALA A 566 19.27 -2.79 8.62
CA ALA A 566 19.02 -3.96 9.47
C ALA A 566 18.49 -3.55 10.84
N VAL A 567 19.06 -2.48 11.41
CA VAL A 567 18.60 -2.03 12.72
C VAL A 567 17.16 -1.55 12.63
N MET A 568 16.82 -0.87 11.52
CA MET A 568 15.46 -0.35 11.28
C MET A 568 14.49 -1.51 11.13
N ILE A 569 14.89 -2.61 10.48
CA ILE A 569 14.05 -3.81 10.38
C ILE A 569 13.85 -4.42 11.75
N GLU A 570 14.93 -4.48 12.52
CA GLU A 570 14.89 -5.06 13.88
C GLU A 570 13.90 -4.30 14.75
N LYS A 571 13.89 -2.96 14.71
CA LYS A 571 13.01 -2.15 15.54
C LYS A 571 11.57 -2.27 15.10
N MET A 572 11.34 -2.24 13.77
CA MET A 572 9.99 -2.39 13.20
C MET A 572 9.42 -3.72 13.66
N ILE A 573 10.15 -4.82 13.50
CA ILE A 573 9.65 -6.15 13.89
C ILE A 573 9.34 -6.18 15.37
N LEU A 574 10.20 -5.55 16.18
CA LEU A 574 10.05 -5.58 17.66
C LEU A 574 8.78 -4.85 18.11
N ARG A 575 8.46 -3.69 17.53
CA ARG A 575 7.34 -2.86 18.00
C ARG A 575 6.10 -2.96 17.12
N ASP A 576 6.21 -2.53 15.87
CA ASP A 576 5.03 -2.33 15.04
C ASP A 576 4.44 -3.67 14.61
N LEU A 577 5.30 -4.58 14.15
CA LEU A 577 4.81 -5.88 13.73
C LEU A 577 4.19 -6.63 14.90
N CYS A 578 4.77 -6.50 16.09
CA CYS A 578 4.19 -7.18 17.25
C CYS A 578 2.80 -6.66 17.56
N ARG A 579 2.64 -5.33 17.63
CA ARG A 579 1.31 -4.80 17.93
C ARG A 579 0.30 -5.23 16.87
N PHE A 580 0.68 -5.07 15.60
CA PHE A 580 -0.19 -5.44 14.45
C PHE A 580 -0.56 -6.92 14.56
N MET A 581 0.40 -7.81 14.86
CA MET A 581 0.12 -9.23 14.89
C MET A 581 -0.83 -9.55 16.02
N PHE A 582 -0.64 -8.96 17.19
CA PHE A 582 -1.57 -9.22 18.28
C PHE A 582 -3.00 -8.86 17.89
N VAL A 583 -3.22 -7.59 17.53
CA VAL A 583 -4.57 -7.07 17.19
C VAL A 583 -5.14 -7.82 15.99
N TYR A 584 -4.32 -8.13 14.98
CA TYR A 584 -4.79 -8.81 13.74
C TYR A 584 -5.19 -10.24 14.09
N LEU A 585 -4.36 -10.96 14.88
CA LEU A 585 -4.65 -12.34 15.25
C LEU A 585 -5.94 -12.42 16.05
N VAL A 586 -6.17 -11.48 16.96
CA VAL A 586 -7.44 -11.47 17.69
C VAL A 586 -8.60 -11.38 16.71
N PHE A 587 -8.51 -10.44 15.77
CA PHE A 587 -9.54 -10.27 14.71
C PHE A 587 -9.64 -11.56 13.91
N LEU A 588 -8.56 -11.97 13.23
CA LEU A 588 -8.54 -13.22 12.41
C LEU A 588 -9.23 -14.37 13.14
N PHE A 589 -8.96 -14.59 14.44
CA PHE A 589 -9.50 -15.73 15.15
C PHE A 589 -10.99 -15.55 15.40
N GLY A 590 -11.38 -14.35 15.80
CA GLY A 590 -12.79 -14.05 16.10
C GLY A 590 -13.69 -14.26 14.89
N PHE A 591 -13.28 -13.76 13.72
CA PHE A 591 -14.13 -13.87 12.53
C PHE A 591 -14.06 -15.26 11.91
N SER A 592 -12.91 -15.92 12.02
CA SER A 592 -12.82 -17.30 11.55
C SER A 592 -13.76 -18.19 12.35
N THR A 593 -13.76 -18.04 13.68
CA THR A 593 -14.64 -18.86 14.57
C THR A 593 -16.09 -18.52 14.24
N ALA A 594 -16.39 -17.27 13.85
CA ALA A 594 -17.76 -16.83 13.49
C ALA A 594 -18.19 -17.50 12.18
N VAL A 595 -17.35 -17.49 11.14
CA VAL A 595 -17.66 -18.10 9.85
C VAL A 595 -17.79 -19.61 9.99
N VAL A 596 -16.86 -20.24 10.71
CA VAL A 596 -16.90 -21.72 10.93
C VAL A 596 -18.24 -22.06 11.57
N THR A 597 -18.67 -21.29 12.57
CA THR A 597 -19.95 -21.53 13.28
C THR A 597 -21.10 -21.43 12.27
N LEU A 598 -21.06 -20.45 11.36
CA LEU A 598 -22.13 -20.29 10.40
C LEU A 598 -22.25 -21.50 9.48
N ILE A 599 -21.11 -22.04 9.03
CA ILE A 599 -21.10 -23.20 8.08
C ILE A 599 -21.63 -24.42 8.83
N GLU A 600 -22.41 -25.28 8.15
CA GLU A 600 -23.00 -26.50 8.76
C GLU A 600 -22.14 -27.70 8.37
N ASP A 601 -22.08 -28.05 7.08
CA ASP A 601 -21.31 -29.22 6.58
C ASP A 601 -20.68 -28.82 5.24
N GLY A 602 -19.34 -28.70 5.19
CA GLY A 602 -18.65 -28.27 3.97
C GLY A 602 -17.21 -28.74 3.91
N LYS A 603 -16.35 -28.02 3.17
CA LYS A 603 -14.91 -28.39 3.00
C LYS A 603 -14.05 -27.64 4.02
N TYR A 604 -14.53 -26.51 4.56
CA TYR A 604 -13.75 -25.66 5.49
C TYR A 604 -14.29 -25.76 6.92
N ASN A 605 -15.26 -26.65 7.18
CA ASN A 605 -15.78 -26.85 8.56
C ASN A 605 -14.58 -26.87 9.51
N SER A 606 -13.50 -27.57 9.17
CA SER A 606 -12.28 -27.56 9.98
C SER A 606 -11.83 -26.13 10.21
N LEU A 607 -11.48 -25.81 11.45
CA LEU A 607 -11.10 -24.44 11.79
C LEU A 607 -9.86 -24.01 11.02
N TYR A 608 -8.94 -24.94 10.76
CA TYR A 608 -7.71 -24.59 10.06
C TYR A 608 -7.99 -24.10 8.65
N SER A 609 -8.86 -24.78 7.91
CA SER A 609 -9.12 -24.40 6.53
C SER A 609 -9.77 -23.02 6.46
N THR A 610 -10.75 -22.77 7.32
CA THR A 610 -11.42 -21.47 7.32
C THR A 610 -10.46 -20.37 7.78
N CYS A 611 -9.62 -20.67 8.77
CA CYS A 611 -8.63 -19.68 9.19
C CYS A 611 -7.69 -19.32 8.05
N LEU A 612 -7.24 -20.33 7.30
CA LEU A 612 -6.40 -20.06 6.14
C LEU A 612 -7.15 -19.23 5.10
N GLU A 613 -8.42 -19.54 4.87
CA GLU A 613 -9.21 -18.79 3.90
C GLU A 613 -9.32 -17.32 4.31
N LEU A 614 -9.58 -17.06 5.59
CA LEU A 614 -9.71 -15.69 6.05
C LEU A 614 -8.36 -14.97 6.04
N PHE A 615 -7.27 -15.71 6.28
CA PHE A 615 -5.95 -15.11 6.18
C PHE A 615 -5.62 -14.75 4.74
N LYS A 616 -6.15 -15.52 3.78
CA LYS A 616 -5.86 -15.27 2.37
C LYS A 616 -6.18 -13.84 1.96
N PHE A 617 -7.20 -13.24 2.57
CA PHE A 617 -7.64 -11.91 2.15
C PHE A 617 -6.54 -10.86 2.36
N THR A 618 -5.62 -11.13 3.29
CA THR A 618 -4.54 -10.16 3.65
C THR A 618 -3.54 -10.03 2.49
N ILE A 619 -3.37 -11.07 1.66
CA ILE A 619 -2.37 -11.05 0.59
C ILE A 619 -3.02 -10.78 -0.77
N GLY A 620 -4.20 -10.19 -0.78
CA GLY A 620 -4.85 -9.86 -2.04
C GLY A 620 -5.25 -11.06 -2.86
N MET A 621 -5.49 -12.20 -2.21
CA MET A 621 -5.96 -13.39 -2.90
C MET A 621 -7.28 -13.90 -2.33
N GLY A 622 -8.05 -13.05 -1.67
CA GLY A 622 -9.32 -13.47 -1.10
C GLY A 622 -10.30 -13.91 -2.17
N ASP A 623 -11.20 -14.80 -1.75
CA ASP A 623 -12.21 -15.37 -2.64
C ASP A 623 -13.57 -14.72 -2.47
N LEU A 624 -14.08 -14.70 -1.22
CA LEU A 624 -15.38 -14.05 -0.88
C LEU A 624 -16.53 -14.95 -1.33
N GLU A 625 -16.27 -16.04 -2.07
CA GLU A 625 -17.30 -17.01 -2.45
C GLU A 625 -16.80 -18.43 -2.29
N PHE A 626 -15.90 -18.66 -1.32
CA PHE A 626 -15.26 -19.97 -1.20
C PHE A 626 -16.23 -21.07 -0.83
N THR A 627 -17.38 -20.73 -0.27
CA THR A 627 -18.35 -21.75 0.19
C THR A 627 -19.77 -21.29 -0.14
N GLU A 628 -20.68 -22.22 -0.41
CA GLU A 628 -22.10 -21.93 -0.61
C GLU A 628 -22.98 -22.96 0.09
N ASN A 629 -22.37 -23.82 0.90
CA ASN A 629 -23.07 -24.92 1.58
C ASN A 629 -23.43 -24.46 2.98
N TYR A 630 -24.38 -23.53 3.03
CA TYR A 630 -24.82 -22.97 4.32
C TYR A 630 -26.09 -22.16 4.07
N ASP A 631 -26.74 -21.70 5.12
CA ASP A 631 -27.93 -20.88 5.06
C ASP A 631 -27.61 -19.45 5.48
N PHE A 632 -28.54 -18.54 5.20
CA PHE A 632 -28.39 -17.13 5.54
C PHE A 632 -27.18 -16.51 4.83
N LYS A 633 -27.26 -16.51 3.48
CA LYS A 633 -26.19 -15.93 2.69
C LYS A 633 -25.92 -14.47 3.10
N ALA A 634 -26.96 -13.76 3.54
CA ALA A 634 -26.76 -12.39 3.98
C ALA A 634 -25.78 -12.32 5.14
N VAL A 635 -25.94 -13.25 6.10
CA VAL A 635 -25.10 -13.30 7.32
C VAL A 635 -23.66 -13.63 6.94
N PHE A 636 -23.44 -14.52 5.97
CA PHE A 636 -22.09 -14.89 5.52
C PHE A 636 -21.41 -13.72 4.81
N ILE A 637 -22.13 -13.07 3.89
CA ILE A 637 -21.54 -11.98 3.14
C ILE A 637 -21.26 -10.79 4.06
N ILE A 638 -22.15 -10.53 5.01
CA ILE A 638 -21.93 -9.42 5.94
C ILE A 638 -20.71 -9.68 6.81
N LEU A 639 -20.55 -10.94 7.24
CA LEU A 639 -19.42 -11.36 8.11
C LEU A 639 -18.11 -11.21 7.34
N LEU A 640 -18.10 -11.54 6.04
CA LEU A 640 -16.89 -11.46 5.19
C LEU A 640 -16.58 -10.00 4.87
N LEU A 641 -17.58 -9.15 4.70
CA LEU A 641 -17.38 -7.71 4.36
C LEU A 641 -16.95 -6.96 5.62
N ALA A 642 -17.43 -7.36 6.81
CA ALA A 642 -17.04 -6.74 8.10
C ALA A 642 -15.55 -7.02 8.33
N TYR A 643 -15.12 -8.29 8.24
CA TYR A 643 -13.72 -8.69 8.46
C TYR A 643 -12.79 -7.90 7.53
N VAL A 644 -13.01 -7.96 6.22
CA VAL A 644 -12.12 -7.29 5.21
C VAL A 644 -11.91 -5.84 5.62
N ILE A 645 -12.98 -5.08 5.88
CA ILE A 645 -12.88 -3.62 6.22
C ILE A 645 -12.06 -3.44 7.50
N LEU A 646 -12.33 -4.21 8.55
CA LEU A 646 -11.65 -4.07 9.86
C LEU A 646 -10.15 -4.37 9.74
N THR A 647 -9.75 -5.29 8.86
CA THR A 647 -8.33 -5.70 8.69
C THR A 647 -7.79 -5.17 7.37
N TYR A 648 -8.12 -5.80 6.23
CA TYR A 648 -7.57 -5.45 4.90
C TYR A 648 -7.71 -3.95 4.59
N ILE A 649 -8.78 -3.28 5.04
CA ILE A 649 -9.07 -1.85 4.68
C ILE A 649 -8.87 -0.92 5.87
N LEU A 650 -8.45 -1.40 7.04
CA LEU A 650 -8.31 -0.54 8.26
C LEU A 650 -7.00 -0.84 9.00
N LEU A 651 -6.79 -2.08 9.47
CA LEU A 651 -5.60 -2.44 10.28
C LEU A 651 -4.38 -2.68 9.37
N LEU A 652 -4.59 -3.17 8.15
CA LEU A 652 -3.49 -3.41 7.17
C LEU A 652 -2.87 -2.07 6.77
N ASN A 653 -3.68 -1.04 6.53
CA ASN A 653 -3.19 0.31 6.14
C ASN A 653 -2.68 1.01 7.40
N MET A 654 -3.19 0.64 8.58
CA MET A 654 -2.75 1.22 9.87
C MET A 654 -1.28 0.85 10.09
N LEU A 655 -0.84 -0.33 9.61
CA LEU A 655 0.56 -0.79 9.77
C LEU A 655 1.51 0.14 9.01
N ILE A 656 1.08 0.70 7.87
CA ILE A 656 1.90 1.58 7.03
C ILE A 656 2.10 2.93 7.72
N ALA A 657 1.02 3.50 8.25
CA ALA A 657 1.12 4.81 8.89
C ALA A 657 2.02 4.76 10.12
N LEU A 658 1.89 3.72 10.94
CA LEU A 658 2.73 3.59 12.13
C LEU A 658 4.18 3.37 11.73
N MET A 659 4.42 2.57 10.69
CA MET A 659 5.79 2.41 10.20
C MET A 659 6.38 3.75 9.77
N GLY A 660 5.58 4.55 9.05
CA GLY A 660 6.07 5.86 8.63
C GLY A 660 6.39 6.75 9.81
N GLU A 661 5.50 6.79 10.79
CA GLU A 661 5.76 7.60 11.98
C GLU A 661 7.05 7.15 12.67
N THR A 662 7.18 5.85 12.91
CA THR A 662 8.37 5.35 13.60
C THR A 662 9.63 5.71 12.85
N VAL A 663 9.68 5.40 11.54
CA VAL A 663 10.89 5.70 10.70
C VAL A 663 11.16 7.20 10.79
N ASN A 664 10.12 8.05 10.75
CA ASN A 664 10.31 9.48 10.93
C ASN A 664 10.96 9.79 12.26
N LYS A 665 10.74 8.98 13.28
CA LYS A 665 11.23 9.31 14.66
C LYS A 665 12.54 8.61 15.04
N ILE A 666 12.88 7.43 14.50
CA ILE A 666 14.07 6.68 14.99
C ILE A 666 15.32 6.66 14.11
N ALA A 667 15.56 7.65 13.26
CA ALA A 667 16.82 7.69 12.54
C ALA A 667 18.05 7.75 13.43
N GLN A 668 18.06 8.73 14.35
CA GLN A 668 19.22 9.00 15.24
C GLN A 668 19.54 7.78 16.10
N GLU A 669 18.58 7.20 16.81
CA GLU A 669 18.83 6.06 17.67
C GLU A 669 19.21 4.83 16.84
N SER A 670 18.68 4.72 15.61
CA SER A 670 19.02 3.58 14.71
C SER A 670 20.48 3.70 14.27
N LYS A 671 21.00 4.91 14.04
CA LYS A 671 22.41 5.08 13.73
C LYS A 671 23.27 4.79 14.95
N ASN A 672 22.85 5.26 16.12
CA ASN A 672 23.62 5.03 17.34
C ASN A 672 23.71 3.53 17.66
N ILE A 673 22.61 2.81 17.50
CA ILE A 673 22.63 1.37 17.79
C ILE A 673 23.50 0.64 16.78
N TRP A 674 23.49 1.07 15.52
CA TRP A 674 24.41 0.46 14.56
C TRP A 674 25.85 0.72 14.97
N LYS A 675 26.15 1.93 15.41
CA LYS A 675 27.50 2.23 15.87
C LYS A 675 27.89 1.33 17.03
N LEU A 676 26.97 1.13 17.98
CA LEU A 676 27.24 0.25 19.11
C LEU A 676 27.48 -1.19 18.65
N GLN A 677 26.69 -1.67 17.70
CA GLN A 677 26.86 -3.04 17.16
C GLN A 677 28.24 -3.12 16.50
N ARG A 678 28.65 -2.07 15.79
CA ARG A 678 29.97 -2.01 15.10
C ARG A 678 31.08 -1.98 16.16
N ALA A 679 30.91 -1.21 17.24
CA ALA A 679 31.91 -1.07 18.32
C ALA A 679 32.03 -2.39 19.09
N ILE A 680 30.90 -3.08 19.30
CA ILE A 680 30.89 -4.39 20.02
C ILE A 680 31.61 -5.41 19.13
N THR A 681 31.38 -5.38 17.82
CA THR A 681 32.06 -6.28 16.84
C THR A 681 33.55 -5.97 16.85
N ILE A 682 33.93 -4.69 16.98
CA ILE A 682 35.36 -4.26 17.03
C ILE A 682 36.01 -4.88 18.27
N LEU A 683 35.36 -4.76 19.43
CA LEU A 683 35.92 -5.28 20.71
C LEU A 683 35.84 -6.81 20.73
N ASP A 684 34.95 -7.41 19.93
CA ASP A 684 34.83 -8.89 19.81
C ASP A 684 35.98 -9.37 18.93
N THR A 685 36.36 -8.61 17.90
CA THR A 685 37.46 -8.95 16.97
C THR A 685 38.80 -8.77 17.68
N GLU A 686 38.85 -7.94 18.72
CA GLU A 686 40.10 -7.65 19.47
C GLU A 686 40.31 -8.74 20.53
N LYS A 687 39.28 -9.14 21.27
CA LYS A 687 39.36 -10.16 22.31
C LYS A 687 39.63 -11.55 21.74
N SER A 688 39.29 -11.78 20.47
CA SER A 688 39.56 -13.07 19.86
C SER A 688 41.06 -13.34 19.76
N PHE A 689 41.86 -12.30 19.54
CA PHE A 689 43.31 -12.48 19.40
C PHE A 689 43.64 -13.26 18.14
N ILE B 387 32.35 34.06 -18.46
CA ILE B 387 31.33 33.27 -17.80
C ILE B 387 30.56 32.40 -18.78
N ASP B 388 30.19 32.96 -19.95
CA ASP B 388 29.36 32.24 -20.94
C ASP B 388 30.22 31.72 -22.10
N THR B 389 31.05 32.56 -22.73
CA THR B 389 31.86 32.17 -23.88
C THR B 389 33.25 32.75 -23.71
N CYS B 390 34.27 31.88 -23.67
CA CYS B 390 35.65 32.31 -23.52
C CYS B 390 36.61 31.61 -24.47
N GLU B 391 36.20 30.51 -25.11
CA GLU B 391 37.03 29.76 -26.06
C GLU B 391 38.14 28.99 -25.36
N LYS B 392 38.30 29.19 -24.06
CA LYS B 392 39.26 28.43 -23.26
C LYS B 392 38.62 27.74 -22.07
N ASN B 393 37.76 28.43 -21.33
CA ASN B 393 37.06 27.86 -20.19
C ASN B 393 36.08 28.90 -19.69
N SER B 394 34.89 28.47 -19.25
CA SER B 394 33.83 29.39 -18.80
C SER B 394 33.25 28.87 -17.48
N VAL B 395 32.77 29.73 -16.59
CA VAL B 395 32.16 29.33 -15.34
C VAL B 395 31.04 28.33 -15.58
N LEU B 396 30.18 28.60 -16.57
CA LEU B 396 29.10 27.67 -16.89
C LEU B 396 29.65 26.31 -17.28
N GLU B 397 30.69 26.30 -18.12
CA GLU B 397 31.26 25.04 -18.56
C GLU B 397 31.79 24.22 -17.39
N VAL B 398 32.58 24.86 -16.51
CA VAL B 398 33.23 24.13 -15.37
C VAL B 398 32.17 23.69 -14.36
N ILE B 399 31.18 24.51 -14.05
CA ILE B 399 30.17 24.17 -12.98
C ILE B 399 29.22 23.11 -13.53
N ALA B 400 28.73 23.24 -14.77
CA ALA B 400 27.74 22.32 -15.35
C ALA B 400 28.41 20.96 -15.61
N TYR B 401 29.62 20.96 -16.19
CA TYR B 401 30.32 19.73 -16.52
C TYR B 401 31.18 19.22 -15.36
N SER B 402 31.07 19.86 -14.18
CA SER B 402 31.90 19.50 -13.00
C SER B 402 31.61 18.08 -12.55
N SER B 403 32.64 17.32 -12.19
CA SER B 403 32.49 15.98 -11.63
C SER B 403 31.82 16.06 -10.26
N SER B 404 31.25 14.93 -9.83
CA SER B 404 30.52 14.88 -8.57
C SER B 404 31.42 15.16 -7.37
N GLU B 405 32.74 15.00 -7.53
CA GLU B 405 33.63 15.20 -6.39
C GLU B 405 33.54 16.60 -5.81
N THR B 406 33.13 17.60 -6.63
CA THR B 406 32.93 18.99 -6.18
C THR B 406 31.83 19.01 -5.10
N PRO B 407 32.05 19.54 -3.88
CA PRO B 407 31.02 19.45 -2.84
C PRO B 407 29.68 20.06 -3.22
N ASN B 408 29.68 21.34 -3.58
CA ASN B 408 28.46 22.12 -3.71
C ASN B 408 28.03 22.30 -5.16
N ARG B 409 28.31 21.33 -6.03
CA ARG B 409 28.07 21.51 -7.49
C ARG B 409 26.59 21.79 -7.76
N HIS B 410 25.69 21.54 -6.80
CA HIS B 410 24.22 21.79 -6.95
C HIS B 410 23.88 23.20 -6.46
N ASP B 411 24.73 23.82 -5.63
CA ASP B 411 24.50 25.18 -5.09
C ASP B 411 25.42 26.19 -5.79
N MET B 412 26.15 25.76 -6.83
CA MET B 412 27.09 26.64 -7.57
C MET B 412 26.39 27.21 -8.81
N LEU B 413 25.08 27.01 -8.96
CA LEU B 413 24.32 27.46 -10.17
C LEU B 413 23.20 28.44 -9.80
N LEU B 414 22.76 28.46 -8.53
CA LEU B 414 21.67 29.37 -8.06
C LEU B 414 22.17 30.82 -8.07
N VAL B 415 23.48 31.04 -8.19
CA VAL B 415 24.08 32.42 -8.27
C VAL B 415 23.17 33.26 -9.17
N GLU B 416 22.76 34.46 -8.73
CA GLU B 416 21.82 35.34 -9.50
C GLU B 416 22.06 35.49 -11.01
N PRO B 417 23.30 35.71 -11.51
CA PRO B 417 23.57 35.96 -12.94
C PRO B 417 23.53 34.62 -13.65
N LEU B 418 24.00 33.56 -12.98
CA LEU B 418 24.08 32.20 -13.57
C LEU B 418 22.66 31.69 -13.87
N ASN B 419 21.70 31.84 -12.95
CA ASN B 419 20.32 31.43 -13.18
C ASN B 419 19.65 32.28 -14.24
N ARG B 420 19.84 33.60 -14.17
CA ARG B 420 19.22 34.49 -15.14
C ARG B 420 19.71 34.17 -16.56
N LEU B 421 21.00 33.86 -16.69
CA LEU B 421 21.62 33.52 -17.99
C LEU B 421 21.13 32.14 -18.46
N LEU B 422 21.23 31.11 -17.62
CA LEU B 422 20.83 29.72 -17.99
C LEU B 422 19.35 29.69 -18.34
N GLN B 423 18.49 30.27 -17.50
CA GLN B 423 17.03 30.30 -17.74
C GLN B 423 16.78 31.07 -19.04
N ASP B 424 17.50 32.17 -19.27
CA ASP B 424 17.40 32.91 -20.56
C ASP B 424 17.71 31.94 -21.68
N LYS B 425 18.91 31.32 -21.66
CA LYS B 425 19.33 30.32 -22.67
C LYS B 425 18.27 29.23 -22.81
N TRP B 426 17.60 28.85 -21.72
CA TRP B 426 16.53 27.81 -21.77
C TRP B 426 15.39 28.33 -22.66
N ASP B 427 14.95 29.57 -22.47
CA ASP B 427 13.82 30.16 -23.23
C ASP B 427 14.36 30.89 -24.47
N ARG B 428 15.63 30.71 -24.84
CA ARG B 428 16.25 31.44 -25.96
C ARG B 428 16.46 30.50 -27.16
N PHE B 429 17.15 29.38 -26.99
CA PHE B 429 17.49 28.46 -28.11
C PHE B 429 17.25 27.07 -27.52
N VAL B 430 17.91 26.68 -26.43
CA VAL B 430 18.16 25.27 -25.99
C VAL B 430 16.84 24.51 -25.92
N LYS B 431 15.72 25.16 -25.57
CA LYS B 431 14.37 24.54 -25.52
C LYS B 431 13.89 24.30 -26.95
N ARG B 432 14.17 25.23 -27.86
CA ARG B 432 13.79 25.09 -29.30
C ARG B 432 14.52 23.86 -29.86
N ILE B 433 15.75 23.61 -29.42
CA ILE B 433 16.58 22.47 -29.89
C ILE B 433 16.25 21.23 -29.06
N PHE B 434 15.69 21.39 -27.85
CA PHE B 434 15.37 20.27 -26.92
C PHE B 434 13.98 19.75 -27.23
N TYR B 435 13.07 20.59 -27.76
CA TYR B 435 11.65 20.20 -28.04
C TYR B 435 11.51 19.79 -29.51
N PHE B 436 12.38 20.25 -30.41
CA PHE B 436 12.37 19.81 -31.83
C PHE B 436 13.05 18.44 -31.88
N ASN B 437 14.14 18.27 -31.13
CA ASN B 437 14.84 16.99 -30.99
C ASN B 437 13.96 15.97 -30.28
N PHE B 438 13.14 16.43 -29.34
CA PHE B 438 12.20 15.54 -28.66
C PHE B 438 11.20 14.95 -29.65
N PHE B 439 10.68 15.79 -30.54
CA PHE B 439 9.78 15.29 -31.59
C PHE B 439 10.51 14.31 -32.50
N VAL B 440 11.76 14.61 -32.85
CA VAL B 440 12.50 13.72 -33.73
C VAL B 440 12.68 12.36 -33.07
N TYR B 441 13.03 12.34 -31.78
CA TYR B 441 13.20 11.07 -31.09
C TYR B 441 11.88 10.33 -30.94
N CYS B 442 10.79 11.06 -30.70
CA CYS B 442 9.49 10.42 -30.62
C CYS B 442 9.13 9.74 -31.93
N LEU B 443 9.33 10.43 -33.05
CA LEU B 443 9.07 9.81 -34.35
C LEU B 443 9.99 8.61 -34.58
N TYR B 444 11.25 8.72 -34.14
CA TYR B 444 12.22 7.60 -34.26
C TYR B 444 11.70 6.39 -33.49
N MET B 445 11.15 6.59 -32.29
CA MET B 445 10.65 5.48 -31.43
C MET B 445 9.33 4.94 -31.97
N ILE B 446 8.54 5.75 -32.67
CA ILE B 446 7.26 5.33 -33.30
C ILE B 446 7.58 4.49 -34.55
N ILE B 447 8.63 4.84 -35.30
CA ILE B 447 9.03 4.06 -36.48
C ILE B 447 9.70 2.75 -36.06
N PHE B 448 10.46 2.81 -34.96
CA PHE B 448 11.21 1.63 -34.44
C PHE B 448 10.20 0.61 -33.89
N THR B 449 9.07 1.06 -33.34
CA THR B 449 8.03 0.16 -32.77
C THR B 449 7.14 -0.35 -33.92
N ALA B 450 6.99 0.40 -35.01
CA ALA B 450 6.30 -0.09 -36.20
C ALA B 450 7.11 -1.16 -36.90
N ALA B 451 8.42 -0.95 -37.04
CA ALA B 451 9.27 -1.93 -37.70
C ALA B 451 9.36 -3.22 -36.89
N ALA B 452 9.49 -3.10 -35.56
CA ALA B 452 9.64 -4.28 -34.73
C ALA B 452 8.36 -5.08 -34.62
N TYR B 453 7.21 -4.42 -34.45
CA TYR B 453 5.96 -5.13 -34.27
C TYR B 453 5.61 -5.96 -35.49
N TYR B 454 5.87 -5.44 -36.69
CA TYR B 454 5.49 -6.09 -37.93
C TYR B 454 6.59 -7.01 -38.47
N ARG B 455 7.44 -7.54 -37.59
CA ARG B 455 8.49 -8.43 -38.06
C ARG B 455 7.87 -9.67 -38.68
N PRO B 456 8.35 -10.11 -39.84
CA PRO B 456 7.83 -11.35 -40.42
C PRO B 456 8.24 -12.57 -39.59
N VAL B 457 7.41 -13.59 -39.62
CA VAL B 457 7.63 -14.82 -38.88
C VAL B 457 7.91 -15.91 -39.91
N LEU B 460 15.17 -19.15 -40.44
CA LEU B 460 16.24 -18.26 -39.91
C LEU B 460 16.39 -17.05 -40.83
N PRO B 461 16.93 -15.90 -40.35
CA PRO B 461 17.12 -14.71 -41.19
C PRO B 461 18.49 -14.72 -41.84
N PRO B 462 18.77 -13.78 -42.75
CA PRO B 462 17.91 -12.67 -43.20
C PRO B 462 16.73 -13.12 -44.07
N TYR B 463 15.86 -12.17 -44.42
CA TYR B 463 14.64 -12.45 -45.16
C TYR B 463 14.62 -11.69 -46.48
N LYS B 464 13.71 -12.11 -47.36
CA LYS B 464 13.54 -11.45 -48.65
C LYS B 464 12.54 -10.30 -48.52
N LEU B 465 12.34 -9.58 -49.63
CA LEU B 465 11.45 -8.42 -49.67
C LEU B 465 10.27 -8.77 -50.58
N LYS B 466 9.11 -8.98 -49.97
CA LYS B 466 7.90 -9.25 -50.74
C LYS B 466 7.42 -7.98 -51.44
N ASN B 467 6.83 -8.15 -52.62
CA ASN B 467 6.29 -7.03 -53.39
C ASN B 467 4.98 -6.59 -52.75
N THR B 468 5.10 -5.73 -51.76
CA THR B 468 3.93 -5.19 -51.06
C THR B 468 4.32 -3.88 -50.40
N VAL B 469 3.40 -2.92 -50.45
CA VAL B 469 3.66 -1.60 -49.87
C VAL B 469 3.98 -1.73 -48.38
N GLY B 470 3.26 -2.61 -47.69
CA GLY B 470 3.55 -2.84 -46.28
C GLY B 470 4.96 -3.35 -46.06
N ASP B 471 5.41 -4.25 -46.93
CA ASP B 471 6.78 -4.76 -46.80
C ASP B 471 7.80 -3.65 -47.01
N TYR B 472 7.56 -2.78 -47.99
CA TYR B 472 8.46 -1.66 -48.20
C TYR B 472 8.49 -0.73 -46.99
N PHE B 473 7.32 -0.44 -46.42
CA PHE B 473 7.26 0.37 -45.21
C PHE B 473 8.06 -0.28 -44.07
N ARG B 474 7.89 -1.59 -43.89
CA ARG B 474 8.61 -2.29 -42.84
C ARG B 474 10.12 -2.23 -43.05
N VAL B 475 10.54 -2.45 -44.31
CA VAL B 475 11.99 -2.49 -44.67
C VAL B 475 12.62 -1.12 -44.47
N THR B 476 11.94 -0.03 -44.85
CA THR B 476 12.47 1.31 -44.62
C THR B 476 12.46 1.66 -43.14
N GLY B 477 11.41 1.24 -42.42
CA GLY B 477 11.36 1.53 -40.99
C GLY B 477 12.47 0.86 -40.21
N GLU B 478 12.73 -0.42 -40.49
CA GLU B 478 13.79 -1.11 -39.77
C GLU B 478 15.17 -0.57 -40.15
N ILE B 479 15.35 -0.21 -41.42
CA ILE B 479 16.63 0.39 -41.91
C ILE B 479 16.84 1.73 -41.19
N LEU B 480 15.77 2.50 -40.98
CA LEU B 480 15.84 3.85 -40.36
C LEU B 480 16.03 3.72 -38.85
N SER B 481 15.47 2.67 -38.22
CA SER B 481 15.61 2.44 -36.76
C SER B 481 17.05 2.02 -36.50
N VAL B 482 17.63 1.17 -37.35
CA VAL B 482 19.04 0.71 -37.22
C VAL B 482 19.96 1.92 -37.38
N SER B 483 19.70 2.80 -38.37
CA SER B 483 20.50 4.00 -38.57
C SER B 483 20.49 4.88 -37.34
N GLY B 484 19.31 5.10 -36.75
CA GLY B 484 19.25 5.89 -35.53
C GLY B 484 20.01 5.25 -34.39
N GLY B 485 19.97 3.92 -34.31
CA GLY B 485 20.66 3.15 -33.25
C GLY B 485 22.17 3.18 -33.43
N VAL B 486 22.68 3.35 -34.66
CA VAL B 486 24.15 3.45 -34.91
C VAL B 486 24.54 4.92 -34.72
N TYR B 487 23.60 5.86 -34.88
CA TYR B 487 23.85 7.27 -34.58
C TYR B 487 24.00 7.49 -33.08
N PHE B 488 23.13 6.87 -32.29
CA PHE B 488 23.25 6.95 -30.85
C PHE B 488 24.55 6.30 -30.36
N PHE B 489 24.94 5.21 -31.02
CA PHE B 489 26.19 4.46 -30.68
C PHE B 489 27.39 5.36 -30.92
N PHE B 490 27.42 6.14 -32.01
CA PHE B 490 28.51 7.07 -32.29
C PHE B 490 28.47 8.26 -31.34
N ARG B 491 27.27 8.75 -31.00
CA ARG B 491 27.18 9.83 -30.03
C ARG B 491 27.76 9.41 -28.68
N GLY B 492 27.45 8.19 -28.24
CA GLY B 492 27.98 7.71 -26.98
C GLY B 492 29.49 7.56 -27.01
N ILE B 493 30.02 7.02 -28.11
CA ILE B 493 31.47 6.87 -28.22
C ILE B 493 32.15 8.24 -28.21
N GLN B 494 31.55 9.22 -28.91
CA GLN B 494 32.09 10.57 -28.90
C GLN B 494 32.08 11.14 -27.49
N TYR B 495 31.00 10.89 -26.74
CA TYR B 495 30.88 11.37 -25.34
C TYR B 495 32.02 10.75 -24.52
N PHE B 496 32.29 9.45 -24.68
CA PHE B 496 33.33 8.79 -23.91
C PHE B 496 34.71 9.35 -24.26
N LEU B 497 35.00 9.50 -25.55
CA LEU B 497 36.30 10.02 -25.96
C LEU B 497 36.50 11.45 -25.46
N GLN B 498 35.47 12.29 -25.57
CA GLN B 498 35.63 13.70 -25.29
C GLN B 498 35.68 13.98 -23.79
N ARG B 499 34.62 13.66 -23.07
CA ARG B 499 34.58 13.98 -21.63
C ARG B 499 35.64 13.17 -20.87
N ARG B 500 35.81 11.91 -21.22
CA ARG B 500 36.83 11.07 -20.59
C ARG B 500 36.60 11.00 -19.08
N PRO B 501 35.55 10.32 -18.63
CA PRO B 501 35.38 10.11 -17.19
C PRO B 501 36.54 9.34 -16.60
N SER B 502 36.60 9.33 -15.27
CA SER B 502 37.74 8.79 -14.53
C SER B 502 37.57 7.33 -14.15
N LEU B 503 36.75 6.59 -14.91
CA LEU B 503 36.48 5.15 -14.63
C LEU B 503 36.01 5.02 -13.17
N LYS B 504 35.40 6.08 -12.61
CA LYS B 504 34.90 6.10 -11.21
C LYS B 504 33.37 6.10 -11.20
N SER B 505 32.74 4.97 -10.87
CA SER B 505 31.26 4.85 -10.79
C SER B 505 30.44 5.71 -11.75
N LEU B 506 30.79 5.72 -13.04
CA LEU B 506 30.14 6.58 -14.08
C LEU B 506 28.76 6.04 -14.44
N PHE B 507 28.24 5.06 -13.68
CA PHE B 507 26.93 4.42 -13.91
C PHE B 507 25.83 5.23 -13.23
N VAL B 508 26.08 5.69 -12.00
CA VAL B 508 25.13 6.56 -11.25
C VAL B 508 25.28 7.98 -11.79
N ASP B 509 26.51 8.39 -12.15
CA ASP B 509 26.79 9.73 -12.71
C ASP B 509 26.52 9.69 -14.22
N SER B 510 25.82 10.68 -14.77
CA SER B 510 25.49 10.75 -16.20
C SER B 510 24.91 9.41 -16.68
N TYR B 511 24.02 8.83 -15.87
CA TYR B 511 23.41 7.51 -16.16
C TYR B 511 22.50 7.57 -17.39
N SER B 512 22.02 8.75 -17.79
CA SER B 512 21.18 8.93 -19.00
C SER B 512 21.96 8.52 -20.25
N GLU B 513 23.22 8.93 -20.38
CA GLU B 513 24.01 8.68 -21.57
C GLU B 513 24.43 7.21 -21.66
N ILE B 514 24.74 6.61 -20.50
CA ILE B 514 25.16 5.18 -20.42
C ILE B 514 23.96 4.32 -20.77
N LEU B 515 22.73 4.74 -20.42
CA LEU B 515 21.52 4.00 -20.81
C LEU B 515 21.26 4.09 -22.31
N PHE B 516 21.46 5.29 -22.88
CA PHE B 516 21.27 5.53 -24.34
C PHE B 516 22.33 4.74 -25.12
N PHE B 517 23.54 4.56 -24.58
CA PHE B 517 24.57 3.75 -25.20
C PHE B 517 24.22 2.27 -25.13
N VAL B 518 23.57 1.86 -24.04
CA VAL B 518 23.10 0.44 -23.87
C VAL B 518 22.04 0.16 -24.94
N GLN B 519 21.14 1.12 -25.20
CA GLN B 519 20.05 0.95 -26.20
C GLN B 519 20.66 0.85 -27.60
N SER B 520 21.61 1.73 -27.93
CA SER B 520 22.30 1.72 -29.24
C SER B 520 23.05 0.39 -29.37
N LEU B 521 23.65 -0.09 -28.28
CA LEU B 521 24.40 -1.38 -28.26
C LEU B 521 23.40 -2.52 -28.51
N PHE B 522 22.21 -2.47 -27.89
CA PHE B 522 21.16 -3.50 -28.09
C PHE B 522 20.71 -3.50 -29.55
N MET B 523 20.67 -2.32 -30.19
CA MET B 523 20.24 -2.20 -31.61
C MET B 523 21.33 -2.75 -32.53
N LEU B 524 22.61 -2.43 -32.32
CA LEU B 524 23.70 -2.84 -33.24
C LEU B 524 24.06 -4.32 -33.00
N VAL B 525 23.83 -4.86 -31.80
CA VAL B 525 24.07 -6.31 -31.53
C VAL B 525 22.85 -7.09 -32.06
N SER B 526 21.72 -6.41 -32.29
CA SER B 526 20.52 -7.02 -32.90
C SER B 526 20.70 -7.03 -34.42
N VAL B 527 21.62 -6.20 -34.92
CA VAL B 527 21.89 -6.08 -36.38
C VAL B 527 22.87 -7.18 -36.80
N VAL B 528 23.92 -7.45 -36.01
CA VAL B 528 24.92 -8.44 -36.38
C VAL B 528 24.36 -9.85 -36.25
N LEU B 529 23.60 -10.12 -35.19
CA LEU B 529 22.97 -11.43 -35.06
C LEU B 529 22.00 -11.69 -36.20
N TYR B 530 21.23 -10.68 -36.59
CA TYR B 530 20.27 -10.86 -37.67
C TYR B 530 20.98 -11.23 -38.97
N PHE B 531 22.10 -10.58 -39.27
CA PHE B 531 22.89 -10.99 -40.42
C PHE B 531 23.70 -12.26 -40.18
N SER B 532 23.73 -12.76 -38.94
CA SER B 532 24.45 -13.99 -38.62
C SER B 532 23.55 -15.21 -38.65
N GLN B 533 22.32 -15.10 -39.15
CA GLN B 533 21.40 -16.25 -39.29
C GLN B 533 21.13 -16.89 -37.94
N ARG B 534 20.68 -16.13 -36.94
CA ARG B 534 20.30 -16.63 -35.63
C ARG B 534 19.06 -15.86 -35.16
N LYS B 535 18.20 -16.52 -34.37
CA LYS B 535 16.90 -15.92 -33.96
C LYS B 535 17.06 -15.15 -32.63
N GLU B 536 18.27 -15.03 -32.09
CA GLU B 536 18.51 -14.25 -30.85
C GLU B 536 18.41 -12.75 -31.17
N TYR B 537 18.29 -12.39 -32.45
CA TYR B 537 18.14 -10.99 -32.89
C TYR B 537 16.82 -10.43 -32.35
N VAL B 538 15.78 -11.27 -32.25
CA VAL B 538 14.43 -10.84 -31.76
C VAL B 538 14.54 -10.61 -30.25
N ALA B 539 15.27 -11.45 -29.53
CA ALA B 539 15.50 -11.27 -28.08
C ALA B 539 16.19 -9.92 -27.89
N SER B 540 17.15 -9.58 -28.75
CA SER B 540 17.87 -8.31 -28.69
C SER B 540 16.95 -7.16 -29.10
N MET B 541 16.10 -7.35 -30.13
CA MET B 541 15.22 -6.27 -30.66
C MET B 541 14.18 -5.90 -29.61
N VAL B 542 13.61 -6.88 -28.88
CA VAL B 542 12.57 -6.62 -27.85
C VAL B 542 13.23 -5.87 -26.71
N PHE B 543 14.51 -6.15 -26.41
CA PHE B 543 15.28 -5.50 -25.32
C PHE B 543 15.63 -4.06 -25.73
N SER B 544 15.99 -3.82 -27.00
CA SER B 544 16.25 -2.45 -27.52
C SER B 544 14.92 -1.70 -27.58
N LEU B 545 13.82 -2.37 -27.90
CA LEU B 545 12.47 -1.75 -27.93
C LEU B 545 12.05 -1.42 -26.49
N ALA B 546 12.44 -2.25 -25.53
CA ALA B 546 12.07 -2.06 -24.10
C ALA B 546 13.03 -1.07 -23.42
N MET B 547 14.17 -0.75 -24.05
CA MET B 547 15.18 0.18 -23.47
C MET B 547 14.88 1.60 -23.95
N GLY B 548 14.49 1.78 -25.22
CA GLY B 548 14.15 3.07 -25.81
C GLY B 548 12.89 3.66 -25.22
N TRP B 549 11.84 2.84 -25.11
CA TRP B 549 10.57 3.38 -24.63
C TRP B 549 10.69 3.85 -23.18
N THR B 550 11.36 3.08 -22.32
CA THR B 550 11.51 3.42 -20.88
C THR B 550 12.48 4.61 -20.76
N ASN B 551 13.49 4.74 -21.64
CA ASN B 551 14.43 5.84 -21.61
C ASN B 551 13.85 7.11 -22.20
N MET B 552 12.69 7.00 -22.87
CA MET B 552 11.97 8.20 -23.31
C MET B 552 11.88 9.26 -22.23
N LEU B 553 11.96 8.88 -20.96
CA LEU B 553 11.83 9.85 -19.88
C LEU B 553 12.94 10.89 -19.89
N TYR B 554 14.02 10.66 -20.65
CA TYR B 554 15.12 11.61 -20.66
C TYR B 554 14.66 13.01 -21.03
N TYR B 555 13.60 13.12 -21.82
CA TYR B 555 13.11 14.42 -22.27
C TYR B 555 12.10 15.04 -21.33
N THR B 556 11.88 14.43 -20.16
CA THR B 556 10.97 15.00 -19.12
C THR B 556 11.57 16.31 -18.63
N ARG B 557 12.88 16.54 -18.82
CA ARG B 557 13.50 17.79 -18.45
C ARG B 557 13.01 18.91 -19.36
N GLY B 558 13.08 20.15 -18.89
CA GLY B 558 12.50 21.29 -19.63
C GLY B 558 11.15 21.59 -19.04
N PHE B 559 10.54 20.64 -18.30
CA PHE B 559 9.27 20.83 -17.62
C PHE B 559 9.53 20.67 -16.13
N GLN B 560 9.18 21.70 -15.35
CA GLN B 560 9.65 21.75 -13.97
C GLN B 560 9.18 20.55 -13.17
N GLN B 561 7.86 20.41 -12.97
CA GLN B 561 7.34 19.38 -12.10
C GLN B 561 7.68 17.98 -12.62
N MET B 562 7.60 17.81 -13.94
CA MET B 562 7.88 16.49 -14.59
C MET B 562 9.36 16.15 -14.44
N GLY B 563 10.27 17.14 -14.48
CA GLY B 563 11.68 16.89 -14.24
C GLY B 563 11.97 16.53 -12.80
N ILE B 564 11.30 17.22 -11.87
CA ILE B 564 11.45 16.94 -10.42
C ILE B 564 10.97 15.51 -10.17
N TYR B 565 9.89 15.05 -10.82
CA TYR B 565 9.40 13.69 -10.66
C TYR B 565 10.41 12.68 -11.20
N ALA B 566 10.99 12.96 -12.37
CA ALA B 566 11.93 12.03 -12.98
C ALA B 566 13.17 11.86 -12.11
N VAL B 567 13.74 12.97 -11.62
CA VAL B 567 14.99 12.93 -10.80
C VAL B 567 14.67 12.22 -9.49
N MET B 568 13.50 12.51 -8.89
CA MET B 568 13.09 11.91 -7.59
C MET B 568 13.01 10.39 -7.72
N ILE B 569 12.38 9.88 -8.77
CA ILE B 569 12.26 8.40 -9.01
C ILE B 569 13.66 7.84 -9.23
N GLU B 570 14.49 8.51 -10.04
CA GLU B 570 15.85 8.01 -10.37
C GLU B 570 16.64 7.78 -9.09
N LYS B 571 16.76 8.79 -8.22
CA LYS B 571 17.55 8.68 -6.97
C LYS B 571 16.88 7.67 -6.03
N MET B 572 15.54 7.57 -6.05
CA MET B 572 14.80 6.60 -5.21
C MET B 572 15.24 5.19 -5.62
N ILE B 573 15.41 4.92 -6.93
CA ILE B 573 15.88 3.61 -7.43
C ILE B 573 17.31 3.39 -6.93
N LEU B 574 18.15 4.42 -6.99
CA LEU B 574 19.57 4.34 -6.57
C LEU B 574 19.66 4.12 -5.07
N ARG B 575 18.61 4.45 -4.30
CA ARG B 575 18.65 4.38 -2.81
C ARG B 575 17.68 3.33 -2.27
N ASP B 576 16.37 3.60 -2.24
CA ASP B 576 15.36 2.71 -1.60
C ASP B 576 15.23 1.37 -2.34
N LEU B 577 15.23 1.33 -3.67
CA LEU B 577 15.03 0.10 -4.41
C LEU B 577 16.25 -0.80 -4.32
N CYS B 578 17.45 -0.22 -4.34
CA CYS B 578 18.66 -1.03 -4.24
C CYS B 578 18.72 -1.76 -2.90
N ARG B 579 18.56 -1.03 -1.78
CA ARG B 579 18.65 -1.69 -0.48
C ARG B 579 17.54 -2.72 -0.30
N PHE B 580 16.31 -2.33 -0.63
CA PHE B 580 15.19 -3.25 -0.48
C PHE B 580 15.37 -4.48 -1.35
N MET B 581 15.87 -4.32 -2.57
CA MET B 581 16.06 -5.47 -3.44
C MET B 581 17.14 -6.39 -2.89
N PHE B 582 18.22 -5.84 -2.35
CA PHE B 582 19.23 -6.70 -1.74
C PHE B 582 18.62 -7.56 -0.65
N VAL B 583 17.93 -6.93 0.30
CA VAL B 583 17.42 -7.69 1.44
C VAL B 583 16.32 -8.65 1.01
N TYR B 584 15.46 -8.21 0.10
CA TYR B 584 14.38 -9.06 -0.39
C TYR B 584 14.92 -10.26 -1.14
N LEU B 585 15.98 -10.07 -1.92
CA LEU B 585 16.60 -11.19 -2.69
C LEU B 585 17.14 -12.22 -1.69
N VAL B 586 17.76 -11.77 -0.60
CA VAL B 586 18.31 -12.67 0.46
C VAL B 586 17.16 -13.51 1.04
N PHE B 587 16.10 -12.85 1.53
CA PHE B 587 14.95 -13.55 2.17
C PHE B 587 14.25 -14.45 1.16
N LEU B 588 13.94 -13.95 -0.04
CA LEU B 588 13.20 -14.73 -1.06
C LEU B 588 14.01 -15.98 -1.42
N PHE B 589 15.29 -15.83 -1.75
CA PHE B 589 16.15 -16.97 -2.17
C PHE B 589 16.23 -17.98 -1.03
N GLY B 590 16.49 -17.51 0.20
CA GLY B 590 16.65 -18.40 1.37
C GLY B 590 15.39 -19.18 1.69
N PHE B 591 14.23 -18.51 1.73
CA PHE B 591 12.93 -19.15 2.05
C PHE B 591 12.54 -20.08 0.90
N SER B 592 12.86 -19.72 -0.34
CA SER B 592 12.57 -20.54 -1.54
C SER B 592 13.56 -21.70 -1.61
N THR B 593 14.75 -21.56 -1.01
CA THR B 593 15.80 -22.61 -0.99
C THR B 593 15.45 -23.61 0.11
N ALA B 594 14.67 -23.20 1.12
CA ALA B 594 14.25 -24.07 2.23
C ALA B 594 13.01 -24.87 1.80
N VAL B 595 12.14 -24.29 0.96
CA VAL B 595 10.97 -24.97 0.43
C VAL B 595 11.40 -26.07 -0.54
N VAL B 596 12.27 -25.72 -1.50
CA VAL B 596 12.63 -26.69 -2.53
C VAL B 596 13.38 -27.86 -1.93
N THR B 597 14.09 -27.65 -0.82
CA THR B 597 14.67 -28.78 -0.11
C THR B 597 13.59 -29.62 0.55
N LEU B 598 12.58 -28.97 1.14
CA LEU B 598 11.47 -29.67 1.84
C LEU B 598 10.61 -30.43 0.82
N ILE B 599 10.30 -29.83 -0.33
CA ILE B 599 9.42 -30.46 -1.36
C ILE B 599 10.12 -31.70 -1.89
N GLU B 600 9.37 -32.77 -2.15
CA GLU B 600 9.92 -34.04 -2.62
C GLU B 600 10.12 -34.04 -4.13
N ASP B 601 9.04 -33.90 -4.88
CA ASP B 601 9.11 -33.94 -6.34
C ASP B 601 7.82 -33.39 -6.92
N GLY B 602 7.90 -32.98 -8.18
CA GLY B 602 6.76 -32.47 -8.90
C GLY B 602 7.17 -31.31 -9.77
N LYS B 603 6.16 -30.62 -10.31
CA LYS B 603 6.43 -29.46 -11.16
C LYS B 603 7.23 -28.40 -10.42
N TYR B 604 7.03 -28.29 -9.11
CA TYR B 604 7.66 -27.26 -8.30
C TYR B 604 8.88 -27.76 -7.54
N ASN B 605 9.48 -28.86 -7.99
CA ASN B 605 10.69 -29.38 -7.36
C ASN B 605 11.95 -28.73 -7.86
N SER B 606 11.86 -27.79 -8.79
CA SER B 606 13.00 -27.05 -9.29
C SER B 606 13.14 -25.75 -8.50
N LEU B 607 14.40 -25.31 -8.33
CA LEU B 607 14.65 -24.08 -7.58
C LEU B 607 13.98 -22.89 -8.25
N TYR B 608 14.05 -22.83 -9.58
CA TYR B 608 13.43 -21.71 -10.30
C TYR B 608 11.93 -21.69 -10.09
N SER B 609 11.28 -22.85 -10.19
CA SER B 609 9.82 -22.89 -10.02
C SER B 609 9.42 -22.47 -8.61
N THR B 610 10.13 -22.97 -7.60
CA THR B 610 9.80 -22.61 -6.23
C THR B 610 10.03 -21.12 -5.99
N CYS B 611 11.12 -20.58 -6.54
CA CYS B 611 11.35 -19.15 -6.42
C CYS B 611 10.23 -18.36 -7.06
N LEU B 612 9.76 -18.80 -8.23
CA LEU B 612 8.66 -18.11 -8.89
C LEU B 612 7.39 -18.15 -8.05
N GLU B 613 7.07 -19.32 -7.48
CA GLU B 613 5.87 -19.50 -6.61
C GLU B 613 5.99 -18.56 -5.41
N LEU B 614 7.17 -18.48 -4.81
CA LEU B 614 7.42 -17.63 -3.61
C LEU B 614 7.29 -16.16 -4.03
N PHE B 615 7.79 -15.78 -5.21
CA PHE B 615 7.72 -14.40 -5.68
C PHE B 615 6.28 -13.99 -5.95
N LYS B 616 5.46 -14.91 -6.44
CA LYS B 616 4.07 -14.58 -6.76
C LYS B 616 3.36 -13.91 -5.59
N PHE B 617 3.87 -14.12 -4.37
CA PHE B 617 3.24 -13.50 -3.20
C PHE B 617 3.33 -11.98 -3.24
N THR B 618 4.50 -11.43 -3.60
CA THR B 618 4.70 -9.96 -3.56
C THR B 618 3.70 -9.23 -4.46
N ILE B 619 3.22 -9.85 -5.54
CA ILE B 619 2.33 -9.20 -6.49
C ILE B 619 0.86 -9.55 -6.21
N GLY B 620 0.54 -9.90 -4.98
CA GLY B 620 -0.84 -10.19 -4.63
C GLY B 620 -1.41 -11.43 -5.29
N MET B 621 -0.58 -12.48 -5.38
CA MET B 621 -1.01 -13.76 -6.00
C MET B 621 -0.60 -14.95 -5.11
N GLY B 622 -0.11 -14.72 -3.88
CA GLY B 622 0.34 -15.82 -3.06
C GLY B 622 -0.73 -16.89 -2.93
N ASP B 623 -0.39 -18.12 -3.33
CA ASP B 623 -1.37 -19.24 -3.38
C ASP B 623 -1.44 -20.01 -2.06
N LEU B 624 -0.30 -20.31 -1.42
CA LEU B 624 -0.26 -21.04 -0.12
C LEU B 624 -0.79 -22.48 -0.29
N GLU B 625 -1.07 -22.95 -1.51
CA GLU B 625 -1.48 -24.33 -1.73
C GLU B 625 -0.91 -24.87 -3.04
N PHE B 626 0.14 -24.25 -3.57
CA PHE B 626 0.60 -24.58 -4.92
C PHE B 626 1.23 -25.96 -5.02
N THR B 627 1.52 -26.62 -3.91
CA THR B 627 2.18 -27.95 -3.94
C THR B 627 1.76 -28.76 -2.72
N GLU B 628 1.56 -30.07 -2.89
CA GLU B 628 1.19 -30.98 -1.79
C GLU B 628 2.13 -32.20 -1.86
N ASN B 629 3.26 -32.10 -2.60
CA ASN B 629 4.23 -33.18 -2.66
C ASN B 629 5.26 -33.01 -1.55
N TYR B 630 4.78 -33.07 -0.30
CA TYR B 630 5.68 -33.02 0.88
C TYR B 630 5.08 -33.94 1.95
N ASP B 631 5.92 -34.46 2.83
CA ASP B 631 5.49 -35.38 3.91
C ASP B 631 4.90 -34.56 5.05
N PHE B 632 5.28 -33.27 5.21
CA PHE B 632 4.93 -32.49 6.40
C PHE B 632 4.24 -31.21 5.95
N LYS B 633 2.93 -31.12 6.21
CA LYS B 633 2.19 -29.90 5.91
C LYS B 633 2.46 -28.82 6.94
N ALA B 634 2.71 -29.22 8.19
CA ALA B 634 3.01 -28.24 9.23
C ALA B 634 4.26 -27.45 8.89
N VAL B 635 5.31 -28.15 8.44
CA VAL B 635 6.62 -27.53 8.13
C VAL B 635 6.46 -26.61 6.92
N PHE B 636 5.67 -26.98 5.91
CA PHE B 636 5.44 -26.16 4.74
C PHE B 636 4.64 -24.91 5.09
N ILE B 637 3.57 -25.07 5.86
CA ILE B 637 2.73 -23.94 6.23
C ILE B 637 3.50 -22.96 7.11
N ILE B 638 4.27 -23.49 8.07
CA ILE B 638 5.04 -22.60 8.94
C ILE B 638 6.04 -21.80 8.11
N LEU B 639 6.74 -22.46 7.19
CA LEU B 639 7.72 -21.75 6.37
C LEU B 639 7.06 -20.69 5.50
N LEU B 640 5.93 -21.03 4.87
CA LEU B 640 5.26 -20.08 3.99
C LEU B 640 4.72 -18.89 4.77
N LEU B 641 4.13 -19.14 5.94
CA LEU B 641 3.64 -18.05 6.77
C LEU B 641 4.79 -17.17 7.24
N ALA B 642 5.92 -17.77 7.61
CA ALA B 642 7.06 -16.98 8.03
C ALA B 642 7.56 -16.12 6.88
N TYR B 643 7.64 -16.68 5.68
CA TYR B 643 8.08 -15.91 4.52
C TYR B 643 7.12 -14.75 4.25
N VAL B 644 5.81 -15.01 4.33
CA VAL B 644 4.84 -13.96 4.07
C VAL B 644 4.98 -12.84 5.08
N ILE B 645 5.05 -13.21 6.37
CA ILE B 645 5.17 -12.19 7.42
C ILE B 645 6.46 -11.39 7.24
N LEU B 646 7.56 -12.07 6.93
CA LEU B 646 8.84 -11.38 6.83
C LEU B 646 8.89 -10.46 5.62
N THR B 647 8.34 -10.89 4.48
CA THR B 647 8.45 -10.08 3.27
C THR B 647 7.24 -9.19 3.03
N TYR B 648 6.07 -9.79 2.80
CA TYR B 648 4.93 -9.00 2.31
C TYR B 648 4.47 -8.00 3.35
N ILE B 649 4.22 -8.47 4.58
CA ILE B 649 3.63 -7.65 5.70
C ILE B 649 4.69 -6.79 6.41
N LEU B 650 5.98 -7.02 6.19
CA LEU B 650 7.01 -6.17 6.85
C LEU B 650 7.88 -5.37 5.88
N LEU B 651 8.46 -5.96 4.83
CA LEU B 651 9.44 -5.24 4.02
C LEU B 651 8.76 -4.25 3.08
N LEU B 652 7.66 -4.64 2.44
CA LEU B 652 7.01 -3.73 1.49
C LEU B 652 6.46 -2.50 2.21
N ASN B 653 5.81 -2.69 3.35
CA ASN B 653 5.27 -1.55 4.08
C ASN B 653 6.40 -0.67 4.61
N MET B 654 7.48 -1.28 5.09
CA MET B 654 8.67 -0.54 5.60
C MET B 654 9.32 0.20 4.43
N LEU B 655 9.24 -0.34 3.21
CA LEU B 655 9.73 0.35 2.02
C LEU B 655 8.88 1.56 1.70
N ILE B 656 7.56 1.42 1.83
CA ILE B 656 6.58 2.52 1.56
C ILE B 656 6.84 3.63 2.59
N ALA B 657 7.19 3.28 3.83
CA ALA B 657 7.52 4.26 4.85
C ALA B 657 8.83 4.97 4.54
N LEU B 658 9.84 4.21 4.12
CA LEU B 658 11.13 4.80 3.78
C LEU B 658 11.01 5.75 2.60
N MET B 659 10.17 5.36 1.62
CA MET B 659 9.93 6.18 0.40
C MET B 659 9.23 7.48 0.82
N GLY B 660 8.32 7.43 1.81
CA GLY B 660 7.68 8.64 2.32
C GLY B 660 8.65 9.57 3.01
N GLU B 661 9.48 9.00 3.89
CA GLU B 661 10.50 9.78 4.64
C GLU B 661 11.46 10.44 3.64
N THR B 662 11.99 9.68 2.68
CA THR B 662 12.96 10.19 1.66
C THR B 662 12.29 11.27 0.81
N VAL B 663 11.02 11.10 0.48
CA VAL B 663 10.25 12.09 -0.35
C VAL B 663 10.11 13.38 0.47
N ASN B 664 9.88 13.27 1.79
CA ASN B 664 9.72 14.44 2.64
C ASN B 664 11.05 15.14 2.89
N LYS B 665 12.17 14.46 2.64
CA LYS B 665 13.48 15.02 2.96
C LYS B 665 14.15 15.80 1.82
N ILE B 666 13.75 15.60 0.57
CA ILE B 666 14.57 16.10 -0.58
C ILE B 666 13.85 17.00 -1.58
N ALA B 667 13.02 17.95 -1.15
CA ALA B 667 12.45 18.88 -2.11
C ALA B 667 13.52 19.79 -2.71
N GLN B 668 14.30 20.46 -1.86
CA GLN B 668 15.35 21.41 -2.32
C GLN B 668 16.42 20.64 -3.09
N GLU B 669 16.87 19.51 -2.53
CA GLU B 669 17.92 18.66 -3.15
C GLU B 669 17.49 18.26 -4.56
N SER B 670 16.23 17.87 -4.78
CA SER B 670 15.72 17.39 -6.10
C SER B 670 15.54 18.57 -7.05
N LYS B 671 15.27 19.77 -6.54
CA LYS B 671 15.16 21.01 -7.37
C LYS B 671 16.55 21.40 -7.85
N ASN B 672 17.57 21.30 -7.00
CA ASN B 672 18.96 21.73 -7.34
C ASN B 672 19.58 20.78 -8.36
N ILE B 673 19.37 19.46 -8.24
CA ILE B 673 19.90 18.46 -9.21
C ILE B 673 19.12 18.62 -10.52
N TRP B 674 17.83 18.96 -10.45
CA TRP B 674 17.01 19.23 -11.66
C TRP B 674 17.53 20.50 -12.31
N LYS B 675 17.96 21.48 -11.51
CA LYS B 675 18.53 22.75 -12.01
C LYS B 675 19.87 22.44 -12.69
N LEU B 676 20.58 21.40 -12.23
CA LEU B 676 21.87 20.98 -12.83
C LEU B 676 21.60 20.24 -14.15
N GLN B 677 20.47 19.55 -14.27
CA GLN B 677 20.07 18.83 -15.51
C GLN B 677 19.83 19.84 -16.63
N ARG B 678 18.87 20.76 -16.45
CA ARG B 678 18.50 21.75 -17.49
C ARG B 678 19.72 22.63 -17.81
N ALA B 679 20.51 23.01 -16.81
CA ALA B 679 21.71 23.86 -17.00
C ALA B 679 22.69 23.17 -17.94
N ILE B 680 22.96 21.88 -17.72
CA ILE B 680 23.89 21.10 -18.59
C ILE B 680 23.24 21.00 -19.98
N THR B 681 21.94 20.74 -20.04
CA THR B 681 21.18 20.64 -21.32
C THR B 681 21.37 21.95 -22.09
N ILE B 682 21.32 23.09 -21.41
CA ILE B 682 21.48 24.43 -22.04
C ILE B 682 22.84 24.49 -22.73
N LEU B 683 23.92 24.16 -22.01
CA LEU B 683 25.31 24.23 -22.56
C LEU B 683 25.47 23.15 -23.63
N ASP B 684 24.78 22.01 -23.52
CA ASP B 684 24.90 20.89 -24.47
C ASP B 684 24.41 21.31 -25.86
N THR B 685 23.27 22.00 -25.94
CA THR B 685 22.70 22.49 -27.23
C THR B 685 23.50 23.71 -27.68
N GLU B 686 24.06 24.47 -26.74
CA GLU B 686 24.88 25.67 -27.03
C GLU B 686 26.18 25.22 -27.69
N LYS B 687 26.57 23.96 -27.50
CA LYS B 687 27.81 23.38 -28.10
C LYS B 687 27.40 22.60 -29.36
N SER B 688 26.20 22.00 -29.37
CA SER B 688 25.68 21.26 -30.55
C SER B 688 25.48 22.25 -31.70
N PHE B 689 25.19 23.52 -31.39
CA PHE B 689 24.98 24.59 -32.41
C PHE B 689 25.64 25.88 -31.92
N ILE C 387 -20.15 46.83 -0.16
CA ILE C 387 -19.64 45.48 0.06
C ILE C 387 -20.61 44.43 -0.49
N ASP C 388 -21.90 44.59 -0.22
CA ASP C 388 -22.86 43.56 -0.62
C ASP C 388 -23.17 43.62 -2.11
N THR C 389 -23.82 44.70 -2.56
CA THR C 389 -24.20 44.81 -3.97
C THR C 389 -24.53 46.27 -4.28
N CYS C 390 -23.81 46.84 -5.23
CA CYS C 390 -24.15 48.13 -5.80
C CYS C 390 -24.66 48.05 -7.23
N GLU C 391 -24.86 46.84 -7.76
CA GLU C 391 -25.42 46.64 -9.09
C GLU C 391 -24.42 46.98 -10.18
N LYS C 392 -23.24 47.48 -9.81
CA LYS C 392 -22.16 47.74 -10.75
C LYS C 392 -20.91 46.95 -10.40
N ASN C 393 -20.49 46.98 -9.13
CA ASN C 393 -19.36 46.18 -8.67
C ASN C 393 -19.34 46.14 -7.14
N SER C 394 -19.26 44.94 -6.57
CA SER C 394 -19.20 44.76 -5.13
C SER C 394 -18.00 43.89 -4.79
N VAL C 395 -17.35 44.22 -3.66
CA VAL C 395 -16.10 43.52 -3.24
C VAL C 395 -16.33 42.02 -3.10
N LEU C 396 -17.54 41.60 -2.72
CA LEU C 396 -17.90 40.16 -2.57
C LEU C 396 -17.89 39.50 -3.95
N GLU C 397 -18.60 40.09 -4.93
CA GLU C 397 -18.65 39.55 -6.32
C GLU C 397 -17.26 39.70 -6.94
N VAL C 398 -16.53 40.77 -6.61
CA VAL C 398 -15.17 41.03 -7.16
C VAL C 398 -14.30 39.82 -6.80
N ILE C 399 -14.32 39.38 -5.53
CA ILE C 399 -13.54 38.24 -5.08
C ILE C 399 -14.04 36.97 -5.76
N ALA C 400 -15.34 36.71 -5.70
CA ALA C 400 -15.94 35.44 -6.17
C ALA C 400 -15.85 35.22 -7.68
N TYR C 401 -15.91 36.26 -8.52
CA TYR C 401 -16.00 36.09 -9.99
C TYR C 401 -14.67 36.35 -10.70
N SER C 402 -13.66 36.90 -10.02
CA SER C 402 -12.32 37.17 -10.59
C SER C 402 -11.69 35.84 -11.02
N SER C 403 -10.94 35.82 -12.13
CA SER C 403 -10.31 34.62 -12.62
C SER C 403 -9.17 34.17 -11.70
N SER C 404 -8.65 32.98 -11.97
CA SER C 404 -7.57 32.44 -11.15
C SER C 404 -6.29 33.24 -11.30
N GLU C 405 -6.25 34.14 -12.28
CA GLU C 405 -5.08 35.00 -12.47
C GLU C 405 -4.74 35.78 -11.21
N THR C 406 -5.73 36.10 -10.38
CA THR C 406 -5.45 36.90 -9.19
C THR C 406 -4.44 36.16 -8.31
N PRO C 407 -3.39 36.86 -7.83
CA PRO C 407 -2.32 36.15 -7.09
C PRO C 407 -2.81 35.42 -5.85
N ASN C 408 -3.74 36.00 -5.09
CA ASN C 408 -4.16 35.46 -3.81
C ASN C 408 -5.67 35.49 -3.67
N ARG C 409 -6.37 34.94 -4.66
CA ARG C 409 -7.85 34.91 -4.65
C ARG C 409 -8.32 34.00 -3.51
N HIS C 410 -7.48 33.10 -3.00
CA HIS C 410 -7.94 32.09 -2.00
C HIS C 410 -7.94 32.66 -0.58
N ASP C 411 -7.09 33.63 -0.24
CA ASP C 411 -6.97 34.10 1.13
C ASP C 411 -7.78 35.35 1.42
N MET C 412 -8.45 35.93 0.42
CA MET C 412 -9.18 37.18 0.65
C MET C 412 -10.31 36.99 1.65
N LEU C 413 -11.00 35.85 1.58
CA LEU C 413 -12.18 35.60 2.45
C LEU C 413 -11.71 35.36 3.90
N LEU C 414 -10.40 35.24 4.17
CA LEU C 414 -9.95 34.92 5.52
C LEU C 414 -10.15 36.07 6.50
N VAL C 415 -10.30 37.29 5.97
CA VAL C 415 -10.51 38.52 6.80
C VAL C 415 -11.76 38.32 7.66
N GLU C 416 -11.88 39.03 8.79
CA GLU C 416 -13.04 38.91 9.67
C GLU C 416 -14.36 39.26 8.99
N PRO C 417 -14.51 40.42 8.33
CA PRO C 417 -15.84 40.82 7.88
C PRO C 417 -16.45 39.89 6.85
N LEU C 418 -15.69 39.60 5.79
CA LEU C 418 -16.14 38.72 4.67
C LEU C 418 -16.49 37.34 5.24
N ASN C 419 -15.66 36.78 6.11
CA ASN C 419 -15.88 35.46 6.69
C ASN C 419 -17.15 35.42 7.53
N ARG C 420 -17.27 36.36 8.47
CA ARG C 420 -18.43 36.36 9.36
C ARG C 420 -19.72 36.58 8.57
N LEU C 421 -19.71 37.54 7.64
CA LEU C 421 -20.90 37.90 6.81
C LEU C 421 -21.33 36.70 5.96
N LEU C 422 -20.39 35.96 5.39
CA LEU C 422 -20.66 34.80 4.51
C LEU C 422 -21.19 33.63 5.35
N GLN C 423 -20.65 33.40 6.55
CA GLN C 423 -21.17 32.35 7.42
C GLN C 423 -22.58 32.69 7.90
N ASP C 424 -22.82 33.95 8.26
CA ASP C 424 -24.14 34.34 8.72
C ASP C 424 -25.19 34.15 7.64
N LYS C 425 -24.88 34.61 6.41
CA LYS C 425 -25.78 34.46 5.25
C LYS C 425 -26.09 32.99 5.05
N TRP C 426 -25.05 32.13 5.05
CA TRP C 426 -25.23 30.67 4.93
C TRP C 426 -26.26 30.22 5.96
N ASP C 427 -25.96 30.36 7.25
CA ASP C 427 -26.83 29.87 8.30
C ASP C 427 -28.26 30.40 8.15
N ARG C 428 -28.40 31.67 7.73
CA ARG C 428 -29.74 32.31 7.57
C ARG C 428 -30.64 31.56 6.58
N PHE C 429 -30.26 31.49 5.30
CA PHE C 429 -31.13 30.89 4.24
C PHE C 429 -30.33 30.02 3.28
N VAL C 430 -29.21 30.49 2.74
CA VAL C 430 -28.42 29.74 1.71
C VAL C 430 -28.29 28.29 2.14
N LYS C 431 -27.95 28.03 3.41
CA LYS C 431 -27.76 26.65 3.93
C LYS C 431 -29.03 25.83 3.68
N ARG C 432 -30.18 26.32 4.13
CA ARG C 432 -31.49 25.61 3.95
C ARG C 432 -31.78 25.50 2.45
N ILE C 433 -31.41 26.51 1.67
CA ILE C 433 -31.66 26.54 0.19
C ILE C 433 -30.77 25.47 -0.47
N PHE C 434 -29.60 25.17 0.09
CA PHE C 434 -28.62 24.21 -0.50
C PHE C 434 -29.00 22.79 -0.11
N TYR C 435 -29.73 22.59 1.00
CA TYR C 435 -30.12 21.24 1.51
C TYR C 435 -31.31 20.74 0.69
N PHE C 436 -32.33 21.56 0.43
CA PHE C 436 -33.42 21.23 -0.47
C PHE C 436 -32.93 20.96 -1.88
N ASN C 437 -31.99 21.78 -2.38
CA ASN C 437 -31.48 21.61 -3.73
C ASN C 437 -30.79 20.26 -3.91
N PHE C 438 -29.98 19.84 -2.95
CA PHE C 438 -29.36 18.52 -2.98
C PHE C 438 -30.38 17.39 -2.88
N PHE C 439 -31.38 17.52 -2.01
CA PHE C 439 -32.46 16.54 -1.92
C PHE C 439 -33.11 16.34 -3.28
N VAL C 440 -33.39 17.43 -3.99
CA VAL C 440 -34.02 17.32 -5.30
C VAL C 440 -33.13 16.54 -6.26
N TYR C 441 -31.83 16.82 -6.25
CA TYR C 441 -30.91 16.12 -7.15
C TYR C 441 -30.82 14.65 -6.80
N CYS C 442 -30.80 14.32 -5.50
CA CYS C 442 -30.76 12.92 -5.11
C CYS C 442 -31.99 12.18 -5.60
N LEU C 443 -33.16 12.80 -5.44
CA LEU C 443 -34.39 12.16 -5.93
C LEU C 443 -34.33 11.99 -7.45
N TYR C 444 -33.88 13.02 -8.16
CA TYR C 444 -33.80 13.01 -9.65
C TYR C 444 -32.91 11.88 -10.15
N MET C 445 -31.67 11.80 -9.65
CA MET C 445 -30.70 10.77 -10.07
C MET C 445 -31.36 9.39 -9.94
N ILE C 446 -32.03 9.11 -8.81
CA ILE C 446 -32.66 7.79 -8.54
C ILE C 446 -33.73 7.52 -9.60
N ILE C 447 -34.58 8.48 -9.92
CA ILE C 447 -35.68 8.31 -10.92
C ILE C 447 -35.06 7.88 -12.25
N PHE C 448 -34.08 8.65 -12.75
CA PHE C 448 -33.40 8.35 -14.04
C PHE C 448 -32.74 6.97 -13.95
N THR C 449 -32.07 6.67 -12.83
CA THR C 449 -31.36 5.39 -12.61
C THR C 449 -32.34 4.23 -12.69
N ALA C 450 -33.50 4.33 -12.04
CA ALA C 450 -34.52 3.26 -12.01
C ALA C 450 -35.06 3.02 -13.43
N ALA C 451 -35.32 4.10 -14.18
CA ALA C 451 -35.84 4.01 -15.56
C ALA C 451 -34.77 3.37 -16.46
N ALA C 452 -33.50 3.70 -16.23
CA ALA C 452 -32.37 3.18 -17.03
C ALA C 452 -32.11 1.71 -16.72
N TYR C 453 -32.22 1.30 -15.46
CA TYR C 453 -31.91 -0.09 -15.02
C TYR C 453 -32.90 -1.09 -15.64
N TYR C 454 -34.19 -0.77 -15.70
CA TYR C 454 -35.22 -1.67 -16.22
C TYR C 454 -35.54 -1.40 -17.69
N ARG C 455 -34.59 -0.87 -18.45
CA ARG C 455 -34.84 -0.57 -19.86
C ARG C 455 -35.16 -1.85 -20.62
N PRO C 456 -36.17 -1.81 -21.50
CA PRO C 456 -36.49 -3.02 -22.27
C PRO C 456 -35.36 -3.39 -23.22
N VAL C 457 -35.17 -4.71 -23.43
CA VAL C 457 -34.06 -5.22 -24.29
C VAL C 457 -34.66 -5.99 -25.46
N LEU C 460 -33.81 -2.23 -31.93
CA LEU C 460 -34.50 -1.38 -32.88
C LEU C 460 -35.41 -0.40 -32.15
N PRO C 461 -34.86 0.50 -31.34
CA PRO C 461 -35.67 1.48 -30.64
C PRO C 461 -36.24 2.52 -31.61
N PRO C 462 -37.25 3.30 -31.18
CA PRO C 462 -37.87 3.28 -29.85
C PRO C 462 -38.77 2.08 -29.62
N TYR C 463 -39.57 2.15 -28.55
CA TYR C 463 -40.41 1.03 -28.15
C TYR C 463 -41.82 1.53 -27.88
N ASN C 467 -49.69 -1.14 -21.82
CA ASN C 467 -50.61 -0.78 -20.75
C ASN C 467 -50.26 -1.59 -19.52
N THR C 468 -49.47 -1.00 -18.63
CA THR C 468 -49.08 -1.64 -17.38
C THR C 468 -48.54 -0.58 -16.44
N VAL C 469 -48.66 -0.82 -15.12
CA VAL C 469 -48.19 0.13 -14.08
C VAL C 469 -46.66 0.20 -14.12
N GLY C 470 -45.94 -0.89 -14.44
CA GLY C 470 -44.49 -0.83 -14.55
C GLY C 470 -44.02 -0.08 -15.78
N ASP C 471 -44.65 -0.36 -16.93
CA ASP C 471 -44.24 0.30 -18.16
C ASP C 471 -44.53 1.80 -18.10
N TYR C 472 -45.68 2.17 -17.54
CA TYR C 472 -46.10 3.60 -17.41
C TYR C 472 -45.17 4.30 -16.42
N PHE C 473 -44.70 3.61 -15.38
CA PHE C 473 -43.72 4.17 -14.45
C PHE C 473 -42.37 4.36 -15.13
N ARG C 474 -41.98 3.38 -15.96
CA ARG C 474 -40.67 3.41 -16.66
C ARG C 474 -40.66 4.55 -17.69
N VAL C 475 -41.78 4.83 -18.33
CA VAL C 475 -41.85 5.87 -19.41
C VAL C 475 -41.95 7.25 -18.75
N THR C 476 -42.64 7.39 -17.62
CA THR C 476 -42.68 8.67 -16.92
C THR C 476 -41.34 8.98 -16.26
N GLY C 477 -40.65 7.96 -15.73
CA GLY C 477 -39.32 8.18 -15.20
C GLY C 477 -38.35 8.64 -16.27
N GLU C 478 -38.44 8.03 -17.46
CA GLU C 478 -37.60 8.46 -18.56
C GLU C 478 -37.90 9.91 -18.95
N ILE C 479 -39.18 10.27 -18.96
CA ILE C 479 -39.56 11.64 -19.32
C ILE C 479 -38.99 12.62 -18.31
N LEU C 480 -39.08 12.27 -17.03
CA LEU C 480 -38.59 13.13 -15.92
C LEU C 480 -37.06 13.20 -15.96
N SER C 481 -36.38 12.14 -16.42
CA SER C 481 -34.92 12.16 -16.59
C SER C 481 -34.52 13.07 -17.74
N VAL C 482 -35.24 12.96 -18.86
CA VAL C 482 -34.96 13.80 -20.06
C VAL C 482 -35.24 15.25 -19.68
N SER C 483 -36.22 15.53 -18.82
CA SER C 483 -36.58 16.90 -18.37
C SER C 483 -35.47 17.44 -17.47
N GLY C 484 -34.84 16.61 -16.63
CA GLY C 484 -33.71 17.02 -15.83
C GLY C 484 -32.48 17.30 -16.67
N GLY C 485 -32.22 16.45 -17.66
CA GLY C 485 -31.11 16.70 -18.57
C GLY C 485 -31.26 18.01 -19.32
N VAL C 486 -32.47 18.30 -19.79
CA VAL C 486 -32.72 19.57 -20.48
C VAL C 486 -32.49 20.74 -19.54
N TYR C 487 -32.95 20.61 -18.30
CA TYR C 487 -32.77 21.69 -17.33
C TYR C 487 -31.29 21.95 -17.07
N PHE C 488 -30.51 20.89 -16.90
CA PHE C 488 -29.08 21.07 -16.69
C PHE C 488 -28.41 21.67 -17.93
N PHE C 489 -28.93 21.30 -19.10
CA PHE C 489 -28.41 21.82 -20.39
C PHE C 489 -28.61 23.32 -20.40
N PHE C 490 -29.80 23.78 -20.07
CA PHE C 490 -30.12 25.21 -20.09
C PHE C 490 -29.36 25.95 -18.99
N ARG C 491 -29.18 25.33 -17.83
CA ARG C 491 -28.39 25.96 -16.78
C ARG C 491 -26.94 26.15 -17.23
N GLY C 492 -26.37 25.13 -17.88
CA GLY C 492 -25.01 25.27 -18.38
C GLY C 492 -24.89 26.35 -19.44
N ILE C 493 -25.85 26.42 -20.35
CA ILE C 493 -25.83 27.46 -21.37
C ILE C 493 -25.94 28.83 -20.72
N GLN C 494 -26.82 28.97 -19.74
CA GLN C 494 -26.99 30.25 -19.06
C GLN C 494 -25.71 30.67 -18.36
N TYR C 495 -25.07 29.74 -17.64
CA TYR C 495 -23.82 30.01 -16.88
C TYR C 495 -22.69 30.36 -17.85
N PHE C 496 -22.63 29.70 -19.01
CA PHE C 496 -21.61 29.94 -20.06
C PHE C 496 -21.84 31.31 -20.71
N LEU C 497 -23.10 31.72 -20.91
CA LEU C 497 -23.39 32.98 -21.57
C LEU C 497 -23.31 34.16 -20.60
N GLN C 498 -23.49 33.91 -19.31
CA GLN C 498 -23.38 34.98 -18.32
C GLN C 498 -21.91 35.26 -18.00
N ARG C 499 -21.17 34.23 -17.62
CA ARG C 499 -19.73 34.38 -17.23
C ARG C 499 -18.91 34.90 -18.41
N ARG C 500 -19.36 34.71 -19.66
CA ARG C 500 -18.57 35.07 -20.83
C ARG C 500 -17.13 34.62 -20.64
N PRO C 501 -16.89 33.32 -20.35
CA PRO C 501 -15.54 32.81 -20.10
C PRO C 501 -14.59 33.24 -21.20
N SER C 502 -13.33 33.52 -20.87
CA SER C 502 -12.30 33.90 -21.83
C SER C 502 -11.69 32.71 -22.55
N LEU C 503 -12.35 31.54 -22.50
CA LEU C 503 -11.94 30.31 -23.23
C LEU C 503 -10.69 29.68 -22.60
N LYS C 504 -10.11 30.26 -21.55
CA LYS C 504 -8.97 29.69 -20.87
C LYS C 504 -9.32 29.18 -19.47
N SER C 505 -9.88 30.02 -18.62
CA SER C 505 -10.34 29.58 -17.32
C SER C 505 -11.53 28.63 -17.43
N LEU C 506 -12.18 28.60 -18.59
CA LEU C 506 -13.32 27.68 -18.84
C LEU C 506 -12.87 26.25 -18.53
N PHE C 507 -11.69 25.84 -18.98
CA PHE C 507 -11.17 24.46 -18.78
C PHE C 507 -10.07 24.44 -17.71
N VAL C 508 -9.98 25.49 -16.89
CA VAL C 508 -8.99 25.57 -15.77
C VAL C 508 -9.77 25.74 -14.46
N ASP C 509 -10.96 26.33 -14.49
CA ASP C 509 -11.82 26.56 -13.29
C ASP C 509 -13.22 26.01 -13.61
N SER C 510 -14.18 26.15 -12.69
CA SER C 510 -15.57 25.68 -12.88
C SER C 510 -15.58 24.25 -13.42
N TYR C 511 -14.61 23.41 -13.03
CA TYR C 511 -14.56 21.99 -13.45
C TYR C 511 -15.92 21.36 -13.13
N SER C 512 -16.53 21.74 -12.01
CA SER C 512 -17.85 21.23 -11.58
C SER C 512 -18.88 21.62 -12.65
N GLU C 513 -18.97 22.90 -13.01
CA GLU C 513 -19.91 23.40 -14.05
C GLU C 513 -19.66 22.62 -15.34
N ILE C 514 -18.41 22.29 -15.65
CA ILE C 514 -18.03 21.56 -16.90
C ILE C 514 -18.57 20.13 -16.83
N LEU C 515 -18.39 19.42 -15.71
CA LEU C 515 -18.82 18.01 -15.54
C LEU C 515 -20.32 17.87 -15.80
N PHE C 516 -21.12 18.82 -15.32
CA PHE C 516 -22.58 18.77 -15.44
C PHE C 516 -23.01 18.97 -16.89
N PHE C 517 -22.38 19.91 -17.59
CA PHE C 517 -22.74 20.13 -18.98
C PHE C 517 -22.40 18.93 -19.84
N VAL C 518 -21.30 18.23 -19.51
CA VAL C 518 -20.92 17.06 -20.29
C VAL C 518 -21.92 15.93 -20.08
N GLN C 519 -22.37 15.72 -18.84
CA GLN C 519 -23.34 14.63 -18.53
C GLN C 519 -24.68 15.01 -19.15
N SER C 520 -25.01 16.31 -19.29
CA SER C 520 -26.21 16.74 -19.99
C SER C 520 -26.09 16.51 -21.49
N LEU C 521 -24.92 16.78 -22.05
CA LEU C 521 -24.72 16.55 -23.48
C LEU C 521 -24.85 15.07 -23.83
N PHE C 522 -24.28 14.19 -23.00
CA PHE C 522 -24.48 12.77 -23.24
C PHE C 522 -25.94 12.37 -23.11
N MET C 523 -26.67 12.97 -22.17
CA MET C 523 -28.10 12.67 -22.07
C MET C 523 -28.84 13.11 -23.33
N LEU C 524 -28.52 14.30 -23.84
CA LEU C 524 -29.20 14.78 -25.04
C LEU C 524 -28.87 13.93 -26.26
N VAL C 525 -27.60 13.54 -26.40
CA VAL C 525 -27.16 12.69 -27.55
C VAL C 525 -27.74 11.30 -27.35
N SER C 526 -28.03 10.88 -26.11
CA SER C 526 -28.73 9.63 -25.85
C SER C 526 -30.17 9.70 -26.36
N VAL C 527 -30.85 10.82 -26.09
CA VAL C 527 -32.21 10.99 -26.60
C VAL C 527 -32.20 10.98 -28.13
N VAL C 528 -31.26 11.71 -28.73
CA VAL C 528 -31.19 11.80 -30.19
C VAL C 528 -31.01 10.42 -30.79
N LEU C 529 -30.05 9.65 -30.26
CA LEU C 529 -29.82 8.30 -30.75
C LEU C 529 -31.05 7.43 -30.52
N TYR C 530 -31.69 7.58 -29.36
CA TYR C 530 -32.88 6.79 -29.04
C TYR C 530 -33.94 6.96 -30.10
N PHE C 531 -34.25 8.21 -30.45
CA PHE C 531 -35.26 8.47 -31.47
C PHE C 531 -34.72 8.30 -32.89
N SER C 532 -33.42 8.06 -33.04
CA SER C 532 -32.76 7.93 -34.38
C SER C 532 -32.54 6.45 -34.72
N GLN C 533 -33.22 5.51 -34.03
CA GLN C 533 -33.13 4.09 -34.36
C GLN C 533 -31.69 3.61 -34.36
N ARG C 534 -31.05 3.71 -33.19
CA ARG C 534 -29.69 3.21 -32.99
C ARG C 534 -29.58 2.60 -31.60
N LYS C 535 -28.56 1.75 -31.43
CA LYS C 535 -28.35 1.04 -30.18
C LYS C 535 -27.23 1.63 -29.33
N GLU C 536 -26.74 2.81 -29.74
CA GLU C 536 -25.65 3.52 -29.03
C GLU C 536 -26.26 4.40 -27.94
N TYR C 537 -27.59 4.50 -27.85
CA TYR C 537 -28.22 5.26 -26.77
C TYR C 537 -27.94 4.59 -25.44
N VAL C 538 -27.79 3.27 -25.42
CA VAL C 538 -27.48 2.56 -24.18
C VAL C 538 -26.10 2.99 -23.67
N ALA C 539 -25.13 3.04 -24.59
CA ALA C 539 -23.76 3.48 -24.27
C ALA C 539 -23.80 4.89 -23.71
N SER C 540 -24.52 5.80 -24.36
CA SER C 540 -24.60 7.19 -23.92
C SER C 540 -25.28 7.28 -22.56
N MET C 541 -26.37 6.54 -22.36
CA MET C 541 -27.10 6.59 -21.11
C MET C 541 -26.27 6.07 -19.96
N VAL C 542 -25.52 4.99 -20.16
CA VAL C 542 -24.71 4.45 -19.07
C VAL C 542 -23.58 5.41 -18.72
N PHE C 543 -22.96 6.04 -19.73
CA PHE C 543 -21.95 7.04 -19.43
C PHE C 543 -22.55 8.18 -18.61
N SER C 544 -23.71 8.69 -19.05
CA SER C 544 -24.35 9.79 -18.33
C SER C 544 -24.73 9.39 -16.92
N LEU C 545 -25.21 8.15 -16.76
CA LEU C 545 -25.64 7.60 -15.45
C LEU C 545 -24.43 7.54 -14.52
N ALA C 546 -23.26 7.10 -15.03
CA ALA C 546 -22.04 7.04 -14.25
C ALA C 546 -21.62 8.42 -13.78
N MET C 547 -21.55 9.37 -14.73
CA MET C 547 -21.15 10.76 -14.43
C MET C 547 -22.14 11.36 -13.42
N GLY C 548 -23.44 11.08 -13.57
CA GLY C 548 -24.45 11.62 -12.66
C GLY C 548 -24.25 11.13 -11.25
N TRP C 549 -23.94 9.84 -11.10
CA TRP C 549 -23.70 9.23 -9.77
C TRP C 549 -22.41 9.80 -9.18
N THR C 550 -21.39 10.10 -9.99
CA THR C 550 -20.09 10.62 -9.48
C THR C 550 -20.19 12.13 -9.26
N ASN C 551 -21.21 12.82 -9.77
CA ASN C 551 -21.28 14.27 -9.66
C ASN C 551 -21.91 14.75 -8.36
N MET C 552 -22.38 13.82 -7.52
CA MET C 552 -22.97 14.15 -6.19
C MET C 552 -21.88 14.78 -5.33
N LEU C 553 -20.61 14.65 -5.73
CA LEU C 553 -19.46 15.25 -5.00
C LEU C 553 -19.56 16.78 -5.08
N TYR C 554 -20.41 17.33 -5.95
CA TYR C 554 -20.64 18.79 -6.08
C TYR C 554 -21.53 19.27 -4.92
N TYR C 555 -22.29 18.37 -4.29
CA TYR C 555 -23.22 18.71 -3.17
C TYR C 555 -22.54 18.40 -1.83
N THR C 556 -21.30 17.93 -1.84
CA THR C 556 -20.53 17.66 -0.59
C THR C 556 -20.10 19.01 0.01
N ARG C 557 -20.05 20.06 -0.80
CA ARG C 557 -19.74 21.42 -0.30
C ARG C 557 -20.90 21.81 0.63
N GLY C 558 -20.66 22.68 1.61
CA GLY C 558 -21.67 23.01 2.64
C GLY C 558 -21.32 22.24 3.91
N PHE C 559 -20.55 21.15 3.77
CA PHE C 559 -20.05 20.31 4.90
C PHE C 559 -18.55 20.52 4.97
N GLN C 560 -18.01 20.87 6.15
CA GLN C 560 -16.58 21.21 6.32
C GLN C 560 -15.68 20.03 5.95
N GLN C 561 -15.91 18.83 6.50
CA GLN C 561 -15.03 17.69 6.28
C GLN C 561 -15.22 17.11 4.88
N MET C 562 -16.47 16.96 4.45
CA MET C 562 -16.78 16.39 3.11
C MET C 562 -16.40 17.40 2.02
N GLY C 563 -16.35 18.70 2.34
CA GLY C 563 -15.92 19.74 1.40
C GLY C 563 -14.42 19.77 1.25
N ILE C 564 -13.68 19.62 2.36
CA ILE C 564 -12.23 19.55 2.34
C ILE C 564 -11.77 18.28 1.64
N TYR C 565 -12.44 17.16 1.92
CA TYR C 565 -12.07 15.90 1.30
C TYR C 565 -12.24 15.98 -0.23
N ALA C 566 -13.33 16.61 -0.67
CA ALA C 566 -13.65 16.72 -2.11
C ALA C 566 -12.67 17.65 -2.83
N VAL C 567 -12.19 18.72 -2.20
CA VAL C 567 -11.19 19.59 -2.82
C VAL C 567 -9.82 18.92 -2.81
N MET C 568 -9.57 18.15 -1.76
CA MET C 568 -8.30 17.38 -1.64
C MET C 568 -8.26 16.43 -2.84
N ILE C 569 -9.30 15.63 -3.04
CA ILE C 569 -9.39 14.67 -4.19
C ILE C 569 -9.21 15.44 -5.50
N GLU C 570 -9.78 16.64 -5.64
CA GLU C 570 -9.66 17.48 -6.85
C GLU C 570 -8.17 17.77 -7.10
N LYS C 571 -7.46 18.33 -6.13
CA LYS C 571 -6.03 18.73 -6.27
C LYS C 571 -5.16 17.51 -6.56
N MET C 572 -5.41 16.37 -5.90
CA MET C 572 -4.63 15.13 -6.08
C MET C 572 -4.81 14.64 -7.51
N ILE C 573 -6.03 14.59 -8.03
CA ILE C 573 -6.28 14.16 -9.40
C ILE C 573 -5.61 15.14 -10.37
N LEU C 574 -5.65 16.43 -10.03
CA LEU C 574 -5.10 17.49 -10.92
C LEU C 574 -3.58 17.35 -11.07
N ARG C 575 -2.84 16.89 -10.06
CA ARG C 575 -1.37 16.87 -10.13
C ARG C 575 -0.78 15.46 -10.04
N ASP C 576 -1.02 14.77 -8.92
CA ASP C 576 -0.27 13.54 -8.67
C ASP C 576 -0.74 12.42 -9.59
N LEU C 577 -2.05 12.25 -9.70
CA LEU C 577 -2.58 11.19 -10.55
C LEU C 577 -2.18 11.42 -12.00
N CYS C 578 -2.22 12.67 -12.47
CA CYS C 578 -1.90 12.93 -13.87
C CYS C 578 -0.43 12.63 -14.16
N ARG C 579 0.48 13.12 -13.31
CA ARG C 579 1.89 12.86 -13.57
C ARG C 579 2.19 11.35 -13.51
N PHE C 580 1.66 10.67 -12.48
CA PHE C 580 1.87 9.24 -12.38
C PHE C 580 1.32 8.53 -13.61
N MET C 581 0.13 8.93 -14.07
CA MET C 581 -0.47 8.29 -15.22
C MET C 581 0.39 8.48 -16.47
N PHE C 582 0.93 9.69 -16.65
CA PHE C 582 1.78 9.92 -17.82
C PHE C 582 2.98 8.98 -17.81
N VAL C 583 3.72 8.96 -16.70
CA VAL C 583 4.94 8.14 -16.66
C VAL C 583 4.58 6.66 -16.79
N TYR C 584 3.54 6.22 -16.09
CA TYR C 584 3.21 4.81 -16.08
C TYR C 584 2.65 4.37 -17.42
N LEU C 585 1.96 5.27 -18.13
CA LEU C 585 1.51 4.95 -19.47
C LEU C 585 2.69 4.79 -20.41
N VAL C 586 3.69 5.66 -20.30
CA VAL C 586 4.88 5.49 -21.11
C VAL C 586 5.50 4.12 -20.86
N PHE C 587 5.72 3.80 -19.59
CA PHE C 587 6.31 2.50 -19.19
C PHE C 587 5.45 1.39 -19.80
N LEU C 588 4.14 1.35 -19.48
CA LEU C 588 3.21 0.28 -19.93
C LEU C 588 3.19 0.13 -21.45
N PHE C 589 3.25 1.21 -22.23
CA PHE C 589 3.32 1.12 -23.68
C PHE C 589 4.62 0.48 -24.10
N GLY C 590 5.74 0.92 -23.53
CA GLY C 590 7.02 0.34 -23.91
C GLY C 590 7.07 -1.15 -23.69
N PHE C 591 6.75 -1.59 -22.46
CA PHE C 591 6.85 -3.02 -22.06
C PHE C 591 5.80 -3.87 -22.78
N SER C 592 4.61 -3.34 -23.08
CA SER C 592 3.63 -4.08 -23.86
C SER C 592 4.11 -4.28 -25.28
N THR C 593 4.72 -3.26 -25.90
CA THR C 593 5.23 -3.34 -27.30
C THR C 593 6.43 -4.30 -27.33
N ALA C 594 7.23 -4.38 -26.28
CA ALA C 594 8.37 -5.33 -26.17
C ALA C 594 7.84 -6.76 -26.07
N VAL C 595 6.85 -7.01 -25.22
CA VAL C 595 6.33 -8.37 -25.00
C VAL C 595 5.60 -8.87 -26.25
N VAL C 596 4.74 -8.02 -26.83
CA VAL C 596 3.93 -8.41 -28.03
C VAL C 596 4.91 -8.68 -29.18
N THR C 597 6.04 -7.97 -29.25
CA THR C 597 7.06 -8.14 -30.32
C THR C 597 7.83 -9.44 -30.05
N LEU C 598 7.80 -9.94 -28.81
CA LEU C 598 8.48 -11.21 -28.45
C LEU C 598 7.57 -12.39 -28.85
N ILE C 599 6.25 -12.28 -28.68
CA ILE C 599 5.32 -13.32 -29.08
C ILE C 599 5.32 -13.45 -30.59
N GLU C 600 4.99 -14.65 -31.08
CA GLU C 600 4.91 -14.93 -32.50
C GLU C 600 3.47 -15.01 -32.98
N ASP C 601 2.64 -15.78 -32.28
CA ASP C 601 1.23 -15.89 -32.64
C ASP C 601 0.44 -16.29 -31.40
N GLY C 602 -0.87 -16.05 -31.44
CA GLY C 602 -1.77 -16.40 -30.37
C GLY C 602 -2.81 -15.32 -30.17
N LYS C 603 -3.71 -15.56 -29.20
CA LYS C 603 -4.74 -14.57 -28.92
C LYS C 603 -4.21 -13.47 -28.01
N TYR C 604 -2.98 -13.62 -27.52
CA TYR C 604 -2.22 -12.53 -26.92
C TYR C 604 -1.23 -11.91 -27.89
N ASN C 605 -1.43 -12.09 -29.20
CA ASN C 605 -0.55 -11.44 -30.18
C ASN C 605 -1.01 -10.03 -30.50
N SER C 606 -2.29 -9.71 -30.27
CA SER C 606 -2.79 -8.37 -30.47
C SER C 606 -2.26 -7.44 -29.38
N LEU C 607 -2.23 -6.14 -29.70
CA LEU C 607 -1.73 -5.16 -28.75
C LEU C 607 -2.70 -4.95 -27.60
N TYR C 608 -4.01 -4.99 -27.88
CA TYR C 608 -4.99 -4.69 -26.83
C TYR C 608 -4.97 -5.73 -25.72
N SER C 609 -5.02 -7.01 -26.08
CA SER C 609 -5.09 -8.06 -25.06
C SER C 609 -3.81 -8.10 -24.23
N THR C 610 -2.66 -8.00 -24.89
CA THR C 610 -1.34 -8.03 -24.22
C THR C 610 -1.18 -6.78 -23.36
N CYS C 611 -1.68 -5.62 -23.79
CA CYS C 611 -1.65 -4.40 -22.97
C CYS C 611 -2.52 -4.56 -21.73
N LEU C 612 -3.71 -5.13 -21.89
CA LEU C 612 -4.57 -5.39 -20.74
C LEU C 612 -3.90 -6.34 -19.77
N GLU C 613 -3.23 -7.37 -20.30
CA GLU C 613 -2.53 -8.38 -19.47
C GLU C 613 -1.44 -7.69 -18.65
N LEU C 614 -0.68 -6.77 -19.25
CA LEU C 614 0.38 -6.05 -18.54
C LEU C 614 -0.22 -5.06 -17.55
N PHE C 615 -1.37 -4.48 -17.87
CA PHE C 615 -2.03 -3.58 -16.94
C PHE C 615 -2.53 -4.30 -15.71
N LYS C 616 -2.99 -5.54 -15.87
CA LYS C 616 -3.58 -6.28 -14.76
C LYS C 616 -2.63 -6.44 -13.58
N PHE C 617 -1.32 -6.33 -13.81
CA PHE C 617 -0.37 -6.47 -12.72
C PHE C 617 -0.54 -5.36 -11.69
N THR C 618 -1.03 -4.19 -12.12
CA THR C 618 -1.12 -3.06 -11.20
C THR C 618 -2.20 -3.27 -10.14
N ILE C 619 -3.22 -4.08 -10.45
CA ILE C 619 -4.32 -4.31 -9.51
C ILE C 619 -4.03 -5.56 -8.70
N GLY C 620 -2.77 -5.98 -8.67
CA GLY C 620 -2.40 -7.14 -7.88
C GLY C 620 -3.00 -8.44 -8.37
N MET C 621 -3.18 -8.59 -9.68
CA MET C 621 -3.70 -9.81 -10.27
C MET C 621 -2.86 -10.20 -11.47
N GLY C 622 -1.54 -10.03 -11.36
CA GLY C 622 -0.64 -10.42 -12.42
C GLY C 622 -0.54 -11.92 -12.55
N ASP C 623 -0.06 -12.37 -13.71
CA ASP C 623 0.00 -13.79 -14.02
C ASP C 623 1.43 -14.30 -14.16
N LEU C 624 2.23 -13.66 -15.02
CA LEU C 624 3.65 -14.04 -15.28
C LEU C 624 3.71 -15.34 -16.08
N GLU C 625 2.57 -16.00 -16.34
CA GLU C 625 2.55 -17.20 -17.17
C GLU C 625 1.38 -17.18 -18.15
N PHE C 626 0.97 -15.97 -18.56
CA PHE C 626 -0.22 -15.81 -19.44
C PHE C 626 0.01 -16.52 -20.77
N THR C 627 1.24 -16.57 -21.29
CA THR C 627 1.49 -17.14 -22.59
C THR C 627 2.74 -18.02 -22.55
N GLU C 628 2.74 -19.03 -23.42
CA GLU C 628 3.90 -19.89 -23.60
C GLU C 628 4.24 -20.14 -25.06
N ASN C 629 3.51 -19.53 -26.00
CA ASN C 629 3.72 -19.76 -27.43
C ASN C 629 4.70 -18.72 -27.95
N TYR C 630 5.96 -18.94 -27.65
CA TYR C 630 7.05 -18.04 -28.10
C TYR C 630 8.35 -18.76 -27.79
N ASP C 631 9.48 -18.08 -27.93
CA ASP C 631 10.81 -18.62 -27.66
C ASP C 631 11.56 -17.68 -26.74
N PHE C 632 12.67 -18.18 -26.18
CA PHE C 632 13.51 -17.41 -25.26
C PHE C 632 12.74 -17.05 -24.00
N LYS C 633 12.34 -18.10 -23.28
CA LYS C 633 11.61 -17.92 -22.03
C LYS C 633 12.38 -17.03 -21.07
N ALA C 634 13.71 -17.06 -21.14
CA ALA C 634 14.51 -16.14 -20.33
C ALA C 634 14.17 -14.69 -20.67
N VAL C 635 14.04 -14.39 -21.97
CA VAL C 635 13.72 -13.02 -22.46
C VAL C 635 12.33 -12.62 -21.98
N PHE C 636 11.37 -13.54 -22.00
CA PHE C 636 9.98 -13.27 -21.58
C PHE C 636 9.96 -12.98 -20.07
N ILE C 637 10.61 -13.81 -19.25
CA ILE C 637 10.57 -13.64 -17.80
C ILE C 637 11.34 -12.40 -17.40
N ILE C 638 12.45 -12.11 -18.07
CA ILE C 638 13.22 -10.91 -17.76
C ILE C 638 12.39 -9.67 -18.01
N LEU C 639 11.68 -9.64 -19.15
CA LEU C 639 10.85 -8.48 -19.55
C LEU C 639 9.69 -8.31 -18.59
N LEU C 640 9.08 -9.40 -18.10
CA LEU C 640 7.99 -9.30 -17.13
C LEU C 640 8.50 -8.83 -15.78
N LEU C 641 9.64 -9.38 -15.33
CA LEU C 641 10.22 -9.05 -14.01
C LEU C 641 10.75 -7.62 -14.00
N ALA C 642 11.23 -7.10 -15.13
CA ALA C 642 11.65 -5.70 -15.22
C ALA C 642 10.45 -4.77 -15.14
N TYR C 643 9.38 -5.10 -15.87
CA TYR C 643 8.18 -4.27 -15.81
C TYR C 643 7.59 -4.27 -14.41
N VAL C 644 7.55 -5.43 -13.76
CA VAL C 644 6.96 -5.51 -12.42
C VAL C 644 7.77 -4.68 -11.43
N ILE C 645 9.09 -4.86 -11.44
CA ILE C 645 10.00 -4.10 -10.54
C ILE C 645 9.79 -2.61 -10.80
N LEU C 646 9.73 -2.19 -12.07
CA LEU C 646 9.61 -0.77 -12.37
C LEU C 646 8.28 -0.19 -11.90
N THR C 647 7.17 -0.89 -12.16
CA THR C 647 5.83 -0.29 -11.90
C THR C 647 5.26 -0.67 -10.53
N TYR C 648 5.13 -1.95 -10.20
CA TYR C 648 4.38 -2.33 -9.00
C TYR C 648 5.14 -1.96 -7.73
N ILE C 649 6.47 -2.20 -7.70
CA ILE C 649 7.28 -2.04 -6.45
C ILE C 649 8.01 -0.69 -6.41
N LEU C 650 7.84 0.19 -7.39
CA LEU C 650 8.59 1.48 -7.42
C LEU C 650 7.63 2.64 -7.73
N LEU C 651 6.85 2.58 -8.80
CA LEU C 651 5.90 3.65 -9.24
C LEU C 651 4.76 3.85 -8.25
N LEU C 652 4.06 2.79 -7.83
CA LEU C 652 2.90 2.92 -6.96
C LEU C 652 3.30 3.45 -5.58
N ASN C 653 4.36 2.90 -5.01
CA ASN C 653 4.83 3.38 -3.71
C ASN C 653 5.33 4.81 -3.80
N MET C 654 5.95 5.14 -4.95
CA MET C 654 6.43 6.51 -5.22
C MET C 654 5.20 7.42 -5.18
N LEU C 655 4.09 7.05 -5.83
CA LEU C 655 2.86 7.83 -5.83
C LEU C 655 2.30 7.99 -4.43
N ILE C 656 2.37 6.92 -3.63
CA ILE C 656 1.84 6.92 -2.24
C ILE C 656 2.70 7.88 -1.40
N ALA C 657 4.01 7.99 -1.67
CA ALA C 657 4.87 8.93 -0.95
C ALA C 657 4.60 10.37 -1.38
N LEU C 658 4.48 10.61 -2.68
CA LEU C 658 4.21 11.97 -3.16
C LEU C 658 2.86 12.46 -2.67
N MET C 659 1.87 11.59 -2.76
CA MET C 659 0.52 11.91 -2.25
C MET C 659 0.72 12.33 -0.79
N GLY C 660 1.34 11.50 0.06
CA GLY C 660 1.51 11.81 1.47
C GLY C 660 2.15 13.17 1.68
N GLU C 661 3.19 13.47 0.90
CA GLU C 661 3.81 14.79 0.98
C GLU C 661 2.78 15.89 0.71
N THR C 662 2.05 15.77 -0.41
CA THR C 662 1.11 16.82 -0.78
C THR C 662 0.06 17.00 0.32
N VAL C 663 -0.50 15.91 0.82
CA VAL C 663 -1.47 15.99 1.91
C VAL C 663 -0.87 16.71 3.11
N ASN C 664 0.38 16.37 3.44
CA ASN C 664 1.09 17.01 4.57
C ASN C 664 1.36 18.48 4.23
N LYS C 665 1.14 18.91 2.97
CA LYS C 665 1.48 20.26 2.56
C LYS C 665 0.29 21.16 2.28
N ILE C 666 -0.85 20.61 1.86
CA ILE C 666 -2.00 21.42 1.34
C ILE C 666 -3.09 21.89 2.31
N ALA C 667 -2.99 21.61 3.61
CA ALA C 667 -4.15 21.72 4.49
C ALA C 667 -4.76 23.11 4.36
N GLN C 668 -3.93 24.15 4.46
CA GLN C 668 -4.45 25.52 4.44
C GLN C 668 -5.08 25.84 3.09
N GLU C 669 -4.43 25.44 2.00
CA GLU C 669 -4.98 25.73 0.67
C GLU C 669 -6.30 25.01 0.45
N SER C 670 -6.41 23.75 0.88
CA SER C 670 -7.68 23.04 0.75
C SER C 670 -8.78 23.72 1.56
N LYS C 671 -8.47 24.12 2.80
CA LYS C 671 -9.47 24.81 3.61
C LYS C 671 -9.93 26.09 2.91
N ASN C 672 -8.96 26.87 2.43
CA ASN C 672 -9.23 28.19 1.79
C ASN C 672 -10.02 28.02 0.50
N ILE C 673 -9.77 26.96 -0.28
CA ILE C 673 -10.50 26.71 -1.51
C ILE C 673 -11.91 26.24 -1.21
N TRP C 674 -12.09 25.43 -0.17
CA TRP C 674 -13.44 25.05 0.22
C TRP C 674 -14.24 26.26 0.68
N LYS C 675 -13.60 27.15 1.45
CA LYS C 675 -14.28 28.37 1.86
C LYS C 675 -14.71 29.18 0.64
N LEU C 676 -13.85 29.24 -0.37
CA LEU C 676 -14.18 29.94 -1.59
C LEU C 676 -15.35 29.29 -2.32
N GLN C 677 -15.41 27.95 -2.31
CA GLN C 677 -16.53 27.19 -2.93
C GLN C 677 -17.81 27.52 -2.18
N ARG C 678 -17.72 27.69 -0.86
CA ARG C 678 -18.88 27.98 0.02
C ARG C 678 -19.33 29.44 -0.15
N ALA C 679 -18.40 30.42 -0.14
CA ALA C 679 -18.72 31.86 -0.27
C ALA C 679 -19.35 32.10 -1.63
N ILE C 680 -18.80 31.53 -2.70
CA ILE C 680 -19.34 31.67 -4.09
C ILE C 680 -20.76 31.11 -4.10
N THR C 681 -21.00 29.95 -3.46
CA THR C 681 -22.33 29.30 -3.38
C THR C 681 -23.33 30.28 -2.74
N ILE C 682 -22.96 30.91 -1.62
CA ILE C 682 -23.83 31.90 -0.90
C ILE C 682 -24.14 33.05 -1.87
N LEU C 683 -23.13 33.56 -2.57
CA LEU C 683 -23.28 34.69 -3.54
C LEU C 683 -24.20 34.24 -4.68
N ASP C 684 -24.08 32.99 -5.14
CA ASP C 684 -24.87 32.46 -6.28
C ASP C 684 -26.33 32.33 -5.85
N THR C 685 -26.59 31.90 -4.60
CA THR C 685 -27.97 31.74 -4.06
C THR C 685 -28.60 33.13 -3.96
N GLU C 686 -27.82 34.15 -3.59
CA GLU C 686 -28.31 35.55 -3.49
C GLU C 686 -28.68 36.04 -4.89
N LYS C 687 -27.89 35.67 -5.91
CA LYS C 687 -28.13 36.09 -7.32
C LYS C 687 -29.36 35.36 -7.88
N SER C 688 -29.54 34.07 -7.58
CA SER C 688 -30.67 33.25 -8.10
C SER C 688 -32.02 33.91 -7.79
N PHE C 689 -32.13 34.63 -6.68
CA PHE C 689 -33.38 35.34 -6.28
C PHE C 689 -33.10 36.25 -5.08
N ILE D 387 -9.45 13.15 43.63
CA ILE D 387 -10.52 13.47 44.61
C ILE D 387 -10.18 14.81 45.28
N ASP D 388 -8.89 15.18 45.34
CA ASP D 388 -8.46 16.42 46.03
C ASP D 388 -9.32 16.67 47.27
N THR D 389 -9.48 15.68 48.16
CA THR D 389 -10.21 15.84 49.45
C THR D 389 -11.69 16.20 49.24
N CYS D 390 -12.49 15.34 48.60
CA CYS D 390 -13.96 15.53 48.48
C CYS D 390 -14.56 14.21 47.96
N GLU D 391 -15.80 13.88 48.33
CA GLU D 391 -16.43 12.57 47.98
C GLU D 391 -17.69 12.78 47.12
N LYS D 392 -18.70 13.50 47.61
CA LYS D 392 -19.98 13.66 46.87
C LYS D 392 -19.66 13.87 45.39
N ASN D 393 -18.82 14.86 45.07
CA ASN D 393 -18.42 15.15 43.68
C ASN D 393 -16.88 15.18 43.65
N SER D 394 -16.23 14.04 43.92
CA SER D 394 -14.75 13.92 43.93
C SER D 394 -14.15 14.52 42.67
N VAL D 395 -12.96 15.12 42.75
CA VAL D 395 -12.29 15.74 41.58
C VAL D 395 -12.07 14.67 40.51
N LEU D 396 -11.33 13.59 40.81
CA LEU D 396 -11.00 12.54 39.81
C LEU D 396 -12.28 11.88 39.31
N GLU D 397 -13.35 11.83 40.11
CA GLU D 397 -14.65 11.24 39.71
C GLU D 397 -15.31 12.11 38.64
N VAL D 398 -15.44 13.42 38.88
CA VAL D 398 -16.15 14.34 37.94
C VAL D 398 -15.31 14.53 36.67
N ILE D 399 -13.99 14.72 36.78
CA ILE D 399 -13.11 14.97 35.61
C ILE D 399 -13.07 13.71 34.73
N ALA D 400 -13.14 12.52 35.34
CA ALA D 400 -13.14 11.24 34.60
C ALA D 400 -14.50 11.02 33.94
N TYR D 401 -15.60 11.31 34.64
CA TYR D 401 -16.98 11.07 34.14
C TYR D 401 -17.52 12.36 33.49
N SER D 402 -16.66 13.22 32.94
CA SER D 402 -17.06 14.47 32.35
C SER D 402 -17.83 14.24 31.05
N SER D 403 -18.71 15.19 30.72
CA SER D 403 -19.50 15.10 29.50
C SER D 403 -18.66 15.51 28.29
N SER D 404 -19.22 15.25 27.11
CA SER D 404 -18.51 15.56 25.87
C SER D 404 -18.26 17.06 25.71
N GLU D 405 -19.22 17.89 26.11
CA GLU D 405 -19.14 19.32 25.82
C GLU D 405 -18.01 20.00 26.58
N THR D 406 -17.39 19.32 27.55
CA THR D 406 -16.30 19.92 28.29
C THR D 406 -15.18 20.31 27.31
N PRO D 407 -14.70 21.56 27.34
CA PRO D 407 -13.71 21.98 26.34
C PRO D 407 -12.44 21.14 26.33
N ASN D 408 -11.78 21.06 27.49
CA ASN D 408 -10.44 20.47 27.54
C ASN D 408 -10.37 19.37 28.58
N ARG D 409 -11.33 18.44 28.55
CA ARG D 409 -11.33 17.33 29.49
C ARG D 409 -10.06 16.48 29.33
N HIS D 410 -9.47 16.47 28.13
CA HIS D 410 -8.30 15.61 27.83
C HIS D 410 -7.09 15.94 28.70
N ASP D 411 -6.86 17.22 29.03
CA ASP D 411 -5.74 17.64 29.93
C ASP D 411 -6.29 17.87 31.35
N MET D 412 -7.18 16.99 31.85
CA MET D 412 -7.74 17.10 33.22
C MET D 412 -7.10 16.03 34.11
N LEU D 413 -7.15 14.76 33.70
CA LEU D 413 -6.61 13.63 34.52
C LEU D 413 -5.09 13.67 34.46
N LEU D 414 -4.52 14.34 33.45
CA LEU D 414 -3.05 14.45 33.28
C LEU D 414 -2.49 15.40 34.33
N VAL D 415 -3.34 16.23 34.95
CA VAL D 415 -2.91 17.13 36.06
C VAL D 415 -2.01 16.26 36.93
N GLU D 416 -0.76 16.67 37.19
CA GLU D 416 0.21 15.82 37.94
C GLU D 416 -0.47 15.19 39.15
N PRO D 417 -1.04 15.97 40.11
CA PRO D 417 -1.74 15.37 41.25
C PRO D 417 -2.83 14.37 40.86
N LEU D 418 -3.72 14.73 39.92
CA LEU D 418 -4.86 13.88 39.51
C LEU D 418 -4.36 12.69 38.68
N ASN D 419 -3.19 12.81 38.06
CA ASN D 419 -2.59 11.73 37.24
C ASN D 419 -1.96 10.73 38.20
N ARG D 420 -1.54 11.19 39.38
CA ARG D 420 -0.92 10.32 40.42
C ARG D 420 -2.02 9.74 41.30
N LEU D 421 -3.28 10.15 41.11
CA LEU D 421 -4.44 9.58 41.86
C LEU D 421 -4.86 8.30 41.14
N LEU D 422 -4.83 8.29 39.81
CA LEU D 422 -5.20 7.10 38.99
C LEU D 422 -3.90 6.44 38.51
N GLN D 423 -2.79 6.58 39.24
CA GLN D 423 -1.51 5.89 38.94
C GLN D 423 -1.08 5.16 40.22
N ASP D 424 -1.09 5.85 41.37
CA ASP D 424 -0.79 5.22 42.69
C ASP D 424 -1.93 4.26 43.03
N LYS D 425 -3.17 4.60 42.64
CA LYS D 425 -4.36 3.73 42.84
C LYS D 425 -4.45 2.71 41.70
N TRP D 426 -3.99 3.07 40.50
CA TRP D 426 -4.01 2.16 39.33
C TRP D 426 -3.41 0.81 39.73
N ASP D 427 -2.23 0.79 40.36
CA ASP D 427 -1.51 -0.46 40.73
C ASP D 427 -1.92 -0.92 42.13
N ARG D 428 -2.59 -0.05 42.91
CA ARG D 428 -3.01 -0.36 44.30
C ARG D 428 -3.87 -1.62 44.31
N PHE D 429 -5.04 -1.60 43.65
CA PHE D 429 -5.99 -2.75 43.64
C PHE D 429 -6.57 -2.82 42.22
N VAL D 430 -7.16 -1.74 41.70
CA VAL D 430 -7.89 -1.70 40.38
C VAL D 430 -7.17 -2.47 39.28
N LYS D 431 -5.84 -2.37 39.13
CA LYS D 431 -5.05 -3.14 38.13
C LYS D 431 -5.10 -4.64 38.41
N ARG D 432 -5.09 -5.04 39.67
CA ARG D 432 -5.17 -6.48 40.07
C ARG D 432 -6.58 -6.97 39.76
N ILE D 433 -7.59 -6.10 39.85
CA ILE D 433 -9.02 -6.47 39.62
C ILE D 433 -9.32 -6.35 38.13
N PHE D 434 -8.45 -5.70 37.35
CA PHE D 434 -8.64 -5.50 35.89
C PHE D 434 -7.94 -6.64 35.14
N TYR D 435 -6.95 -7.29 35.74
CA TYR D 435 -6.22 -8.44 35.13
C TYR D 435 -7.02 -9.70 35.45
N PHE D 436 -7.67 -9.77 36.61
CA PHE D 436 -8.57 -10.86 36.97
C PHE D 436 -9.84 -10.82 36.14
N ASN D 437 -10.42 -9.62 35.97
CA ASN D 437 -11.61 -9.50 35.12
C ASN D 437 -11.29 -9.81 33.68
N PHE D 438 -10.09 -9.42 33.21
CA PHE D 438 -9.68 -9.76 31.85
C PHE D 438 -9.61 -11.26 31.66
N PHE D 439 -9.03 -11.98 32.62
CA PHE D 439 -9.00 -13.43 32.54
C PHE D 439 -10.40 -14.02 32.57
N VAL D 440 -11.26 -13.46 33.43
CA VAL D 440 -12.65 -13.95 33.60
C VAL D 440 -13.43 -13.76 32.29
N TYR D 441 -13.18 -12.68 31.55
CA TYR D 441 -13.85 -12.44 30.27
C TYR D 441 -13.27 -13.33 29.18
N CYS D 442 -11.95 -13.54 29.19
CA CYS D 442 -11.35 -14.42 28.19
C CYS D 442 -11.87 -15.84 28.34
N LEU D 443 -11.92 -16.34 29.57
CA LEU D 443 -12.43 -17.69 29.80
C LEU D 443 -13.90 -17.77 29.39
N TYR D 444 -14.67 -16.73 29.70
CA TYR D 444 -16.10 -16.65 29.31
C TYR D 444 -16.23 -16.72 27.78
N MET D 445 -15.45 -15.90 27.06
CA MET D 445 -15.48 -15.89 25.58
C MET D 445 -15.18 -17.31 25.08
N ILE D 446 -14.08 -17.93 25.52
CA ILE D 446 -13.67 -19.24 25.03
C ILE D 446 -14.70 -20.31 25.35
N ILE D 447 -15.43 -20.15 26.46
CA ILE D 447 -16.48 -21.11 26.80
C ILE D 447 -17.57 -21.13 25.74
N PHE D 448 -17.66 -20.08 24.91
CA PHE D 448 -18.72 -19.94 23.86
C PHE D 448 -18.13 -19.94 22.45
N THR D 449 -16.82 -19.73 22.28
CA THR D 449 -16.20 -19.62 20.94
C THR D 449 -16.10 -20.96 20.23
N ALA D 450 -16.34 -22.09 20.93
CA ALA D 450 -16.21 -23.45 20.36
C ALA D 450 -17.57 -23.91 19.82
N ALA D 451 -18.33 -23.05 19.13
CA ALA D 451 -19.61 -23.41 18.49
C ALA D 451 -19.38 -24.41 17.36
N ALA D 452 -18.16 -24.57 16.87
CA ALA D 452 -17.82 -25.63 15.93
C ALA D 452 -18.06 -26.99 16.58
N TYR D 453 -17.63 -27.13 17.82
CA TYR D 453 -17.80 -28.38 18.60
C TYR D 453 -19.23 -28.46 19.13
N TYR D 454 -19.90 -27.35 19.44
CA TYR D 454 -21.25 -27.43 20.07
C TYR D 454 -22.34 -27.63 19.02
N ARG D 455 -22.56 -26.66 18.13
CA ARG D 455 -23.71 -26.62 17.19
C ARG D 455 -24.19 -27.97 16.66
N PRO D 456 -25.40 -28.45 17.09
CA PRO D 456 -25.99 -29.62 16.41
C PRO D 456 -26.47 -29.20 15.04
N VAL D 457 -26.67 -30.16 14.14
CA VAL D 457 -27.16 -29.88 12.75
C VAL D 457 -28.51 -29.16 12.84
N LEU D 460 -34.48 -27.18 13.71
CA LEU D 460 -35.74 -26.99 14.42
C LEU D 460 -35.51 -27.11 15.92
N PRO D 461 -34.82 -26.15 16.54
CA PRO D 461 -34.58 -26.22 17.98
C PRO D 461 -35.87 -26.02 18.76
N PRO D 462 -35.87 -26.31 20.07
CA PRO D 462 -34.76 -26.82 20.88
C PRO D 462 -34.40 -28.27 20.57
N TYR D 463 -33.28 -28.73 21.11
CA TYR D 463 -32.73 -30.05 20.83
C TYR D 463 -32.76 -30.93 22.07
N LYS D 464 -32.37 -32.19 21.89
CA LYS D 464 -32.37 -33.18 22.95
C LYS D 464 -30.98 -33.23 23.60
N LEU D 465 -30.88 -34.04 24.67
CA LEU D 465 -29.59 -34.28 25.38
C LEU D 465 -29.17 -35.70 25.01
N LYS D 466 -27.93 -35.91 24.57
CA LYS D 466 -27.45 -37.20 24.07
C LYS D 466 -26.91 -38.11 25.16
N ASN D 467 -26.89 -37.66 26.41
CA ASN D 467 -26.46 -38.51 27.53
C ASN D 467 -24.99 -38.91 27.39
N THR D 468 -24.13 -37.90 27.21
CA THR D 468 -22.69 -38.13 27.07
C THR D 468 -21.93 -37.03 27.79
N VAL D 469 -20.61 -37.19 27.86
CA VAL D 469 -19.72 -36.17 28.51
C VAL D 469 -19.57 -34.99 27.56
N GLY D 470 -19.61 -35.21 26.23
CA GLY D 470 -19.52 -34.10 25.29
C GLY D 470 -20.78 -33.25 25.27
N ASP D 471 -21.95 -33.88 25.24
CA ASP D 471 -23.19 -33.11 25.26
C ASP D 471 -23.38 -32.38 26.58
N TYR D 472 -22.95 -32.99 27.69
CA TYR D 472 -23.01 -32.30 28.97
C TYR D 472 -22.14 -31.04 28.96
N PHE D 473 -20.93 -31.15 28.41
CA PHE D 473 -20.08 -29.97 28.28
C PHE D 473 -20.73 -28.93 27.39
N ARG D 474 -21.33 -29.37 26.28
CA ARG D 474 -21.99 -28.43 25.37
C ARG D 474 -23.09 -27.66 26.08
N VAL D 475 -23.95 -28.38 26.80
CA VAL D 475 -25.10 -27.74 27.42
C VAL D 475 -24.66 -26.82 28.56
N THR D 476 -23.69 -27.24 29.36
CA THR D 476 -23.22 -26.36 30.43
C THR D 476 -22.56 -25.11 29.86
N GLY D 477 -21.81 -25.26 28.77
CA GLY D 477 -21.23 -24.09 28.12
C GLY D 477 -22.29 -23.15 27.57
N GLU D 478 -23.33 -23.71 26.95
CA GLU D 478 -24.42 -22.88 26.44
C GLU D 478 -25.09 -22.11 27.58
N ILE D 479 -25.38 -22.79 28.68
CA ILE D 479 -26.03 -22.13 29.81
C ILE D 479 -25.13 -21.03 30.36
N LEU D 480 -23.84 -21.32 30.52
CA LEU D 480 -22.91 -20.33 31.05
C LEU D 480 -22.83 -19.11 30.14
N SER D 481 -22.75 -19.33 28.83
CA SER D 481 -22.70 -18.22 27.89
C SER D 481 -23.96 -17.37 27.93
N VAL D 482 -25.12 -18.04 27.97
CA VAL D 482 -26.44 -17.34 27.99
C VAL D 482 -26.53 -16.54 29.29
N SER D 483 -26.04 -17.07 30.42
CA SER D 483 -26.06 -16.37 31.70
C SER D 483 -25.15 -15.16 31.67
N GLY D 484 -23.94 -15.30 31.11
CA GLY D 484 -23.04 -14.16 31.02
C GLY D 484 -23.58 -13.08 30.10
N GLY D 485 -24.24 -13.48 29.01
CA GLY D 485 -24.87 -12.50 28.15
C GLY D 485 -25.94 -11.72 28.89
N VAL D 486 -26.75 -12.40 29.68
CA VAL D 486 -27.75 -11.72 30.50
C VAL D 486 -27.07 -10.78 31.49
N TYR D 487 -25.94 -11.22 32.05
CA TYR D 487 -25.20 -10.38 32.99
C TYR D 487 -24.74 -9.09 32.33
N PHE D 488 -24.22 -9.19 31.11
CA PHE D 488 -23.73 -8.01 30.36
C PHE D 488 -24.93 -7.15 29.96
N PHE D 489 -26.10 -7.74 29.67
CA PHE D 489 -27.32 -6.97 29.39
C PHE D 489 -27.73 -6.14 30.61
N PHE D 490 -27.75 -6.79 31.79
CA PHE D 490 -28.15 -6.15 33.06
C PHE D 490 -27.12 -5.09 33.45
N ARG D 491 -25.83 -5.30 33.15
CA ARG D 491 -24.80 -4.30 33.40
C ARG D 491 -25.01 -3.06 32.52
N GLY D 492 -25.31 -3.27 31.24
CA GLY D 492 -25.54 -2.15 30.35
C GLY D 492 -26.77 -1.35 30.74
N ILE D 493 -27.87 -2.04 31.07
CA ILE D 493 -29.08 -1.33 31.47
C ILE D 493 -28.83 -0.54 32.75
N GLN D 494 -28.08 -1.15 33.69
CA GLN D 494 -27.77 -0.52 35.00
C GLN D 494 -26.87 0.70 34.77
N TYR D 495 -26.04 0.70 33.73
CA TYR D 495 -25.19 1.87 33.37
C TYR D 495 -26.09 2.95 32.77
N PHE D 496 -26.97 2.58 31.84
CA PHE D 496 -27.86 3.55 31.16
C PHE D 496 -28.73 4.24 32.23
N LEU D 497 -29.24 3.50 33.22
CA LEU D 497 -30.11 4.10 34.23
C LEU D 497 -29.33 4.98 35.19
N GLN D 498 -28.23 4.47 35.74
CA GLN D 498 -27.49 5.20 36.76
C GLN D 498 -26.87 6.47 36.18
N ARG D 499 -26.31 6.39 34.97
CA ARG D 499 -25.62 7.52 34.32
C ARG D 499 -26.66 8.45 33.69
N ARG D 500 -27.81 7.91 33.27
CA ARG D 500 -28.81 8.72 32.54
C ARG D 500 -28.01 9.51 31.50
N PRO D 501 -27.21 8.86 30.63
CA PRO D 501 -26.33 9.57 29.70
C PRO D 501 -27.09 10.31 28.59
N SER D 502 -26.41 11.19 27.86
CA SER D 502 -27.02 11.95 26.73
C SER D 502 -27.49 10.95 25.67
N LEU D 503 -26.79 9.83 25.51
CA LEU D 503 -27.14 8.77 24.53
C LEU D 503 -27.14 9.39 23.11
N LYS D 504 -26.39 10.47 22.89
CA LYS D 504 -26.22 11.08 21.54
C LYS D 504 -24.72 11.08 21.23
N SER D 505 -23.86 11.37 22.22
CA SER D 505 -22.39 11.32 22.06
C SER D 505 -21.90 10.03 22.72
N LEU D 506 -22.81 9.08 22.99
CA LEU D 506 -22.48 7.79 23.65
C LEU D 506 -22.04 6.79 22.60
N PHE D 507 -22.20 7.10 21.31
CA PHE D 507 -21.82 6.21 20.18
C PHE D 507 -20.51 6.70 19.56
N VAL D 508 -20.06 7.90 19.94
CA VAL D 508 -18.78 8.43 19.48
C VAL D 508 -17.81 8.37 20.63
N ASP D 509 -18.29 8.67 21.82
CA ASP D 509 -17.47 8.60 23.06
C ASP D 509 -18.13 7.53 23.95
N SER D 510 -17.36 6.82 24.77
CA SER D 510 -17.90 5.70 25.61
C SER D 510 -18.72 4.77 24.72
N TYR D 511 -18.29 4.58 23.47
CA TYR D 511 -18.98 3.71 22.48
C TYR D 511 -18.65 2.25 22.79
N SER D 512 -17.67 1.98 23.65
CA SER D 512 -17.29 0.60 24.05
C SER D 512 -18.51 -0.09 24.65
N GLU D 513 -19.15 0.47 25.67
CA GLU D 513 -20.29 -0.10 26.36
C GLU D 513 -21.48 -0.28 25.42
N ILE D 514 -21.60 0.58 24.41
CA ILE D 514 -22.64 0.39 23.40
C ILE D 514 -22.41 -0.92 22.65
N LEU D 515 -21.16 -1.19 22.27
CA LEU D 515 -20.85 -2.44 21.58
C LEU D 515 -21.10 -3.65 22.48
N PHE D 516 -20.72 -3.55 23.75
CA PHE D 516 -21.00 -4.65 24.68
C PHE D 516 -22.50 -4.89 24.81
N PHE D 517 -23.29 -3.80 24.90
CA PHE D 517 -24.73 -3.96 24.97
C PHE D 517 -25.29 -4.56 23.69
N VAL D 518 -24.71 -4.21 22.54
CA VAL D 518 -25.14 -4.82 21.29
C VAL D 518 -24.87 -6.33 21.32
N GLN D 519 -23.72 -6.70 21.86
CA GLN D 519 -23.33 -8.13 22.01
C GLN D 519 -24.36 -8.83 22.89
N SER D 520 -24.81 -8.16 23.97
CA SER D 520 -25.78 -8.72 24.94
C SER D 520 -27.17 -8.81 24.31
N LEU D 521 -27.54 -7.86 23.45
CA LEU D 521 -28.82 -7.89 22.75
C LEU D 521 -28.86 -9.02 21.74
N PHE D 522 -27.77 -9.21 20.99
CA PHE D 522 -27.72 -10.29 20.04
C PHE D 522 -27.81 -11.64 20.74
N MET D 523 -27.16 -11.78 21.89
CA MET D 523 -27.27 -13.02 22.65
C MET D 523 -28.72 -13.26 23.09
N LEU D 524 -29.37 -12.22 23.62
CA LEU D 524 -30.76 -12.33 24.11
C LEU D 524 -31.68 -12.80 22.99
N VAL D 525 -31.61 -12.17 21.81
CA VAL D 525 -32.50 -12.51 20.66
C VAL D 525 -32.08 -13.87 20.11
N SER D 526 -30.84 -14.31 20.32
CA SER D 526 -30.39 -15.67 19.92
C SER D 526 -31.14 -16.69 20.77
N VAL D 527 -31.20 -16.48 22.08
CA VAL D 527 -31.87 -17.43 23.03
C VAL D 527 -33.35 -17.53 22.66
N VAL D 528 -34.02 -16.40 22.41
CA VAL D 528 -35.47 -16.37 22.09
C VAL D 528 -35.70 -17.02 20.72
N LEU D 529 -34.80 -16.81 19.74
CA LEU D 529 -34.88 -17.44 18.40
C LEU D 529 -34.73 -18.94 18.56
N TYR D 530 -33.78 -19.39 19.38
CA TYR D 530 -33.52 -20.83 19.63
C TYR D 530 -34.74 -21.45 20.33
N PHE D 531 -35.40 -20.70 21.21
CA PHE D 531 -36.58 -21.18 21.98
C PHE D 531 -37.87 -20.98 21.18
N SER D 532 -37.85 -20.19 20.11
CA SER D 532 -39.05 -19.86 19.30
C SER D 532 -39.11 -20.76 18.06
N GLN D 533 -38.31 -21.83 17.99
CA GLN D 533 -38.32 -22.75 16.87
C GLN D 533 -38.06 -22.01 15.56
N ARG D 534 -36.90 -21.37 15.49
CA ARG D 534 -36.45 -20.69 14.27
C ARG D 534 -34.95 -20.93 14.10
N LYS D 535 -34.50 -20.85 12.85
CA LYS D 535 -33.11 -21.12 12.51
C LYS D 535 -32.25 -19.86 12.46
N GLU D 536 -32.86 -18.70 12.76
CA GLU D 536 -32.16 -17.39 12.73
C GLU D 536 -31.35 -17.21 14.01
N TYR D 537 -31.43 -18.13 14.98
CA TYR D 537 -30.61 -18.06 16.18
C TYR D 537 -29.14 -18.28 15.85
N VAL D 538 -28.85 -19.09 14.84
CA VAL D 538 -27.44 -19.40 14.44
C VAL D 538 -26.80 -18.13 13.87
N ALA D 539 -27.53 -17.32 13.09
CA ALA D 539 -27.00 -16.06 12.59
C ALA D 539 -26.81 -15.06 13.72
N SER D 540 -27.81 -14.96 14.61
CA SER D 540 -27.70 -14.01 15.71
C SER D 540 -26.50 -14.34 16.60
N MET D 541 -26.31 -15.62 16.95
CA MET D 541 -25.24 -16.01 17.91
C MET D 541 -23.87 -15.88 17.22
N VAL D 542 -23.80 -16.08 15.90
CA VAL D 542 -22.54 -15.96 15.12
C VAL D 542 -22.16 -14.48 15.08
N PHE D 543 -23.12 -13.57 14.90
CA PHE D 543 -22.89 -12.10 14.94
C PHE D 543 -22.49 -11.71 16.36
N SER D 544 -23.11 -12.32 17.38
CA SER D 544 -22.81 -12.04 18.81
C SER D 544 -21.38 -12.51 19.11
N LEU D 545 -20.97 -13.67 18.59
CA LEU D 545 -19.60 -14.22 18.81
C LEU D 545 -18.59 -13.24 18.22
N ALA D 546 -18.81 -12.77 16.99
CA ALA D 546 -17.91 -11.82 16.30
C ALA D 546 -17.95 -10.46 17.02
N MET D 547 -19.12 -10.04 17.49
CA MET D 547 -19.29 -8.75 18.19
C MET D 547 -18.48 -8.79 19.50
N GLY D 548 -18.56 -9.90 20.23
CA GLY D 548 -17.81 -10.06 21.50
C GLY D 548 -16.34 -10.31 21.24
N TRP D 549 -16.00 -10.86 20.07
CA TRP D 549 -14.59 -11.13 19.69
C TRP D 549 -13.89 -9.81 19.38
N THR D 550 -14.56 -8.88 18.70
CA THR D 550 -14.00 -7.55 18.38
C THR D 550 -13.90 -6.75 19.68
N ASN D 551 -14.76 -7.03 20.67
CA ASN D 551 -14.79 -6.27 21.90
C ASN D 551 -13.63 -6.60 22.82
N MET D 552 -13.05 -7.81 22.71
CA MET D 552 -11.83 -8.11 23.45
C MET D 552 -10.83 -6.96 23.38
N LEU D 553 -10.83 -6.22 22.27
CA LEU D 553 -9.95 -5.07 22.14
C LEU D 553 -10.23 -4.04 23.23
N TYR D 554 -11.41 -4.06 23.85
CA TYR D 554 -11.63 -3.19 25.01
C TYR D 554 -10.70 -3.56 26.14
N TYR D 555 -10.68 -4.85 26.51
CA TYR D 555 -9.78 -5.29 27.57
C TYR D 555 -8.33 -5.25 27.13
N THR D 556 -8.05 -5.00 25.85
CA THR D 556 -6.65 -4.83 25.38
C THR D 556 -6.06 -3.59 26.07
N ARG D 557 -6.91 -2.69 26.60
CA ARG D 557 -6.41 -1.47 27.29
C ARG D 557 -5.92 -1.83 28.69
N GLY D 558 -5.18 -0.95 29.35
CA GLY D 558 -4.35 -1.17 30.51
C GLY D 558 -2.86 -1.30 30.27
N PHE D 559 -2.43 -1.38 29.03
CA PHE D 559 -1.02 -1.36 28.66
C PHE D 559 -0.80 -0.14 27.78
N GLN D 560 0.24 0.63 28.08
CA GLN D 560 0.39 1.95 27.49
C GLN D 560 0.42 1.89 25.97
N GLN D 561 1.36 1.10 25.42
CA GLN D 561 1.50 1.04 23.98
C GLN D 561 0.26 0.47 23.32
N MET D 562 -0.21 -0.69 23.80
CA MET D 562 -1.36 -1.41 23.17
C MET D 562 -2.63 -0.56 23.24
N GLY D 563 -2.91 0.07 24.39
CA GLY D 563 -4.13 0.88 24.57
C GLY D 563 -4.14 2.11 23.67
N ILE D 564 -3.00 2.80 23.54
CA ILE D 564 -2.88 4.02 22.69
C ILE D 564 -2.93 3.57 21.22
N TYR D 565 -2.42 2.37 20.91
CA TYR D 565 -2.47 1.80 19.54
C TYR D 565 -3.93 1.54 19.19
N ALA D 566 -4.70 0.98 20.13
CA ALA D 566 -6.15 0.73 19.94
C ALA D 566 -6.87 2.08 19.89
N VAL D 567 -6.37 3.10 20.61
CA VAL D 567 -6.94 4.48 20.61
C VAL D 567 -6.79 5.05 19.20
N MET D 568 -5.65 4.81 18.55
CA MET D 568 -5.41 5.30 17.16
C MET D 568 -6.37 4.56 16.22
N ILE D 569 -6.52 3.24 16.36
CA ILE D 569 -7.47 2.43 15.54
C ILE D 569 -8.89 2.93 15.85
N GLU D 570 -9.14 3.40 17.08
CA GLU D 570 -10.48 3.88 17.51
C GLU D 570 -10.80 5.23 16.85
N LYS D 571 -9.83 6.14 16.73
CA LYS D 571 -10.07 7.50 16.20
C LYS D 571 -9.89 7.51 14.68
N MET D 572 -9.28 6.46 14.10
CA MET D 572 -9.02 6.38 12.64
C MET D 572 -10.23 5.71 11.97
N ILE D 573 -11.00 4.91 12.71
CA ILE D 573 -12.23 4.28 12.16
C ILE D 573 -13.36 5.32 12.26
N LEU D 574 -13.33 6.19 13.28
CA LEU D 574 -14.33 7.24 13.42
C LEU D 574 -14.25 8.23 12.26
N ARG D 575 -13.07 8.74 11.96
CA ARG D 575 -12.95 9.84 11.00
C ARG D 575 -12.61 9.36 9.59
N ASP D 576 -11.43 8.76 9.42
CA ASP D 576 -10.91 8.54 8.07
C ASP D 576 -11.67 7.43 7.36
N LEU D 577 -11.89 6.33 8.09
CA LEU D 577 -12.59 5.15 7.53
C LEU D 577 -14.05 5.54 7.26
N CYS D 578 -14.66 6.47 8.00
CA CYS D 578 -16.02 6.94 7.72
C CYS D 578 -16.07 7.76 6.44
N ARG D 579 -15.20 8.77 6.33
CA ARG D 579 -15.18 9.68 5.15
C ARG D 579 -14.85 8.89 3.88
N PHE D 580 -13.89 7.96 3.95
CA PHE D 580 -13.51 7.16 2.78
C PHE D 580 -14.62 6.19 2.41
N MET D 581 -15.25 5.59 3.41
CA MET D 581 -16.35 4.61 3.17
C MET D 581 -17.51 5.35 2.48
N PHE D 582 -17.80 6.60 2.85
CA PHE D 582 -18.92 7.41 2.28
C PHE D 582 -18.63 7.75 0.81
N VAL D 583 -17.38 8.12 0.47
CA VAL D 583 -17.01 8.55 -0.91
C VAL D 583 -16.78 7.31 -1.78
N TYR D 584 -16.28 6.21 -1.23
CA TYR D 584 -16.11 4.97 -1.96
C TYR D 584 -17.46 4.32 -2.24
N LEU D 585 -18.40 4.42 -1.29
CA LEU D 585 -19.73 3.87 -1.52
C LEU D 585 -20.43 4.57 -2.66
N VAL D 586 -20.38 5.91 -2.69
CA VAL D 586 -21.06 6.61 -3.79
C VAL D 586 -20.43 6.23 -5.12
N PHE D 587 -19.09 6.22 -5.18
CA PHE D 587 -18.36 5.88 -6.42
C PHE D 587 -18.74 4.46 -6.84
N LEU D 588 -18.59 3.47 -5.97
CA LEU D 588 -18.83 2.03 -6.28
C LEU D 588 -20.30 1.78 -6.64
N PHE D 589 -21.26 2.44 -5.99
CA PHE D 589 -22.71 2.30 -6.32
C PHE D 589 -22.94 2.86 -7.72
N GLY D 590 -22.38 4.04 -8.03
CA GLY D 590 -22.59 4.63 -9.34
C GLY D 590 -22.05 3.78 -10.47
N PHE D 591 -20.82 3.30 -10.32
CA PHE D 591 -20.23 2.52 -11.40
C PHE D 591 -20.89 1.16 -11.54
N SER D 592 -21.29 0.54 -10.43
CA SER D 592 -22.04 -0.70 -10.52
C SER D 592 -23.36 -0.50 -11.24
N THR D 593 -24.03 0.62 -10.95
CA THR D 593 -25.33 0.98 -11.59
C THR D 593 -25.12 1.18 -13.09
N ALA D 594 -24.02 1.83 -13.50
CA ALA D 594 -23.74 2.02 -14.92
C ALA D 594 -23.46 0.70 -15.61
N VAL D 595 -22.63 -0.13 -14.97
CA VAL D 595 -22.20 -1.44 -15.52
C VAL D 595 -23.40 -2.38 -15.66
N VAL D 596 -24.31 -2.43 -14.69
CA VAL D 596 -25.46 -3.37 -14.70
C VAL D 596 -26.48 -2.85 -15.73
N THR D 597 -26.58 -1.53 -15.92
CA THR D 597 -27.49 -0.93 -16.91
C THR D 597 -26.95 -1.24 -18.31
N LEU D 598 -25.61 -1.29 -18.46
CA LEU D 598 -24.94 -1.63 -19.75
C LEU D 598 -25.12 -3.13 -20.00
N ILE D 599 -24.82 -3.96 -19.00
CA ILE D 599 -25.00 -5.45 -19.11
C ILE D 599 -26.41 -5.70 -19.63
N GLU D 600 -26.56 -6.54 -20.66
CA GLU D 600 -27.87 -6.79 -21.31
C GLU D 600 -28.60 -7.92 -20.58
N ASP D 601 -27.91 -9.05 -20.31
CA ASP D 601 -28.51 -10.22 -19.62
C ASP D 601 -27.39 -11.15 -19.15
N GLY D 602 -27.64 -12.00 -18.16
CA GLY D 602 -26.68 -12.96 -17.66
C GLY D 602 -26.79 -13.09 -16.16
N LYS D 603 -26.06 -14.02 -15.48
CA LYS D 603 -26.00 -14.26 -14.04
C LYS D 603 -25.52 -13.04 -13.27
N TYR D 604 -24.89 -12.00 -14.03
CA TYR D 604 -24.50 -10.75 -13.40
C TYR D 604 -25.46 -9.62 -13.70
N ASN D 605 -26.59 -9.92 -14.36
CA ASN D 605 -27.57 -8.87 -14.64
C ASN D 605 -28.17 -8.31 -13.36
N SER D 606 -28.04 -9.01 -12.25
CA SER D 606 -28.51 -8.50 -10.98
C SER D 606 -27.59 -7.39 -10.49
N LEU D 607 -28.18 -6.40 -9.83
CA LEU D 607 -27.39 -5.29 -9.30
C LEU D 607 -26.40 -5.78 -8.24
N TYR D 608 -26.84 -6.72 -7.40
CA TYR D 608 -26.01 -7.27 -6.30
C TYR D 608 -24.78 -7.98 -6.87
N SER D 609 -24.93 -8.74 -7.96
CA SER D 609 -23.81 -9.48 -8.54
C SER D 609 -22.78 -8.52 -9.15
N THR D 610 -23.25 -7.55 -9.94
CA THR D 610 -22.33 -6.59 -10.54
C THR D 610 -21.64 -5.76 -9.46
N CYS D 611 -22.37 -5.39 -8.41
CA CYS D 611 -21.76 -4.66 -7.31
C CYS D 611 -20.64 -5.48 -6.68
N LEU D 612 -20.87 -6.77 -6.46
CA LEU D 612 -19.84 -7.62 -5.87
C LEU D 612 -18.64 -7.73 -6.80
N GLU D 613 -18.87 -7.90 -8.11
CA GLU D 613 -17.78 -8.00 -9.12
C GLU D 613 -16.96 -6.72 -9.07
N LEU D 614 -17.61 -5.56 -9.00
CA LEU D 614 -16.93 -4.24 -8.95
C LEU D 614 -16.14 -4.14 -7.64
N PHE D 615 -16.71 -4.58 -6.51
CA PHE D 615 -16.03 -4.50 -5.22
C PHE D 615 -14.79 -5.36 -5.19
N LYS D 616 -14.83 -6.53 -5.84
CA LYS D 616 -13.70 -7.45 -5.81
C LYS D 616 -12.40 -6.80 -6.30
N PHE D 617 -12.49 -5.64 -6.96
CA PHE D 617 -11.29 -4.92 -7.36
C PHE D 617 -10.54 -4.40 -6.14
N THR D 618 -11.26 -3.92 -5.12
CA THR D 618 -10.62 -3.31 -3.92
C THR D 618 -9.71 -4.31 -3.22
N ILE D 619 -10.10 -5.59 -3.14
CA ILE D 619 -9.31 -6.63 -2.40
C ILE D 619 -8.23 -7.23 -3.31
N GLY D 620 -7.96 -6.65 -4.49
CA GLY D 620 -6.89 -7.15 -5.34
C GLY D 620 -7.30 -8.37 -6.12
N MET D 621 -8.55 -8.41 -6.60
CA MET D 621 -9.09 -9.58 -7.32
C MET D 621 -9.83 -9.14 -8.59
N GLY D 622 -9.74 -7.87 -9.00
CA GLY D 622 -10.51 -7.43 -10.16
C GLY D 622 -10.23 -8.28 -11.38
N ASP D 623 -11.30 -8.70 -12.04
CA ASP D 623 -11.20 -9.59 -13.20
C ASP D 623 -11.12 -8.83 -14.52
N LEU D 624 -11.82 -7.70 -14.62
CA LEU D 624 -11.82 -6.82 -15.82
C LEU D 624 -12.55 -7.51 -17.00
N GLU D 625 -12.93 -8.79 -16.89
CA GLU D 625 -13.73 -9.45 -17.93
C GLU D 625 -14.77 -10.36 -17.31
N PHE D 626 -15.20 -10.05 -16.08
CA PHE D 626 -16.15 -10.90 -15.31
C PHE D 626 -17.40 -11.21 -16.14
N THR D 627 -17.90 -10.26 -16.94
CA THR D 627 -19.13 -10.43 -17.78
C THR D 627 -18.74 -10.61 -19.24
N GLU D 628 -19.61 -11.23 -20.05
CA GLU D 628 -19.39 -11.40 -21.50
C GLU D 628 -20.63 -10.88 -22.24
N ASN D 629 -21.84 -11.19 -21.76
CA ASN D 629 -23.11 -10.75 -22.39
C ASN D 629 -23.43 -9.34 -21.89
N TYR D 630 -22.94 -8.30 -22.58
CA TYR D 630 -23.16 -6.89 -22.19
C TYR D 630 -23.18 -5.98 -23.42
N ASP D 631 -23.29 -4.66 -23.25
CA ASP D 631 -23.24 -3.68 -24.36
C ASP D 631 -21.90 -3.85 -25.08
N PHE D 632 -21.75 -3.34 -26.31
CA PHE D 632 -20.50 -3.49 -27.10
C PHE D 632 -19.32 -3.24 -26.15
N LYS D 633 -18.29 -4.08 -26.18
CA LYS D 633 -17.12 -3.99 -25.27
C LYS D 633 -16.59 -2.55 -25.20
N ALA D 634 -16.74 -1.75 -26.26
CA ALA D 634 -16.25 -0.36 -26.31
C ALA D 634 -16.58 0.39 -25.00
N VAL D 635 -17.80 0.26 -24.48
CA VAL D 635 -18.26 1.04 -23.28
C VAL D 635 -17.89 0.33 -21.98
N PHE D 636 -17.91 -1.01 -21.95
CA PHE D 636 -17.66 -1.81 -20.72
C PHE D 636 -16.21 -1.70 -20.25
N ILE D 637 -15.24 -1.60 -21.17
CA ILE D 637 -13.79 -1.56 -20.83
C ILE D 637 -13.49 -0.17 -20.25
N ILE D 638 -13.87 0.91 -20.93
CA ILE D 638 -13.61 2.29 -20.50
C ILE D 638 -14.21 2.53 -19.12
N LEU D 639 -15.44 2.04 -18.89
CA LEU D 639 -16.07 2.23 -17.59
C LEU D 639 -15.25 1.53 -16.49
N LEU D 640 -14.81 0.31 -16.75
CA LEU D 640 -14.06 -0.42 -15.72
C LEU D 640 -12.72 0.24 -15.43
N LEU D 641 -12.01 0.69 -16.47
CA LEU D 641 -10.76 1.40 -16.24
C LEU D 641 -10.98 2.70 -15.49
N ALA D 642 -12.05 3.42 -15.82
CA ALA D 642 -12.36 4.64 -15.07
C ALA D 642 -12.63 4.34 -13.61
N TYR D 643 -13.40 3.28 -13.35
CA TYR D 643 -13.68 2.89 -11.98
C TYR D 643 -12.40 2.54 -11.23
N VAL D 644 -11.52 1.77 -11.88
CA VAL D 644 -10.27 1.37 -11.24
C VAL D 644 -9.43 2.60 -10.92
N ILE D 645 -9.24 3.47 -11.91
CA ILE D 645 -8.40 4.65 -11.71
C ILE D 645 -8.97 5.52 -10.59
N LEU D 646 -10.29 5.71 -10.57
CA LEU D 646 -10.87 6.60 -9.57
C LEU D 646 -10.85 5.99 -8.17
N THR D 647 -11.09 4.68 -8.03
CA THR D 647 -11.23 4.04 -6.70
C THR D 647 -9.95 3.35 -6.22
N TYR D 648 -9.39 2.40 -6.98
CA TYR D 648 -8.25 1.64 -6.49
C TYR D 648 -6.98 2.47 -6.51
N ILE D 649 -6.69 3.13 -7.64
CA ILE D 649 -5.44 3.84 -7.79
C ILE D 649 -5.42 5.17 -7.06
N LEU D 650 -6.59 5.71 -6.71
CA LEU D 650 -6.66 7.09 -6.14
C LEU D 650 -7.20 7.15 -4.71
N LEU D 651 -8.29 6.47 -4.35
CA LEU D 651 -8.90 6.67 -3.04
C LEU D 651 -8.20 5.86 -1.94
N LEU D 652 -7.76 4.64 -2.23
CA LEU D 652 -7.06 3.86 -1.21
C LEU D 652 -5.73 4.52 -0.85
N ASN D 653 -5.00 5.00 -1.85
CA ASN D 653 -3.77 5.72 -1.58
C ASN D 653 -4.05 7.02 -0.83
N MET D 654 -5.18 7.66 -1.16
CA MET D 654 -5.60 8.92 -0.49
C MET D 654 -5.90 8.59 0.98
N LEU D 655 -6.49 7.42 1.27
CA LEU D 655 -6.79 6.97 2.65
C LEU D 655 -5.46 6.73 3.38
N ILE D 656 -4.48 6.10 2.72
CA ILE D 656 -3.19 5.81 3.36
C ILE D 656 -2.48 7.11 3.72
N ALA D 657 -2.45 8.06 2.79
CA ALA D 657 -1.80 9.33 3.07
C ALA D 657 -2.48 10.08 4.21
N LEU D 658 -3.82 10.06 4.19
CA LEU D 658 -4.62 10.79 5.21
C LEU D 658 -4.37 10.18 6.60
N MET D 659 -4.25 8.86 6.72
CA MET D 659 -4.01 8.18 8.02
C MET D 659 -2.54 8.31 8.39
N GLY D 660 -1.63 8.53 7.43
CA GLY D 660 -0.23 8.81 7.75
C GLY D 660 -0.07 10.17 8.41
N GLU D 661 -0.60 11.21 7.75
CA GLU D 661 -0.50 12.60 8.25
C GLU D 661 -1.25 12.70 9.58
N THR D 662 -2.41 12.05 9.72
CA THR D 662 -3.18 12.07 10.96
C THR D 662 -2.39 11.43 12.10
N VAL D 663 -1.74 10.30 11.81
CA VAL D 663 -0.90 9.56 12.79
C VAL D 663 0.26 10.48 13.20
N ASN D 664 0.80 11.27 12.26
CA ASN D 664 1.86 12.22 12.58
C ASN D 664 1.36 13.35 13.46
N LYS D 665 0.06 13.63 13.49
CA LYS D 665 -0.47 14.75 14.26
C LYS D 665 -1.00 14.39 15.65
N ILE D 666 -1.19 13.09 15.94
CA ILE D 666 -1.97 12.64 17.14
C ILE D 666 -1.18 11.88 18.21
N ALA D 667 0.04 12.25 18.57
CA ALA D 667 0.73 11.57 19.66
C ALA D 667 0.24 11.98 21.05
N GLN D 668 0.41 13.25 21.40
CA GLN D 668 0.12 13.69 22.76
C GLN D 668 -1.35 13.51 23.12
N GLU D 669 -2.25 13.85 22.20
CA GLU D 669 -3.66 13.71 22.49
C GLU D 669 -4.06 12.25 22.64
N SER D 670 -3.40 11.35 21.90
CA SER D 670 -3.67 9.88 21.99
C SER D 670 -3.17 9.36 23.34
N LYS D 671 -2.05 9.89 23.86
CA LYS D 671 -1.62 9.52 25.21
C LYS D 671 -2.58 10.05 26.26
N ASN D 672 -3.00 11.30 26.12
CA ASN D 672 -3.88 11.90 27.12
C ASN D 672 -5.23 11.19 27.18
N ILE D 673 -5.81 10.86 26.02
CA ILE D 673 -7.14 10.19 25.96
C ILE D 673 -6.97 8.78 26.53
N TRP D 674 -5.82 8.14 26.33
CA TRP D 674 -5.54 6.80 26.90
C TRP D 674 -5.49 6.93 28.42
N LYS D 675 -4.92 8.01 28.96
CA LYS D 675 -4.89 8.27 30.39
C LYS D 675 -6.30 8.48 30.93
N LEU D 676 -7.13 9.22 30.19
CA LEU D 676 -8.54 9.48 30.58
C LEU D 676 -9.29 8.15 30.65
N GLN D 677 -9.03 7.23 29.72
CA GLN D 677 -9.71 5.92 29.63
C GLN D 677 -9.31 5.03 30.81
N ARG D 678 -8.05 5.07 31.25
CA ARG D 678 -7.58 4.26 32.40
C ARG D 678 -8.15 4.88 33.68
N ALA D 679 -8.16 6.20 33.80
CA ALA D 679 -8.70 6.91 34.99
C ALA D 679 -10.14 6.49 35.22
N ILE D 680 -10.96 6.40 34.16
CA ILE D 680 -12.39 6.02 34.27
C ILE D 680 -12.51 4.52 34.52
N THR D 681 -11.74 3.70 33.81
CA THR D 681 -11.78 2.21 33.93
C THR D 681 -11.50 1.83 35.38
N ILE D 682 -10.49 2.44 36.01
CA ILE D 682 -10.07 2.09 37.40
C ILE D 682 -11.02 2.75 38.38
N LEU D 683 -11.67 3.87 38.02
CA LEU D 683 -12.72 4.52 38.84
C LEU D 683 -13.91 3.57 38.92
N ASP D 684 -14.21 2.87 37.82
CA ASP D 684 -15.33 1.91 37.77
C ASP D 684 -15.03 0.76 38.74
N THR D 685 -13.78 0.29 38.79
CA THR D 685 -13.34 -0.79 39.72
C THR D 685 -13.37 -0.24 41.16
N GLU D 686 -13.06 1.04 41.35
CA GLU D 686 -13.04 1.70 42.68
C GLU D 686 -14.48 1.77 43.22
N LYS D 687 -15.47 2.01 42.34
CA LYS D 687 -16.89 2.16 42.76
C LYS D 687 -17.53 0.77 42.87
N SER D 688 -16.98 -0.24 42.18
CA SER D 688 -17.51 -1.62 42.20
C SER D 688 -16.60 -2.50 43.05
N PHE D 689 -15.61 -1.93 43.76
CA PHE D 689 -14.72 -2.68 44.70
C PHE D 689 -14.10 -1.69 45.69
C5 8IJ E . 21.35 -6.55 19.76
C6 8IJ E . 20.61 -5.50 20.62
C8 8IJ E . 21.28 -4.13 20.60
C10 8IJ E . 22.76 -4.24 20.90
C17 8IJ E . 20.21 -8.42 15.19
C21 8IJ E . 16.32 -8.90 14.68
C24 8IJ E . 14.70 -10.15 16.07
C26 8IJ E . 14.99 -12.59 16.51
C28 8IJ E . 15.54 -14.45 18.12
C12 8IJ E . 23.37 -5.09 19.80
C14 8IJ E . 22.87 -6.52 19.96
C18 8IJ E . 19.80 -9.88 15.06
C19 8IJ E . 18.29 -10.05 14.93
C23 8IJ E . 15.44 -10.15 14.73
C25 8IJ E . 13.99 -11.47 16.29
C27 8IJ E . 14.54 -13.36 17.76
C29 8IJ E . 15.08 -15.08 19.43
C41 8IJ E . 19.97 -10.22 12.72
C43 8IJ E . 19.41 -11.36 11.86
O1 8IJ E . 22.57 -7.40 16.63
O11 8IJ E . 22.96 -4.82 22.14
O13 8IJ E . 22.97 -4.61 18.56
O3 8IJ E . 21.81 -8.81 18.17
O4 8IJ E . 21.07 -6.36 18.40
O7 8IJ E . 19.32 -5.36 20.11
O9 8IJ E . 21.09 -3.54 19.34
C44 8IJ E . 17.90 -11.38 11.96
C45 8IJ E . 17.28 -11.71 10.61
C46 8IJ E . 15.77 -11.64 10.78
C47 8IJ E . 15.26 -12.96 11.36
C48 8IJ E . 14.74 -12.80 12.78
C49 8IJ E . 13.73 -13.90 13.07
C50 8IJ E . 14.30 -15.28 12.72
C51 8IJ E . 13.74 -15.79 11.40
C52 8IJ E . 13.35 -17.26 11.52
C53 8IJ E . 13.28 -17.92 10.15
C54 8IJ E . 12.60 -19.28 10.31
C55 8IJ E . 12.86 -20.12 9.07
O15 8IJ E . 23.21 -6.96 21.23
O16 8IJ E . 20.05 -8.03 16.53
O20 8IJ E . 17.65 -8.98 14.31
O22 8IJ E . 15.85 -7.88 15.00
O40 8IJ E . 20.48 -10.48 13.99
O42 8IJ E . 19.94 -9.11 12.29
P2 8IJ E . 21.38 -7.64 17.43
H5 8IJ E . 20.98 -7.52 20.04
H6 8IJ E . 20.57 -5.87 21.63
H8 8IJ E . 20.82 -3.53 21.37
H10 8IJ E . 23.20 -3.25 20.86
H17B 8IJ E . 19.61 -7.78 14.54
H17A 8IJ E . 21.25 -8.33 14.90
H24A 8IJ E . 13.97 -9.34 16.07
H24B 8IJ E . 15.41 -9.99 16.87
H26A 8IJ E . 14.98 -13.25 15.65
H26B 8IJ E . 15.98 -12.18 16.66
H28A 8IJ E . 15.57 -15.20 17.34
H28B 8IJ E . 16.53 -14.02 18.26
H12 8IJ E . 24.45 -5.08 19.88
H14 8IJ E . 23.35 -7.14 19.21
H18 8IJ E . 20.11 -10.38 15.98
H19B 8IJ E . 17.84 -10.19 15.91
H19A 8IJ E . 18.11 -10.93 14.35
H23B 8IJ E . 16.02 -11.06 14.63
H23A 8IJ E . 14.71 -10.10 13.92
H25A 8IJ E . 13.35 -11.39 17.17
H25B 8IJ E . 13.37 -11.71 15.43
H27B 8IJ E . 14.46 -12.67 18.58
H27A 8IJ E . 13.58 -13.81 17.56
H29A 8IJ E . 15.34 -14.44 20.26
H29B 8IJ E . 15.54 -16.05 19.55
H43A 8IJ E . 19.82 -12.30 12.21
H43B 8IJ E . 19.70 -11.21 10.83
H11 8IJ E . 23.60 -4.32 22.62
H13 8IJ E . 22.30 -3.94 18.68
H7 8IJ E . 19.23 -5.88 19.32
H9 8IJ E . 21.87 -3.05 19.11
H44B 8IJ E . 17.60 -12.14 12.67
H44A 8IJ E . 17.54 -10.42 12.29
H45B 8IJ E . 17.61 -10.98 9.88
H45A 8IJ E . 17.60 -12.70 10.31
H46B 8IJ E . 15.31 -11.49 9.80
H46A 8IJ E . 15.51 -10.83 11.44
H47A 8IJ E . 14.46 -13.34 10.74
H47B 8IJ E . 16.08 -13.67 11.38
H48B 8IJ E . 15.57 -12.86 13.48
H48A 8IJ E . 14.26 -11.83 12.88
H49B 8IJ E . 13.49 -13.88 14.13
H49A 8IJ E . 12.83 -13.72 12.50
H50A 8IJ E . 15.38 -15.21 12.64
H50B 8IJ E . 14.04 -15.97 13.50
H51B 8IJ E . 12.86 -15.21 11.11
H51A 8IJ E . 14.49 -15.70 10.63
H52B 8IJ E . 14.09 -17.77 12.14
H52A 8IJ E . 12.38 -17.33 12.01
H53B 8IJ E . 12.70 -17.30 9.48
H53A 8IJ E . 14.28 -18.05 9.76
H54A 8IJ E . 13.01 -19.78 11.18
H54B 8IJ E . 11.53 -19.13 10.43
H55B 8IJ E . 13.93 -20.32 8.99
H55A 8IJ E . 12.33 -21.07 9.14
H15 8IJ E . 23.89 -7.61 21.17
NA NA F . -2.98 -6.89 -3.96
OAA NKN G . 17.51 10.79 -18.92
OAB NKN G . 17.00 11.27 -16.77
PAC NKN G . 16.95 10.17 -17.75
OAD NKN G . 18.03 9.26 -17.43
OAE NKN G . 16.69 3.96 -16.09
OAF NKN G . 15.48 9.44 -17.90
CAG NKN G . 15.41 8.22 -18.59
CAH NKN G . 14.68 7.18 -17.73
CAI NKN G . 15.64 6.09 -17.22
OAJ NKN G . 14.94 4.87 -17.15
CAK NKN G . 15.59 3.82 -16.50
CAL NKN G . 14.90 2.47 -16.30
CAM NKN G . 14.51 1.85 -17.64
CAN NKN G . 15.66 1.03 -18.22
CAO NKN G . 15.33 -0.46 -18.06
CAP NKN G . 14.41 -0.89 -19.19
CAQ NKN G . 14.01 -2.35 -18.99
CAR NKN G . 13.46 -2.89 -20.30
CAS NKN G . 13.38 -4.42 -20.26
CAT NKN G . 14.41 -5.15 -21.13
CAU NKN G . 15.85 -4.72 -20.97
CAV NKN G . 16.37 -5.07 -19.58
CAW NKN G . 17.47 -4.08 -19.17
CAX NKN G . 18.62 -4.13 -20.17
OAY NKN G . 14.10 7.80 -16.62
HAG NKN G . 16.40 7.87 -18.81
HAGA NKN G . 14.86 8.36 -19.51
HAH NKN G . 13.91 6.71 -18.33
HAI NKN G . 16.48 6.00 -17.90
HAIA NKN G . 16.00 6.38 -16.24
HAL NKN G . 14.00 2.62 -15.71
HALA NKN G . 15.57 1.79 -15.77
HAM NKN G . 14.25 2.64 -18.34
HAMA NKN G . 13.67 1.20 -17.47
HAN NKN G . 16.58 1.26 -17.70
HANA NKN G . 15.76 1.26 -19.27
HAO NKN G . 14.83 -0.62 -17.12
HAOA NKN G . 16.25 -1.04 -18.10
HAP NKN G . 14.92 -0.78 -20.15
HAPA NKN G . 13.51 -0.28 -19.19
HAQ NKN G . 13.26 -2.41 -18.21
HAQA NKN G . 14.89 -2.91 -18.68
HAR NKN G . 14.11 -2.58 -21.12
HARA NKN G . 12.47 -2.49 -20.47
HAS NKN G . 13.45 -4.76 -19.23
HAT NKN G . 14.12 -5.11 -22.17
HAU NKN G . 15.94 -3.65 -21.13
HAUA NKN G . 16.47 -5.23 -21.72
HAV NKN G . 16.79 -6.07 -19.59
HAVA NKN G . 15.57 -5.03 -18.85
HAW NKN G . 17.84 -4.34 -18.19
HAWA NKN G . 17.05 -3.08 -19.14
HAX NKN G . 19.46 -3.59 -19.78
HAXA NKN G . 18.90 -5.17 -20.35
HAXB NKN G . 18.30 -3.68 -21.11
HOAY NKN G . 13.39 7.27 -16.30
NA NA H . -4.12 -9.53 -5.43
C5 8IJ I . -12.95 25.08 -8.71
C6 8IJ I . -14.10 26.08 -8.76
C8 8IJ I . -13.64 27.46 -8.29
C10 8IJ I . -12.30 27.36 -7.57
C17 8IJ I . -15.19 20.67 -8.59
C21 8IJ I . -12.96 17.54 -10.05
C24 8IJ I . -12.24 17.26 -12.43
C26 8IJ I . -13.16 18.19 -14.54
C28 8IJ I . -14.02 17.48 -16.79
C12 8IJ I . -11.22 26.86 -8.53
C14 8IJ I . -11.74 25.70 -9.37
C18 8IJ I . -15.35 19.36 -9.36
C19 8IJ I . -14.63 18.24 -8.63
C23 8IJ I . -12.90 18.21 -11.42
C25 8IJ I . -11.91 18.06 -13.68
C27 8IJ I . -13.16 17.09 -15.60
C29 8IJ I . -13.32 18.57 -17.59
C41 8IJ I . -17.46 18.68 -8.45
C43 8IJ I . -17.48 17.24 -7.93
O1 8IJ I . -15.30 23.39 -7.84
O11 8IJ I . -12.40 26.49 -6.48
O13 8IJ I . -10.84 27.91 -9.37
O3 8IJ I . -15.76 23.86 -9.98
O4 8IJ I . -13.28 23.90 -9.40
O7 8IJ I . -14.59 26.21 -10.05
O9 8IJ I . -13.51 28.30 -9.38
C44 8IJ I . -17.84 16.30 -9.06
C45 8IJ I . -16.94 15.07 -9.03
C46 8IJ I . -16.90 14.41 -10.40
C47 8IJ I . -15.51 14.59 -11.03
C48 8IJ I . -14.86 13.24 -11.27
C49 8IJ I . -15.14 12.78 -12.70
C50 8IJ I . -16.21 11.70 -12.73
C51 8IJ I . -15.98 10.79 -13.94
C52 8IJ I . -17.23 9.98 -14.26
C53 8IJ I . -17.02 9.16 -15.51
C54 8IJ I . -18.29 8.37 -15.80
C55 8IJ I . -18.06 7.39 -16.94
O15 8IJ I . -10.73 24.73 -9.49
O16 8IJ I . -14.67 21.59 -9.51
O20 8IJ I . -13.27 18.30 -8.93
O22 8IJ I . -12.77 16.37 -9.95
O40 8IJ I . -16.70 19.03 -9.57
O42 8IJ I . -18.11 19.50 -7.91
P2 8IJ I . -14.75 23.19 -9.17
H5 8IJ I . -12.69 24.83 -7.69
H6 8IJ I . -14.93 25.77 -8.14
H8 8IJ I . -14.38 27.84 -7.60
H10 8IJ I . -12.02 28.35 -7.23
H17B 8IJ I . -14.48 20.52 -7.78
H17A 8IJ I . -16.14 21.01 -8.21
H24A 8IJ I . -12.94 16.46 -12.68
H24B 8IJ I . -11.34 16.84 -12.01
H26A 8IJ I . -14.05 18.11 -13.93
H26B 8IJ I . -13.16 19.17 -15.03
H28A 8IJ I . -14.18 16.61 -17.42
H28B 8IJ I . -14.98 17.85 -16.43
H12 8IJ I . -10.37 26.54 -7.95
H14 8IJ I . -12.01 26.06 -10.35
H18 8IJ I . -14.89 19.50 -10.33
H19B 8IJ I . -15.02 17.28 -8.97
H19A 8IJ I . -14.77 18.34 -7.56
H23B 8IJ I . -12.32 19.12 -11.34
H23A 8IJ I . -13.90 18.44 -11.76
H25A 8IJ I . -11.56 19.05 -13.39
H25B 8IJ I . -11.13 17.55 -14.24
H27B 8IJ I . -12.15 16.90 -15.93
H27A 8IJ I . -13.56 16.19 -15.15
H29A 8IJ I . -13.84 18.71 -18.54
H29B 8IJ I . -12.29 18.29 -17.78
H43A 8IJ I . -18.23 17.16 -7.16
H43B 8IJ I . -16.51 16.97 -7.51
H11 8IJ I . -13.26 26.59 -6.08
H13 8IJ I . -9.98 28.19 -9.16
H7 8IJ I . -15.23 26.91 -10.08
H9 8IJ I . -13.83 29.16 -9.16
H44B 8IJ I . -18.88 15.98 -8.95
H44A 8IJ I . -17.72 16.81 -10.01
H45B 8IJ I . -15.95 15.35 -8.71
H45A 8IJ I . -17.36 14.35 -8.33
H46B 8IJ I . -17.65 14.87 -11.04
H46A 8IJ I . -17.12 13.35 -10.30
H47A 8IJ I . -15.62 15.12 -11.96
H47B 8IJ I . -14.90 15.18 -10.36
H48B 8IJ I . -13.78 13.34 -11.13
H48A 8IJ I . -15.25 12.51 -10.56
H49B 8IJ I . -15.48 13.62 -13.29
H49A 8IJ I . -14.23 12.38 -13.14
H50A 8IJ I . -17.19 12.16 -12.81
H50B 8IJ I . -16.18 11.11 -11.82
H51B 8IJ I . -15.72 11.40 -14.80
H51A 8IJ I . -15.15 10.11 -13.72
H52B 8IJ I . -17.45 9.33 -13.42
H52A 8IJ I . -18.07 10.66 -14.40
H53B 8IJ I . -16.80 9.81 -16.34
H53A 8IJ I . -16.19 8.47 -15.35
H54A 8IJ I . -18.59 7.83 -14.91
H54B 8IJ I . -19.09 9.05 -16.09
H55B 8IJ I . -17.30 6.65 -16.64
H55A 8IJ I . -18.98 6.86 -17.17
H15 8IJ I . -11.11 23.92 -9.81
OAA NKN J . -13.57 0.57 21.74
OAB NKN J . -13.74 -0.62 23.71
PAC NKN J . -12.84 -0.36 22.60
OAD NKN J . -11.76 0.43 23.17
OAE NKN J . -16.20 -3.93 17.52
OAF NKN J . -12.34 -1.72 21.82
CAG NKN J . -13.29 -2.54 21.22
CAH NKN J . -13.19 -2.40 19.71
CAI NKN J . -14.55 -2.45 19.06
OAJ NKN J . -14.37 -2.63 17.69
CAK NKN J . -15.46 -3.15 17.00
CAL NKN J . -15.70 -2.73 15.56
CAM NKN J . -16.24 -3.94 14.83
CAN NKN J . -17.76 -3.95 14.92
CAO NKN J . -18.23 -5.38 14.72
CAP NKN J . -17.52 -5.95 13.51
CAQ NKN J . -18.31 -7.14 12.99
CAR NKN J . -18.27 -8.25 14.03
CAS NKN J . -19.70 -8.55 14.47
CAT NKN J . -20.56 -8.99 13.28
CAU NKN J . -21.84 -8.19 13.23
CAV NKN J . -22.09 -7.75 11.80
CAW NKN J . -22.95 -6.49 11.79
CAX NKN J . -24.15 -6.67 12.70
OAY NKN J . -12.64 -1.15 19.38
HAG NKN J . -14.29 -2.23 21.53
HAGA NKN J . -13.13 -3.57 21.52
HAH NKN J . -12.57 -3.19 19.31
HAI NKN J . -15.14 -3.25 19.49
HAIA NKN J . -15.06 -1.50 19.23
HAL NKN J . -14.76 -2.41 15.11
HALA NKN J . -16.42 -1.93 15.53
HAM NKN J . -15.85 -4.84 15.28
HAMA NKN J . -15.94 -3.91 13.79
HAN NKN J . -18.18 -3.31 14.15
HANA NKN J . -18.07 -3.59 15.90
HAO NKN J . -19.31 -5.39 14.56
HAOA NKN J . -18.00 -5.96 15.60
HAP NKN J . -16.53 -6.29 13.80
HAPA NKN J . -17.44 -5.20 12.74
HAQ NKN J . -17.85 -7.50 12.07
HAQA NKN J . -19.32 -6.84 12.79
HAR NKN J . -17.68 -7.95 14.89
HARA NKN J . -17.84 -9.14 13.59
HAS NKN J . -19.70 -9.33 15.22
HAT NKN J . -20.79 -10.05 13.37
HAU NKN J . -21.74 -7.30 13.86
HAUA NKN J . -22.68 -8.80 13.59
HAV NKN J . -22.61 -8.54 11.27
HAVA NKN J . -21.14 -7.56 11.31
HAW NKN J . -23.28 -6.30 10.78
HAWA NKN J . -22.35 -5.66 12.14
HAX NKN J . -24.86 -5.88 12.54
HAXA NKN J . -24.61 -7.63 12.49
HAXB NKN J . -23.83 -6.65 13.74
HOAY NKN J . -13.15 -0.48 19.82
#